data_3ZQ4
#
_entry.id   3ZQ4
#
_cell.length_a   177.823
_cell.length_b   209.430
_cell.length_c   74.106
_cell.angle_alpha   90.00
_cell.angle_beta   90.00
_cell.angle_gamma   90.00
#
_symmetry.space_group_name_H-M   'P 21 21 2'
#
loop_
_entity.id
_entity.type
_entity.pdbx_description
1 polymer 'RIBONUCLEASE J 1'
2 non-polymer 'ZINC ION'
3 non-polymer 'CALCIUM ION'
#
_entity_poly.entity_id   1
_entity_poly.type   'polypeptide(L)'
_entity_poly.pdbx_seq_one_letter_code
;MKFVKNDQTAVFALGGLGEIGKNTYAVQFQDEIVLIDAGIKFPEDELLGIDYVIPDYTYLVKNEDKIKGLFITHGHEDHI
GGIPYLLRQVNIPVYGGKLAIGLLRNKLEEHGLLRQTKLNIIGEDDIVKFRKTAVSFFRTTHSIPDSYGIVVKTPPGNIV
HTGDFKFDFTPVGEPANLTKMAEIGKEGVLCLLSDSTNSENPEFTMSERRVGESIHDIFRKVDGRIIFATFASNIHRLQQ
VIEAAVQNGRKVAVFGRSMESAIEIGQTLGYINCPKNTFIEHNEINRMPANKVTILCTGSQGEPMAALSRIANGTHRQIS
INPGDTVVFSSSPIPGNTISVSRTINQLYRAGAEVIHGPLNDIHTSGHGGQEEQKLMLRLIKPKFFMPIHGEYRMQKMHV
KLATDCGIPEENCFIMDNGEVLALKGDEASVAGKIPSGSVYIDGSGIGDIGNIVLRDRRILSEEGLVIVVVSIDMDDFKI
SAGPDLISRGFVYMRESGDLINDAQELISNHLQKVMERKTTQWSEIKNEITDTLAPFLYEKTKRRPMILPIIMEV
;
_entity_poly.pdbx_strand_id   A,C,D,E
#
loop_
_chem_comp.id
_chem_comp.type
_chem_comp.name
_chem_comp.formula
CA non-polymer 'CALCIUM ION' 'Ca 2'
ZN non-polymer 'ZINC ION' 'Zn 2'
#
# COMPACT_ATOMS: atom_id res chain seq x y z
N ASN A 6 -19.05 -4.93 49.24
CA ASN A 6 -19.61 -5.74 48.16
C ASN A 6 -19.08 -7.20 48.24
N ASP A 7 -19.61 -8.06 47.39
CA ASP A 7 -19.00 -9.37 47.24
C ASP A 7 -18.42 -9.41 45.84
N GLN A 8 -18.08 -8.23 45.35
CA GLN A 8 -17.55 -8.06 44.01
C GLN A 8 -16.15 -7.46 44.12
N THR A 9 -15.44 -7.42 42.98
CA THR A 9 -14.15 -6.76 42.91
C THR A 9 -14.28 -5.42 42.19
N ALA A 10 -13.50 -4.44 42.62
CA ALA A 10 -13.50 -3.14 41.97
C ALA A 10 -12.25 -2.95 41.12
N VAL A 11 -12.42 -2.17 40.06
CA VAL A 11 -11.34 -1.92 39.14
C VAL A 11 -11.50 -0.47 38.69
N PHE A 12 -10.39 0.27 38.63
CA PHE A 12 -10.46 1.70 38.28
C PHE A 12 -9.11 2.27 37.89
N ALA A 13 -9.13 3.46 37.29
CA ALA A 13 -7.91 4.16 36.90
C ALA A 13 -7.86 5.52 37.57
N LEU A 14 -6.67 5.92 38.03
CA LEU A 14 -6.49 7.24 38.61
C LEU A 14 -5.92 8.18 37.55
N GLY A 15 -5.52 7.56 36.44
CA GLY A 15 -5.05 8.27 35.27
C GLY A 15 -4.68 7.24 34.23
N GLY A 16 -4.72 7.63 32.97
CA GLY A 16 -4.41 6.71 31.89
C GLY A 16 -5.57 6.44 30.96
N LEU A 17 -6.76 6.92 31.30
CA LEU A 17 -7.93 6.73 30.47
C LEU A 17 -8.35 8.05 29.88
N GLY A 18 -8.60 8.07 28.58
CA GLY A 18 -9.07 9.27 27.92
C GLY A 18 -7.86 10.08 27.54
N GLU A 19 -6.70 9.45 27.69
CA GLU A 19 -5.41 10.10 27.51
C GLU A 19 -4.31 9.05 27.31
N ILE A 20 -3.19 9.50 26.75
CA ILE A 20 -1.96 8.72 26.81
C ILE A 20 -1.08 9.35 27.89
N GLY A 21 -0.89 8.65 29.00
CA GLY A 21 -0.03 9.13 30.08
C GLY A 21 -0.60 8.91 31.47
N LYS A 22 0.22 9.10 32.50
CA LYS A 22 -0.28 9.06 33.87
C LYS A 22 -0.76 7.67 34.26
N ASN A 23 -0.49 6.67 33.44
CA ASN A 23 -1.13 5.39 33.67
C ASN A 23 -0.95 4.89 35.09
N THR A 24 -2.00 5.03 35.91
CA THR A 24 -2.01 4.39 37.24
C THR A 24 -3.37 3.68 37.43
N TYR A 25 -3.34 2.37 37.60
CA TYR A 25 -4.56 1.58 37.69
C TYR A 25 -4.61 0.85 39.01
N ALA A 26 -5.82 0.51 39.44
CA ALA A 26 -6.00 -0.18 40.71
C ALA A 26 -7.07 -1.25 40.63
N VAL A 27 -6.83 -2.36 41.32
CA VAL A 27 -7.87 -3.34 41.60
C VAL A 27 -8.03 -3.52 43.11
N GLN A 28 -9.26 -3.38 43.60
CA GLN A 28 -9.53 -3.42 45.03
C GLN A 28 -10.63 -4.41 45.42
N PHE A 29 -10.33 -5.27 46.37
CA PHE A 29 -11.30 -6.22 46.89
C PHE A 29 -11.36 -6.13 48.41
N GLN A 30 -12.47 -5.59 48.93
CA GLN A 30 -12.59 -5.37 50.36
C GLN A 30 -11.45 -4.50 50.89
N ASP A 31 -10.72 -4.99 51.90
CA ASP A 31 -9.70 -4.18 52.56
C ASP A 31 -8.31 -4.26 51.91
N GLU A 32 -8.19 -5.04 50.84
CA GLU A 32 -6.94 -5.14 50.09
C GLU A 32 -7.06 -4.42 48.74
N ILE A 33 -5.97 -3.79 48.31
CA ILE A 33 -6.01 -3.03 47.06
C ILE A 33 -4.63 -3.01 46.38
N VAL A 34 -4.59 -3.56 45.16
CA VAL A 34 -3.37 -3.70 44.39
C VAL A 34 -3.25 -2.60 43.34
N LEU A 35 -2.14 -1.86 43.33
CA LEU A 35 -1.92 -0.84 42.30
C LEU A 35 -1.11 -1.39 41.13
N ILE A 36 -1.48 -1.00 39.92
CA ILE A 36 -0.67 -1.33 38.76
C ILE A 36 -0.21 -0.07 38.05
N ASP A 37 1.11 0.12 37.98
CA ASP A 37 1.74 1.31 37.38
C ASP A 37 1.39 2.62 38.10
N ALA A 38 2.29 3.59 38.05
CA ALA A 38 1.98 4.92 38.58
C ALA A 38 2.68 6.04 37.80
N GLY A 39 2.49 6.04 36.48
CA GLY A 39 3.25 6.91 35.60
C GLY A 39 3.01 8.40 35.67
N ILE A 40 3.73 9.12 34.82
CA ILE A 40 3.71 10.57 34.73
C ILE A 40 3.20 10.90 33.36
N LYS A 41 2.88 12.16 33.12
CA LYS A 41 2.41 12.59 31.80
C LYS A 41 3.02 13.91 31.40
N PHE A 42 3.32 14.07 30.12
CA PHE A 42 3.92 15.30 29.68
C PHE A 42 2.83 16.28 29.28
N PRO A 43 3.00 17.56 29.65
CA PRO A 43 2.00 18.62 29.49
C PRO A 43 1.72 18.88 28.04
N GLU A 44 0.45 18.96 27.64
CA GLU A 44 0.17 19.45 26.30
C GLU A 44 0.54 20.92 26.31
N ASP A 45 0.92 21.43 25.15
CA ASP A 45 1.32 22.82 24.98
C ASP A 45 0.50 23.85 25.80
N GLU A 46 -0.80 23.63 25.93
CA GLU A 46 -1.70 24.63 26.54
C GLU A 46 -1.46 24.86 28.05
N LEU A 47 -0.71 23.98 28.69
CA LEU A 47 -0.43 24.12 30.12
C LEU A 47 0.87 24.89 30.35
N LEU A 48 0.81 26.22 30.20
CA LEU A 48 1.98 27.03 29.90
C LEU A 48 3.28 26.75 30.67
N GLY A 49 3.26 26.78 31.99
CA GLY A 49 4.53 26.75 32.68
C GLY A 49 5.01 25.36 32.96
N ILE A 50 4.04 24.45 32.98
CA ILE A 50 4.17 23.11 33.57
C ILE A 50 5.32 22.26 33.05
N ASP A 51 5.83 21.41 33.94
CA ASP A 51 6.87 20.46 33.59
C ASP A 51 6.29 19.06 33.38
N TYR A 52 5.50 18.60 34.34
CA TYR A 52 4.84 17.27 34.30
C TYR A 52 3.42 17.31 34.85
N VAL A 53 2.59 16.34 34.46
CA VAL A 53 1.29 16.15 35.07
C VAL A 53 1.24 14.80 35.75
N ILE A 54 0.42 14.72 36.79
CA ILE A 54 0.44 13.61 37.73
C ILE A 54 -0.99 13.41 38.21
N PRO A 55 -1.37 12.18 38.52
CA PRO A 55 -2.73 11.96 39.04
C PRO A 55 -2.97 12.49 40.47
N ASP A 56 -4.23 12.77 40.79
CA ASP A 56 -4.64 13.11 42.14
C ASP A 56 -4.76 11.84 42.99
N TYR A 57 -3.85 11.66 43.94
CA TYR A 57 -3.82 10.44 44.74
C TYR A 57 -4.69 10.48 46.02
N THR A 58 -5.56 11.46 46.16
CA THR A 58 -6.28 11.60 47.44
C THR A 58 -6.94 10.31 47.89
N TYR A 59 -7.53 9.57 46.96
CA TYR A 59 -8.10 8.28 47.36
C TYR A 59 -7.03 7.33 47.94
N LEU A 60 -5.90 7.20 47.25
CA LEU A 60 -4.83 6.34 47.73
C LEU A 60 -4.35 6.76 49.12
N VAL A 61 -4.39 8.07 49.36
CA VAL A 61 -3.94 8.58 50.64
C VAL A 61 -4.92 8.21 51.74
N LYS A 62 -6.19 8.59 51.57
CA LYS A 62 -7.26 8.24 52.50
C LYS A 62 -7.39 6.74 52.78
N ASN A 63 -6.57 5.93 52.11
CA ASN A 63 -6.69 4.47 52.20
C ASN A 63 -5.35 3.75 52.26
N GLU A 64 -4.28 4.50 52.54
CA GLU A 64 -2.94 3.94 52.50
C GLU A 64 -2.81 2.57 53.19
N ASP A 65 -3.42 2.43 54.37
CA ASP A 65 -3.34 1.19 55.12
C ASP A 65 -3.70 -0.03 54.26
N LYS A 66 -4.68 0.13 53.37
CA LYS A 66 -5.15 -0.99 52.54
C LYS A 66 -4.24 -1.37 51.37
N ILE A 67 -3.59 -0.39 50.77
CA ILE A 67 -2.69 -0.64 49.64
C ILE A 67 -1.69 -1.74 49.97
N LYS A 68 -1.80 -2.86 49.26
CA LYS A 68 -0.96 -4.01 49.54
C LYS A 68 0.33 -4.03 48.72
N GLY A 69 0.37 -3.23 47.66
CA GLY A 69 1.54 -3.13 46.81
C GLY A 69 1.33 -2.35 45.51
N LEU A 70 2.43 -1.89 44.91
CA LEU A 70 2.43 -1.25 43.61
C LEU A 70 3.24 -2.12 42.66
N PHE A 71 2.61 -2.56 41.56
CA PHE A 71 3.31 -3.42 40.61
C PHE A 71 3.56 -2.69 39.31
N ILE A 72 4.67 -3.02 38.64
CA ILE A 72 5.15 -2.27 37.47
C ILE A 72 5.28 -3.12 36.19
N THR A 73 4.41 -2.89 35.26
CA THR A 73 4.47 -3.59 34.01
C THR A 73 5.79 -3.33 33.36
N HIS A 74 5.97 -2.17 32.78
CA HIS A 74 7.24 -1.89 32.17
C HIS A 74 7.71 -0.57 32.67
N GLY A 75 8.88 -0.16 32.22
CA GLY A 75 9.60 0.94 32.81
C GLY A 75 9.64 2.22 32.04
N HIS A 76 8.62 2.47 31.27
CA HIS A 76 8.46 3.70 30.52
C HIS A 76 8.03 4.79 31.47
N GLU A 77 8.36 6.04 31.13
CA GLU A 77 8.05 7.14 32.02
C GLU A 77 6.56 7.26 32.30
N ASP A 78 5.72 6.99 31.30
CA ASP A 78 4.27 7.06 31.46
C ASP A 78 3.73 5.87 32.24
N HIS A 79 4.63 5.12 32.88
CA HIS A 79 4.24 4.03 33.75
C HIS A 79 4.97 4.03 35.10
N ILE A 80 6.19 4.55 35.09
CA ILE A 80 7.09 4.49 36.23
C ILE A 80 7.37 5.89 36.81
N GLY A 81 7.13 6.91 35.99
CA GLY A 81 7.61 8.25 36.28
C GLY A 81 6.96 9.03 37.40
N GLY A 82 5.73 8.67 37.76
CA GLY A 82 5.03 9.42 38.79
C GLY A 82 5.27 8.79 40.15
N ILE A 83 6.09 7.75 40.20
CA ILE A 83 6.30 7.01 41.44
C ILE A 83 6.98 7.81 42.55
N PRO A 84 8.05 8.57 42.21
CA PRO A 84 8.61 9.45 43.22
C PRO A 84 7.54 10.35 43.83
N TYR A 85 6.64 10.89 43.02
CA TYR A 85 5.64 11.78 43.56
C TYR A 85 4.60 11.06 44.42
N LEU A 86 4.31 9.80 44.08
CA LEU A 86 3.32 9.04 44.84
C LEU A 86 3.91 8.67 46.19
N LEU A 87 5.19 8.33 46.17
CA LEU A 87 5.86 7.86 47.38
C LEU A 87 6.09 8.97 48.40
N ARG A 88 6.01 10.23 47.97
CA ARG A 88 6.04 11.34 48.92
C ARG A 88 4.77 11.39 49.80
N GLN A 89 3.67 10.84 49.29
CA GLN A 89 2.38 10.88 50.00
C GLN A 89 1.92 9.55 50.59
N VAL A 90 2.56 8.44 50.21
CA VAL A 90 2.33 7.14 50.86
C VAL A 90 3.58 6.29 50.80
N ASN A 91 3.82 5.48 51.82
CA ASN A 91 4.93 4.55 51.74
C ASN A 91 4.45 3.12 51.62
N ILE A 92 4.58 2.61 50.40
CA ILE A 92 4.09 1.28 50.02
C ILE A 92 5.22 0.49 49.36
N PRO A 93 5.10 -0.85 49.36
CA PRO A 93 6.12 -1.67 48.71
C PRO A 93 5.96 -1.67 47.20
N VAL A 94 7.05 -1.65 46.47
CA VAL A 94 6.98 -1.68 45.01
C VAL A 94 7.56 -2.96 44.40
N TYR A 95 6.85 -3.59 43.47
CA TYR A 95 7.37 -4.76 42.78
C TYR A 95 7.46 -4.52 41.27
N GLY A 96 8.48 -5.06 40.65
CA GLY A 96 8.63 -4.94 39.20
C GLY A 96 9.72 -5.84 38.67
N GLY A 97 9.86 -5.88 37.36
CA GLY A 97 10.95 -6.63 36.74
C GLY A 97 12.30 -5.95 37.00
N LYS A 98 13.38 -6.66 36.68
CA LYS A 98 14.71 -6.14 36.92
C LYS A 98 15.00 -4.79 36.23
N LEU A 99 14.46 -4.58 35.03
CA LEU A 99 14.76 -3.33 34.32
C LEU A 99 14.00 -2.17 34.91
N ALA A 100 12.75 -2.42 35.28
CA ALA A 100 11.91 -1.34 35.78
C ALA A 100 12.42 -0.87 37.13
N ILE A 101 12.69 -1.82 38.01
CA ILE A 101 13.20 -1.50 39.32
C ILE A 101 14.54 -0.79 39.16
N GLY A 102 15.37 -1.28 38.24
CA GLY A 102 16.64 -0.65 37.93
C GLY A 102 16.49 0.82 37.60
N LEU A 103 15.53 1.15 36.75
CA LEU A 103 15.37 2.52 36.29
C LEU A 103 14.76 3.39 37.37
N LEU A 104 13.92 2.80 38.21
CA LEU A 104 13.25 3.52 39.29
C LEU A 104 14.26 3.80 40.41
N ARG A 105 15.21 2.88 40.59
CA ARG A 105 16.29 3.08 41.57
C ARG A 105 17.03 4.37 41.26
N ASN A 106 17.57 4.47 40.05
CA ASN A 106 18.23 5.69 39.61
C ASN A 106 17.35 6.91 39.85
N LYS A 107 16.05 6.75 39.60
CA LYS A 107 15.11 7.86 39.70
C LYS A 107 14.97 8.30 41.14
N LEU A 108 14.87 7.33 42.04
CA LEU A 108 14.65 7.61 43.46
C LEU A 108 15.88 8.22 44.15
N GLU A 109 17.05 8.10 43.54
CA GLU A 109 18.24 8.79 44.06
C GLU A 109 18.08 10.28 43.84
N GLU A 110 17.84 10.67 42.60
CA GLU A 110 17.61 12.08 42.26
C GLU A 110 16.58 12.73 43.16
N HIS A 111 15.71 11.94 43.77
CA HIS A 111 14.63 12.46 44.61
C HIS A 111 14.90 12.26 46.11
N GLY A 112 15.85 11.39 46.43
CA GLY A 112 16.22 11.14 47.82
C GLY A 112 15.51 9.97 48.48
N LEU A 113 14.36 9.59 47.93
CA LEU A 113 13.47 8.64 48.60
C LEU A 113 13.93 7.19 48.46
N LEU A 114 15.14 7.00 47.95
CA LEU A 114 15.65 5.64 47.76
C LEU A 114 15.85 4.91 49.08
N ARG A 115 16.40 5.62 50.06
CA ARG A 115 16.68 5.02 51.36
C ARG A 115 15.45 4.33 51.98
N GLN A 116 14.30 4.99 51.91
CA GLN A 116 13.15 4.57 52.70
C GLN A 116 12.03 3.85 51.96
N THR A 117 12.31 3.33 50.76
CA THR A 117 11.29 2.56 50.04
C THR A 117 11.73 1.11 49.77
N LYS A 118 10.76 0.20 49.78
CA LYS A 118 11.04 -1.22 49.66
C LYS A 118 10.93 -1.66 48.21
N LEU A 119 12.05 -1.75 47.52
CA LEU A 119 12.02 -2.15 46.12
C LEU A 119 12.12 -3.66 45.97
N ASN A 120 11.14 -4.24 45.32
CA ASN A 120 11.12 -5.66 45.04
C ASN A 120 11.29 -6.01 43.56
N ILE A 121 12.14 -7.00 43.28
CA ILE A 121 12.31 -7.46 41.91
C ILE A 121 11.68 -8.83 41.72
N ILE A 122 10.73 -8.90 40.80
CA ILE A 122 10.09 -10.16 40.49
C ILE A 122 10.45 -10.67 39.09
N GLY A 123 10.02 -11.88 38.77
CA GLY A 123 10.25 -12.49 37.47
C GLY A 123 9.03 -13.28 37.02
N GLU A 124 9.09 -13.85 35.82
CA GLU A 124 7.98 -14.63 35.26
C GLU A 124 7.22 -15.43 36.31
N ASP A 125 7.97 -16.15 37.14
CA ASP A 125 7.40 -17.24 37.92
C ASP A 125 7.02 -16.91 39.35
N ASP A 126 7.14 -15.65 39.73
CA ASP A 126 6.84 -15.24 41.11
C ASP A 126 5.34 -15.04 41.32
N ILE A 127 4.86 -15.46 42.49
CA ILE A 127 3.52 -15.13 42.92
C ILE A 127 3.62 -14.43 44.25
N VAL A 128 2.98 -13.27 44.37
CA VAL A 128 2.96 -12.59 45.66
C VAL A 128 1.56 -12.66 46.23
N LYS A 129 1.44 -13.33 47.39
CA LYS A 129 0.13 -13.56 47.99
C LYS A 129 -0.16 -12.62 49.15
N PHE A 130 -1.44 -12.27 49.28
CA PHE A 130 -1.93 -11.47 50.39
C PHE A 130 -3.11 -12.21 50.98
N ARG A 131 -3.72 -11.67 52.04
CA ARG A 131 -4.85 -12.35 52.68
C ARG A 131 -5.79 -12.97 51.65
N LYS A 132 -6.52 -12.10 50.94
CA LYS A 132 -7.53 -12.56 50.00
C LYS A 132 -7.27 -12.07 48.58
N THR A 133 -6.04 -12.22 48.11
CA THR A 133 -5.64 -11.60 46.86
C THR A 133 -4.21 -12.00 46.48
N ALA A 134 -3.99 -12.39 45.24
CA ALA A 134 -2.68 -12.85 44.81
C ALA A 134 -2.29 -12.28 43.45
N VAL A 135 -1.00 -12.01 43.26
CA VAL A 135 -0.54 -11.37 42.03
C VAL A 135 0.51 -12.19 41.26
N SER A 136 0.18 -12.52 40.01
CA SER A 136 1.09 -13.28 39.13
C SER A 136 1.45 -12.50 37.86
N PHE A 137 2.37 -13.05 37.06
CA PHE A 137 2.94 -12.31 35.94
C PHE A 137 3.11 -13.16 34.69
N PHE A 138 3.06 -12.52 33.54
CA PHE A 138 3.31 -13.16 32.25
C PHE A 138 4.02 -12.20 31.30
N ARG A 139 5.04 -12.70 30.63
CA ARG A 139 5.87 -11.85 29.78
C ARG A 139 5.15 -11.40 28.51
N THR A 140 5.30 -10.11 28.18
CA THR A 140 4.77 -9.56 26.91
C THR A 140 5.87 -8.91 26.07
N THR A 141 5.54 -8.45 24.87
CA THR A 141 6.47 -7.67 24.06
C THR A 141 6.01 -6.20 23.89
N HIS A 142 6.98 -5.28 23.91
CA HIS A 142 6.69 -3.84 23.89
C HIS A 142 7.95 -3.12 23.44
N SER A 143 7.93 -1.79 23.39
CA SER A 143 9.08 -1.05 22.87
C SER A 143 10.20 -0.84 23.90
N ILE A 144 10.12 -1.60 24.99
CA ILE A 144 11.15 -1.61 26.03
C ILE A 144 11.31 -3.02 26.56
N PRO A 145 12.53 -3.39 27.00
CA PRO A 145 12.71 -4.76 27.47
C PRO A 145 12.01 -5.07 28.78
N ASP A 146 11.82 -6.36 29.01
CA ASP A 146 11.45 -6.88 30.32
C ASP A 146 10.06 -6.44 30.76
N SER A 147 9.09 -6.54 29.85
CA SER A 147 7.74 -6.10 30.13
C SER A 147 6.79 -7.24 30.50
N TYR A 148 6.02 -7.03 31.55
CA TYR A 148 5.08 -8.02 32.05
C TYR A 148 3.63 -7.52 31.97
N GLY A 149 2.73 -8.50 31.88
CA GLY A 149 1.31 -8.29 32.07
C GLY A 149 1.05 -8.84 33.45
N ILE A 150 -0.15 -8.63 33.99
CA ILE A 150 -0.39 -8.95 35.40
C ILE A 150 -1.74 -9.61 35.59
N VAL A 151 -1.77 -10.60 36.49
CA VAL A 151 -3.01 -11.27 36.86
C VAL A 151 -3.25 -11.10 38.34
N VAL A 152 -4.29 -10.35 38.69
CA VAL A 152 -4.65 -10.18 40.09
C VAL A 152 -5.80 -11.12 40.42
N LYS A 153 -5.51 -12.14 41.21
CA LYS A 153 -6.55 -13.09 41.63
C LYS A 153 -7.26 -12.57 42.86
N THR A 154 -8.58 -12.58 42.78
CA THR A 154 -9.43 -12.22 43.89
C THR A 154 -10.57 -13.23 43.94
N PRO A 155 -11.19 -13.40 45.12
CA PRO A 155 -12.33 -14.33 45.25
C PRO A 155 -13.34 -14.24 44.11
N PRO A 156 -13.93 -13.06 43.87
CA PRO A 156 -14.99 -12.96 42.86
C PRO A 156 -14.56 -13.36 41.43
N GLY A 157 -13.26 -13.55 41.22
CA GLY A 157 -12.71 -13.89 39.92
C GLY A 157 -11.36 -13.24 39.63
N ASN A 158 -10.79 -13.52 38.47
CA ASN A 158 -9.46 -13.01 38.14
C ASN A 158 -9.46 -11.80 37.23
N ILE A 159 -8.64 -10.81 37.56
CA ILE A 159 -8.47 -9.61 36.75
C ILE A 159 -7.15 -9.64 35.99
N VAL A 160 -7.17 -9.29 34.72
CA VAL A 160 -5.95 -9.32 33.92
C VAL A 160 -5.61 -7.95 33.31
N HIS A 161 -4.36 -7.55 33.48
CA HIS A 161 -3.85 -6.27 32.97
C HIS A 161 -2.75 -6.58 31.93
N THR A 162 -2.95 -6.15 30.70
CA THR A 162 -2.05 -6.52 29.61
C THR A 162 -0.74 -5.75 29.67
N GLY A 163 -0.64 -4.76 30.54
CA GLY A 163 0.45 -3.83 30.45
C GLY A 163 0.34 -3.20 29.07
N ASP A 164 1.47 -2.78 28.52
CA ASP A 164 1.49 -2.29 27.15
C ASP A 164 2.03 -3.43 26.34
N PHE A 165 1.41 -3.72 25.20
CA PHE A 165 1.82 -4.92 24.45
C PHE A 165 1.64 -4.84 22.94
N LYS A 166 2.52 -5.53 22.24
CA LYS A 166 2.27 -5.91 20.86
C LYS A 166 2.50 -7.40 20.75
N PHE A 167 2.41 -7.91 19.53
CA PHE A 167 2.88 -9.27 19.29
C PHE A 167 4.03 -9.26 18.31
N ASP A 168 5.09 -9.99 18.67
CA ASP A 168 6.26 -10.12 17.83
C ASP A 168 6.70 -11.56 17.94
N PHE A 169 6.66 -12.26 16.80
CA PHE A 169 6.95 -13.68 16.82
C PHE A 169 8.42 -13.91 16.53
N THR A 170 9.13 -12.82 16.27
CA THR A 170 10.56 -12.86 16.03
C THR A 170 11.18 -11.68 16.76
N PRO A 171 11.03 -11.64 18.08
CA PRO A 171 11.44 -10.51 18.90
C PRO A 171 12.95 -10.51 19.11
N VAL A 172 13.50 -9.39 19.54
CA VAL A 172 14.92 -9.31 19.91
C VAL A 172 15.13 -9.90 21.30
N GLY A 173 14.16 -9.69 22.19
CA GLY A 173 14.24 -10.19 23.55
C GLY A 173 13.57 -11.54 23.77
N GLU A 174 13.17 -11.80 25.02
CA GLU A 174 12.45 -13.03 25.36
C GLU A 174 11.02 -13.00 24.83
N PRO A 175 10.63 -14.04 24.12
CA PRO A 175 9.35 -14.08 23.42
C PRO A 175 8.20 -14.00 24.40
N ALA A 176 7.15 -13.26 24.04
CA ALA A 176 5.95 -13.15 24.87
C ALA A 176 5.42 -14.54 25.21
N ASN A 177 4.96 -14.72 26.45
CA ASN A 177 4.53 -16.05 26.89
C ASN A 177 3.09 -16.38 26.48
N LEU A 178 2.93 -16.85 25.24
CA LEU A 178 1.61 -17.15 24.70
C LEU A 178 1.04 -18.31 25.43
N THR A 179 1.88 -19.29 25.73
CA THR A 179 1.39 -20.49 26.40
C THR A 179 0.69 -20.08 27.69
N LYS A 180 1.36 -19.23 28.47
CA LYS A 180 0.83 -18.81 29.76
C LYS A 180 -0.39 -17.92 29.65
N MET A 181 -0.46 -17.10 28.61
CA MET A 181 -1.66 -16.30 28.38
C MET A 181 -2.88 -17.19 28.13
N ALA A 182 -2.68 -18.25 27.34
CA ALA A 182 -3.75 -19.19 27.01
C ALA A 182 -4.27 -19.88 28.24
N GLU A 183 -3.35 -20.35 29.09
CA GLU A 183 -3.68 -20.93 30.39
C GLU A 183 -4.50 -19.97 31.24
N ILE A 184 -4.09 -18.70 31.29
CA ILE A 184 -4.76 -17.70 32.12
C ILE A 184 -6.22 -17.58 31.74
N GLY A 185 -6.50 -17.68 30.45
CA GLY A 185 -7.85 -17.56 29.94
C GLY A 185 -8.68 -18.80 30.29
N LYS A 186 -8.04 -19.96 30.15
CA LYS A 186 -8.65 -21.24 30.49
C LYS A 186 -9.05 -21.26 31.95
N GLU A 187 -8.09 -20.91 32.81
CA GLU A 187 -8.32 -20.83 34.26
C GLU A 187 -9.48 -19.93 34.63
N GLY A 188 -9.89 -19.07 33.70
CA GLY A 188 -11.03 -18.18 33.89
C GLY A 188 -10.60 -16.76 34.18
N VAL A 189 -11.27 -15.81 33.54
CA VAL A 189 -10.94 -14.40 33.70
C VAL A 189 -12.17 -13.52 33.82
N LEU A 190 -12.31 -12.88 34.96
CA LEU A 190 -13.46 -12.03 35.23
C LEU A 190 -13.44 -10.76 34.38
N CYS A 191 -12.28 -10.12 34.28
CA CYS A 191 -12.18 -8.87 33.53
C CYS A 191 -10.78 -8.67 32.97
N LEU A 192 -10.72 -8.10 31.76
CA LEU A 192 -9.46 -7.79 31.09
C LEU A 192 -9.26 -6.28 30.91
N LEU A 193 -8.13 -5.75 31.37
CA LEU A 193 -7.78 -4.38 31.03
C LEU A 193 -6.72 -4.44 29.93
N SER A 194 -7.09 -4.04 28.72
CA SER A 194 -6.21 -4.21 27.57
C SER A 194 -5.79 -2.88 26.97
N ASP A 195 -4.52 -2.81 26.56
CA ASP A 195 -3.89 -1.64 25.94
C ASP A 195 -4.60 -1.21 24.64
N SER A 196 -5.19 -0.02 24.63
CA SER A 196 -5.97 0.44 23.48
C SER A 196 -5.22 1.32 22.49
N THR A 197 -3.97 1.65 22.77
CA THR A 197 -3.32 2.77 22.09
C THR A 197 -3.33 2.67 20.56
N ASN A 198 -3.07 1.50 20.01
CA ASN A 198 -2.95 1.40 18.56
C ASN A 198 -4.18 0.78 17.87
N SER A 199 -5.32 0.86 18.53
CA SER A 199 -6.49 0.13 18.11
C SER A 199 -7.10 0.65 16.82
N GLU A 200 -6.66 1.81 16.35
CA GLU A 200 -7.24 2.38 15.13
C GLU A 200 -6.55 1.82 13.89
N ASN A 201 -5.47 1.07 14.10
CA ASN A 201 -4.68 0.55 12.99
C ASN A 201 -4.91 -0.94 12.81
N PRO A 202 -5.41 -1.31 11.64
CA PRO A 202 -5.83 -2.65 11.24
C PRO A 202 -4.68 -3.57 10.97
N GLU A 203 -3.53 -3.00 10.65
CA GLU A 203 -2.37 -3.75 10.22
C GLU A 203 -1.69 -4.49 11.36
N PHE A 204 -0.89 -5.48 11.01
CA PHE A 204 -0.12 -6.21 12.00
C PHE A 204 1.26 -5.56 12.15
N THR A 205 1.65 -5.32 13.40
CA THR A 205 2.86 -4.59 13.71
C THR A 205 4.08 -5.28 13.15
N MET A 206 4.90 -4.53 12.42
CA MET A 206 6.18 -5.03 11.92
C MET A 206 7.11 -5.40 13.07
N SER A 207 7.87 -6.48 12.89
CA SER A 207 8.70 -7.01 13.97
C SER A 207 9.98 -6.20 14.12
N GLU A 208 10.52 -6.13 15.33
CA GLU A 208 11.80 -5.48 15.51
C GLU A 208 12.87 -6.15 14.67
N ARG A 209 12.77 -7.46 14.51
CA ARG A 209 13.65 -8.16 13.60
C ARG A 209 13.76 -7.43 12.25
N ARG A 210 12.63 -6.98 11.70
CA ARG A 210 12.65 -6.27 10.42
C ARG A 210 13.38 -4.92 10.48
N VAL A 211 13.31 -4.20 11.60
CA VAL A 211 13.97 -2.89 11.62
C VAL A 211 15.47 -3.14 11.77
N GLY A 212 15.83 -4.07 12.63
CA GLY A 212 17.21 -4.52 12.72
C GLY A 212 17.81 -4.80 11.36
N GLU A 213 17.15 -5.64 10.57
CA GLU A 213 17.53 -5.83 9.18
C GLU A 213 17.72 -4.49 8.43
N SER A 214 16.83 -3.52 8.67
CA SER A 214 16.88 -2.26 7.94
C SER A 214 18.04 -1.41 8.42
N ILE A 215 18.39 -1.60 9.68
CA ILE A 215 19.49 -0.89 10.28
C ILE A 215 20.79 -1.41 9.65
N HIS A 216 20.97 -2.73 9.67
CA HIS A 216 22.15 -3.34 9.08
C HIS A 216 22.30 -2.95 7.62
N ASP A 217 21.19 -2.81 6.92
CA ASP A 217 21.25 -2.44 5.52
C ASP A 217 21.79 -1.03 5.32
N ILE A 218 21.41 -0.12 6.20
CA ILE A 218 21.90 1.23 6.12
C ILE A 218 23.41 1.25 6.35
N PHE A 219 23.85 0.49 7.36
CA PHE A 219 25.26 0.43 7.70
C PHE A 219 26.17 -0.10 6.58
N ARG A 220 25.61 -0.87 5.65
CA ARG A 220 26.36 -1.35 4.52
C ARG A 220 26.41 -0.34 3.36
N LYS A 221 25.38 0.49 3.23
CA LYS A 221 25.26 1.36 2.07
C LYS A 221 25.91 2.73 2.24
N VAL A 222 25.91 3.23 3.48
CA VAL A 222 26.37 4.60 3.78
C VAL A 222 27.88 4.79 3.69
N ASP A 223 28.29 5.78 2.90
CA ASP A 223 29.71 6.06 2.66
C ASP A 223 30.36 6.93 3.74
N GLY A 224 29.55 7.69 4.45
CA GLY A 224 30.05 8.63 5.42
C GLY A 224 29.65 8.36 6.85
N ARG A 225 29.60 9.43 7.63
CA ARG A 225 29.24 9.32 9.02
C ARG A 225 27.78 8.95 9.15
N ILE A 226 27.46 8.18 10.18
CA ILE A 226 26.07 7.86 10.49
C ILE A 226 25.71 8.52 11.82
N ILE A 227 24.73 9.43 11.77
CA ILE A 227 24.15 9.99 12.98
C ILE A 227 22.80 9.33 13.20
N PHE A 228 22.65 8.60 14.30
CA PHE A 228 21.50 7.70 14.48
C PHE A 228 20.70 8.10 15.71
N ALA A 229 19.55 8.71 15.47
CA ALA A 229 18.70 9.26 16.51
C ALA A 229 17.55 8.31 16.80
N THR A 230 17.38 7.94 18.07
CA THR A 230 16.30 7.03 18.45
C THR A 230 15.87 7.32 19.89
N PHE A 231 15.09 6.42 20.48
CA PHE A 231 14.61 6.63 21.84
C PHE A 231 15.49 5.86 22.78
N ALA A 232 16.10 6.57 23.71
CA ALA A 232 17.03 5.98 24.65
C ALA A 232 16.45 4.75 25.34
N SER A 233 15.14 4.76 25.57
CA SER A 233 14.50 3.73 26.37
C SER A 233 14.36 2.40 25.62
N ASN A 234 14.67 2.41 24.33
CA ASN A 234 14.54 1.20 23.54
C ASN A 234 15.81 0.33 23.51
N ILE A 235 16.17 -0.23 24.66
CA ILE A 235 17.47 -0.88 24.81
C ILE A 235 17.75 -1.82 23.64
N HIS A 236 16.76 -2.62 23.24
CA HIS A 236 16.96 -3.60 22.19
C HIS A 236 17.28 -2.96 20.84
N ARG A 237 16.70 -1.81 20.57
CA ARG A 237 16.97 -1.14 19.31
C ARG A 237 18.42 -0.64 19.38
N LEU A 238 18.83 -0.19 20.56
CA LEU A 238 20.21 0.27 20.77
C LEU A 238 21.21 -0.86 20.48
N GLN A 239 20.93 -2.04 21.01
CA GLN A 239 21.66 -3.27 20.68
C GLN A 239 21.79 -3.48 19.17
N GLN A 240 20.69 -3.38 18.43
CA GLN A 240 20.75 -3.61 16.99
C GLN A 240 21.65 -2.60 16.33
N VAL A 241 21.63 -1.37 16.83
CA VAL A 241 22.45 -0.30 16.26
C VAL A 241 23.95 -0.55 16.51
N ILE A 242 24.28 -0.94 17.73
CA ILE A 242 25.63 -1.27 18.05
C ILE A 242 26.16 -2.43 17.19
N GLU A 243 25.46 -3.56 17.18
CA GLU A 243 25.81 -4.68 16.32
C GLU A 243 26.09 -4.25 14.91
N ALA A 244 25.20 -3.47 14.31
CA ALA A 244 25.39 -3.01 12.95
C ALA A 244 26.73 -2.28 12.87
N ALA A 245 26.95 -1.36 13.80
CA ALA A 245 28.16 -0.56 13.84
C ALA A 245 29.40 -1.44 13.90
N VAL A 246 29.45 -2.29 14.92
CA VAL A 246 30.56 -3.23 15.10
C VAL A 246 30.79 -4.11 13.88
N GLN A 247 29.74 -4.81 13.47
CA GLN A 247 29.80 -5.68 12.32
C GLN A 247 30.12 -4.94 11.02
N ASN A 248 30.32 -3.63 11.10
CA ASN A 248 30.75 -2.86 9.94
C ASN A 248 32.00 -2.03 10.23
N GLY A 249 32.78 -2.48 11.21
CA GLY A 249 34.01 -1.82 11.60
C GLY A 249 33.81 -0.34 11.85
N ARG A 250 32.80 -0.03 12.64
CA ARG A 250 32.50 1.35 13.02
C ARG A 250 32.55 1.48 14.52
N LYS A 251 32.90 2.67 14.99
CA LYS A 251 32.97 2.93 16.40
C LYS A 251 31.76 3.77 16.80
N VAL A 252 31.33 3.68 18.04
CA VAL A 252 30.10 4.33 18.47
C VAL A 252 30.36 5.42 19.51
N ALA A 253 29.99 6.65 19.16
CA ALA A 253 29.99 7.78 20.09
C ALA A 253 28.57 8.07 20.60
N VAL A 254 28.42 8.18 21.92
CA VAL A 254 27.11 8.37 22.53
C VAL A 254 26.83 9.82 22.98
N PHE A 255 25.65 10.34 22.63
CA PHE A 255 25.31 11.71 22.95
C PHE A 255 23.93 11.87 23.62
N GLY A 256 23.93 12.23 24.89
CA GLY A 256 22.69 12.46 25.60
C GLY A 256 22.75 11.76 26.94
N ARG A 257 22.34 12.43 28.02
CA ARG A 257 22.45 11.81 29.34
C ARG A 257 21.58 10.57 29.41
N SER A 258 20.41 10.63 28.78
CA SER A 258 19.48 9.52 28.79
C SER A 258 19.99 8.37 27.92
N MET A 259 20.66 8.71 26.83
CA MET A 259 21.28 7.68 25.99
C MET A 259 22.40 6.94 26.72
N GLU A 260 23.36 7.68 27.26
CA GLU A 260 24.41 7.09 28.10
C GLU A 260 23.80 6.27 29.23
N SER A 261 22.83 6.85 29.90
CA SER A 261 22.17 6.21 31.03
C SER A 261 21.48 4.89 30.67
N ALA A 262 20.92 4.83 29.47
CA ALA A 262 20.22 3.64 29.00
C ALA A 262 21.20 2.55 28.58
N ILE A 263 22.23 2.95 27.84
CA ILE A 263 23.29 2.03 27.46
C ILE A 263 24.01 1.44 28.68
N GLU A 264 24.31 2.27 29.67
CA GLU A 264 24.93 1.79 30.90
C GLU A 264 24.09 0.71 31.57
N ILE A 265 22.81 0.98 31.77
CA ILE A 265 21.93 0.01 32.43
C ILE A 265 21.61 -1.17 31.54
N GLY A 266 21.62 -0.93 30.23
CA GLY A 266 21.45 -2.01 29.28
C GLY A 266 22.65 -2.95 29.29
N GLN A 267 23.84 -2.37 29.44
CA GLN A 267 25.10 -3.12 29.51
C GLN A 267 25.14 -4.03 30.73
N THR A 268 25.12 -3.43 31.92
CA THR A 268 24.84 -4.22 33.12
C THR A 268 23.45 -4.79 32.86
N LEU A 269 23.04 -5.88 33.53
CA LEU A 269 21.67 -6.38 33.31
C LEU A 269 21.54 -7.23 32.03
N GLY A 270 22.37 -6.95 31.04
CA GLY A 270 22.65 -7.92 29.99
C GLY A 270 21.97 -7.80 28.66
N TYR A 271 21.38 -6.65 28.39
CA TYR A 271 20.64 -6.46 27.15
C TYR A 271 21.58 -5.97 26.05
N ILE A 272 22.72 -5.44 26.49
CA ILE A 272 23.70 -4.85 25.57
C ILE A 272 25.10 -5.47 25.75
N ASN A 273 25.64 -6.02 24.67
CA ASN A 273 26.94 -6.65 24.72
C ASN A 273 27.72 -6.22 23.49
N CYS A 274 28.94 -5.78 23.72
CA CYS A 274 29.80 -5.21 22.69
C CYS A 274 31.26 -5.43 23.08
N PRO A 275 32.13 -5.47 22.09
CA PRO A 275 33.56 -5.73 22.30
C PRO A 275 34.36 -4.49 22.70
N LYS A 276 35.42 -4.71 23.48
CA LYS A 276 36.53 -3.77 23.68
C LYS A 276 36.34 -2.33 23.25
N ASN A 277 37.12 -1.93 22.26
CA ASN A 277 37.09 -0.57 21.75
C ASN A 277 36.10 -0.39 20.62
N THR A 278 34.82 -0.55 20.94
CA THR A 278 33.75 -0.13 20.06
C THR A 278 33.32 1.26 20.47
N PHE A 279 33.23 1.50 21.78
CA PHE A 279 32.84 2.81 22.27
C PHE A 279 33.97 3.84 22.26
N ILE A 280 33.61 5.07 21.94
CA ILE A 280 34.57 6.14 21.67
C ILE A 280 34.24 7.41 22.48
N GLU A 281 35.27 8.20 22.78
CA GLU A 281 35.05 9.46 23.53
C GLU A 281 34.77 10.60 22.57
N HIS A 282 34.10 11.64 23.06
CA HIS A 282 33.63 12.74 22.20
C HIS A 282 34.73 13.40 21.36
N ASN A 283 35.89 13.65 21.96
CA ASN A 283 37.06 14.22 21.27
C ASN A 283 37.65 13.34 20.14
N GLU A 284 37.54 12.01 20.30
CA GLU A 284 38.13 11.06 19.35
C GLU A 284 37.46 11.05 17.98
N ILE A 285 36.24 11.57 17.90
CA ILE A 285 35.50 11.53 16.65
C ILE A 285 36.24 12.16 15.48
N ASN A 286 36.48 13.47 15.57
CA ASN A 286 37.03 14.24 14.45
C ASN A 286 38.29 13.62 13.84
N ARG A 287 38.98 12.80 14.64
CA ARG A 287 40.18 12.11 14.18
C ARG A 287 39.91 11.10 13.09
N MET A 288 39.12 10.08 13.41
CA MET A 288 38.88 8.96 12.49
C MET A 288 38.07 9.27 11.24
N PRO A 289 38.14 8.38 10.23
CA PRO A 289 37.54 8.63 8.92
C PRO A 289 36.03 8.59 9.01
N ALA A 290 35.36 9.29 8.11
CA ALA A 290 33.91 9.34 8.12
C ALA A 290 33.29 7.97 8.35
N ASN A 291 33.53 7.06 7.44
CA ASN A 291 32.88 5.76 7.45
C ASN A 291 33.25 4.81 8.57
N LYS A 292 33.72 5.33 9.68
CA LYS A 292 34.04 4.48 10.82
C LYS A 292 33.44 5.08 12.05
N VAL A 293 32.81 6.24 11.84
CA VAL A 293 32.13 6.98 12.89
C VAL A 293 30.65 6.65 12.88
N THR A 294 30.14 6.25 14.02
CA THR A 294 28.71 6.21 14.20
C THR A 294 28.34 6.95 15.47
N ILE A 295 27.64 8.08 15.32
CA ILE A 295 27.13 8.87 16.46
C ILE A 295 25.69 8.49 16.83
N LEU A 296 25.48 8.08 18.07
CA LEU A 296 24.19 7.55 18.51
C LEU A 296 23.58 8.47 19.53
N CYS A 297 22.66 9.33 19.10
CA CYS A 297 22.12 10.36 19.97
C CYS A 297 20.59 10.37 20.16
N THR A 298 20.14 11.32 20.95
CA THR A 298 18.73 11.58 21.19
C THR A 298 18.30 12.78 20.36
N GLY A 299 16.99 13.07 20.39
CA GLY A 299 16.46 14.27 19.76
C GLY A 299 15.75 13.99 18.45
N SER A 300 15.17 12.79 18.38
CA SER A 300 14.46 12.31 17.20
C SER A 300 13.08 12.98 17.10
N GLN A 301 12.71 13.68 18.15
CA GLN A 301 11.42 14.37 18.21
C GLN A 301 11.57 15.90 18.06
N GLY A 302 12.78 16.35 17.75
CA GLY A 302 13.06 17.74 17.46
C GLY A 302 13.18 18.63 18.69
N GLU A 303 13.13 18.00 19.87
CA GLU A 303 13.21 18.75 21.11
C GLU A 303 14.48 19.56 21.05
N PRO A 304 14.40 20.87 21.29
CA PRO A 304 15.42 21.81 20.79
C PRO A 304 16.65 21.85 21.69
N MET A 305 16.54 21.28 22.89
CA MET A 305 17.67 21.15 23.82
C MET A 305 18.47 19.87 23.58
N ALA A 306 17.83 18.90 22.92
CA ALA A 306 18.44 17.60 22.68
C ALA A 306 19.59 17.61 21.69
N ALA A 307 20.36 16.53 21.71
CA ALA A 307 21.56 16.40 20.92
C ALA A 307 21.40 16.79 19.43
N LEU A 308 20.52 16.08 18.72
CA LEU A 308 20.45 16.19 17.26
C LEU A 308 20.07 17.59 16.84
N SER A 309 19.23 18.23 17.64
CA SER A 309 18.70 19.54 17.27
C SER A 309 19.80 20.58 17.33
N ARG A 310 20.65 20.50 18.35
CA ARG A 310 21.78 21.41 18.48
C ARG A 310 22.75 21.20 17.32
N ILE A 311 22.96 19.94 16.96
CA ILE A 311 23.87 19.59 15.87
C ILE A 311 23.48 20.27 14.56
N ALA A 312 22.18 20.31 14.32
CA ALA A 312 21.68 20.88 13.08
C ALA A 312 21.47 22.37 13.25
N ASN A 313 20.73 22.72 14.30
CA ASN A 313 20.29 24.08 14.59
C ASN A 313 21.46 24.89 15.14
N GLY A 314 22.13 25.60 14.24
CA GLY A 314 23.34 26.31 14.61
C GLY A 314 24.33 25.28 15.11
N THR A 315 24.92 25.53 16.26
CA THR A 315 25.96 24.62 16.69
C THR A 315 25.82 24.06 18.10
N HIS A 316 26.46 22.89 18.20
CA HIS A 316 26.62 22.01 19.35
C HIS A 316 28.12 22.09 19.57
N ARG A 317 28.63 21.55 20.67
CA ARG A 317 30.05 21.67 20.96
C ARG A 317 31.00 20.91 19.99
N GLN A 318 30.95 19.57 20.06
CA GLN A 318 31.91 18.70 19.41
C GLN A 318 31.51 18.33 17.99
N ILE A 319 30.23 18.43 17.68
CA ILE A 319 29.73 17.91 16.41
C ILE A 319 29.05 18.91 15.49
N SER A 320 29.47 18.90 14.23
CA SER A 320 28.88 19.74 13.19
C SER A 320 28.52 18.85 12.02
N ILE A 321 27.64 19.33 11.17
CA ILE A 321 27.23 18.55 10.01
C ILE A 321 28.20 18.79 8.86
N ASN A 322 28.89 17.73 8.45
CA ASN A 322 29.73 17.79 7.26
C ASN A 322 28.96 17.18 6.12
N PRO A 323 28.96 17.84 4.97
CA PRO A 323 28.31 17.25 3.81
C PRO A 323 28.67 15.79 3.67
N GLY A 324 27.69 14.95 3.37
CA GLY A 324 27.89 13.52 3.27
C GLY A 324 27.38 12.76 4.48
N ASP A 325 27.17 13.50 5.58
CA ASP A 325 26.62 12.90 6.80
C ASP A 325 25.23 12.33 6.54
N THR A 326 24.93 11.19 7.15
CA THR A 326 23.60 10.64 7.02
C THR A 326 22.95 10.55 8.40
N VAL A 327 21.84 11.28 8.57
CA VAL A 327 21.07 11.22 9.82
C VAL A 327 19.85 10.30 9.70
N VAL A 328 19.64 9.47 10.73
CA VAL A 328 18.57 8.48 10.66
C VAL A 328 17.56 8.71 11.78
N PHE A 329 16.30 8.95 11.43
CA PHE A 329 15.29 9.12 12.47
C PHE A 329 14.62 7.79 12.73
N SER A 330 15.18 7.01 13.64
CA SER A 330 14.63 5.69 13.97
C SER A 330 13.56 5.90 15.02
N SER A 331 12.53 6.62 14.60
CA SER A 331 11.45 7.00 15.48
C SER A 331 10.27 7.34 14.61
N SER A 332 9.13 7.62 15.22
CA SER A 332 8.05 8.28 14.52
C SER A 332 7.59 9.44 15.37
N PRO A 333 7.24 10.57 14.72
CA PRO A 333 6.82 11.76 15.47
C PRO A 333 5.55 11.54 16.28
N ILE A 334 5.72 11.66 17.59
CA ILE A 334 4.62 11.76 18.52
C ILE A 334 3.83 13.00 18.16
N PRO A 335 2.48 12.89 18.16
CA PRO A 335 1.57 13.99 17.80
C PRO A 335 1.94 15.35 18.40
N GLY A 336 2.03 16.36 17.53
CA GLY A 336 2.35 17.72 17.94
C GLY A 336 3.82 18.04 17.87
N ASN A 337 4.65 17.00 17.75
CA ASN A 337 6.08 17.16 17.57
C ASN A 337 6.44 17.19 16.09
N THR A 338 5.45 16.94 15.26
CA THR A 338 5.67 16.95 13.83
C THR A 338 6.38 18.26 13.33
N ILE A 339 5.97 19.42 13.84
CA ILE A 339 6.63 20.66 13.44
C ILE A 339 8.07 20.76 13.89
N SER A 340 8.35 20.33 15.13
CA SER A 340 9.72 20.27 15.64
C SER A 340 10.58 19.45 14.71
N VAL A 341 10.18 18.21 14.48
CA VAL A 341 10.91 17.32 13.61
C VAL A 341 11.13 17.92 12.23
N SER A 342 10.11 18.54 11.65
CA SER A 342 10.30 19.12 10.34
C SER A 342 11.43 20.17 10.32
N ARG A 343 11.50 20.99 11.37
CA ARG A 343 12.48 22.07 11.44
C ARG A 343 13.84 21.44 11.40
N THR A 344 14.07 20.49 12.32
CA THR A 344 15.32 19.76 12.38
C THR A 344 15.73 19.23 11.03
N ILE A 345 14.85 18.47 10.41
CA ILE A 345 15.09 17.94 9.07
C ILE A 345 15.46 19.02 8.04
N ASN A 346 14.78 20.15 8.07
CA ASN A 346 15.10 21.21 7.14
C ASN A 346 16.51 21.73 7.35
N GLN A 347 16.90 21.88 8.61
CA GLN A 347 18.23 22.37 8.95
C GLN A 347 19.25 21.38 8.46
N LEU A 348 19.08 20.12 8.87
CA LEU A 348 19.94 19.04 8.43
C LEU A 348 20.16 19.09 6.92
N TYR A 349 19.08 19.22 6.16
CA TYR A 349 19.22 19.28 4.70
C TYR A 349 20.01 20.51 4.29
N ARG A 350 19.71 21.63 4.93
CA ARG A 350 20.38 22.88 4.59
C ARG A 350 21.88 22.77 4.87
N ALA A 351 22.23 22.02 5.91
CA ALA A 351 23.60 21.85 6.33
C ALA A 351 24.33 20.78 5.53
N GLY A 352 23.72 20.32 4.42
CA GLY A 352 24.34 19.37 3.52
C GLY A 352 24.23 17.89 3.89
N ALA A 353 23.47 17.58 4.92
CA ALA A 353 23.27 16.19 5.32
C ALA A 353 22.29 15.46 4.42
N GLU A 354 22.21 14.16 4.64
CA GLU A 354 21.29 13.29 3.94
C GLU A 354 20.46 12.72 5.07
N VAL A 355 19.15 12.67 4.87
CA VAL A 355 18.28 12.23 5.95
C VAL A 355 17.48 11.00 5.56
N ILE A 356 17.39 10.05 6.47
CA ILE A 356 16.57 8.88 6.29
C ILE A 356 15.50 8.91 7.37
N HIS A 357 14.31 9.37 6.97
CA HIS A 357 13.15 9.48 7.85
C HIS A 357 11.91 8.91 7.16
N GLY A 358 10.89 8.61 7.95
CA GLY A 358 9.64 8.20 7.36
C GLY A 358 9.34 6.71 7.40
N PRO A 359 8.21 6.33 6.81
CA PRO A 359 7.68 5.00 7.03
C PRO A 359 8.09 4.03 5.92
N LEU A 360 8.35 4.54 4.73
CA LEU A 360 8.74 3.70 3.60
C LEU A 360 10.08 2.96 3.82
N ASN A 361 11.00 3.58 4.58
CA ASN A 361 12.17 2.88 5.12
C ASN A 361 11.70 2.22 6.39
N ASP A 362 12.18 1.02 6.67
CA ASP A 362 11.54 0.28 7.76
C ASP A 362 12.37 0.37 9.01
N ILE A 363 12.51 1.59 9.54
CA ILE A 363 13.39 1.87 10.67
C ILE A 363 12.68 2.17 11.97
N HIS A 364 11.40 1.83 12.06
CA HIS A 364 10.69 1.99 13.32
C HIS A 364 9.48 1.07 13.33
N THR A 365 9.01 0.70 14.51
CA THR A 365 7.68 0.11 14.68
C THR A 365 7.03 0.59 15.97
N SER A 366 5.71 0.46 16.08
CA SER A 366 5.03 0.80 17.31
C SER A 366 5.34 -0.18 18.41
N GLY A 367 5.30 0.28 19.64
CA GLY A 367 5.49 -0.63 20.73
C GLY A 367 4.15 -1.21 21.10
N HIS A 368 3.11 -0.73 20.43
CA HIS A 368 1.74 -1.08 20.75
C HIS A 368 1.09 -1.79 19.60
N GLY A 369 0.53 -2.97 19.88
CA GLY A 369 -0.14 -3.79 18.89
C GLY A 369 -1.33 -3.13 18.25
N GLY A 370 -1.60 -3.52 17.00
CA GLY A 370 -2.74 -3.07 16.23
C GLY A 370 -3.88 -4.04 16.37
N GLN A 371 -4.91 -3.85 15.57
CA GLN A 371 -6.17 -4.59 15.73
C GLN A 371 -6.06 -6.12 15.80
N GLU A 372 -5.26 -6.72 14.93
CA GLU A 372 -5.20 -8.18 14.94
C GLU A 372 -4.55 -8.61 16.24
N GLU A 373 -3.52 -7.91 16.65
CA GLU A 373 -2.87 -8.26 17.90
C GLU A 373 -3.82 -8.11 19.09
N GLN A 374 -4.62 -7.06 19.07
CA GLN A 374 -5.49 -6.80 20.20
C GLN A 374 -6.53 -7.89 20.27
N LYS A 375 -6.92 -8.39 19.10
CA LYS A 375 -7.90 -9.46 18.99
C LYS A 375 -7.31 -10.82 19.40
N LEU A 376 -6.04 -11.05 19.07
CA LEU A 376 -5.38 -12.23 19.56
C LEU A 376 -5.42 -12.30 21.10
N MET A 377 -5.25 -11.17 21.78
CA MET A 377 -5.30 -11.11 23.24
C MET A 377 -6.64 -11.58 23.72
N LEU A 378 -7.67 -10.95 23.14
CA LEU A 378 -9.04 -11.20 23.50
C LEU A 378 -9.39 -12.67 23.34
N ARG A 379 -8.76 -13.36 22.40
CA ARG A 379 -9.11 -14.76 22.15
C ARG A 379 -8.17 -15.72 22.84
N LEU A 380 -7.17 -15.17 23.52
CA LEU A 380 -6.31 -15.93 24.42
C LEU A 380 -6.87 -15.90 25.84
N ILE A 381 -7.26 -14.72 26.31
CA ILE A 381 -7.99 -14.58 27.55
C ILE A 381 -9.49 -14.71 27.25
N LYS A 382 -10.29 -15.19 28.19
CA LYS A 382 -11.73 -15.22 27.93
C LYS A 382 -12.35 -14.27 28.88
N PRO A 383 -12.44 -13.01 28.47
CA PRO A 383 -12.91 -12.09 29.49
C PRO A 383 -14.44 -12.13 29.57
N LYS A 384 -15.00 -12.28 30.75
CA LYS A 384 -16.45 -12.14 30.87
C LYS A 384 -16.71 -10.70 30.52
N PHE A 385 -15.90 -9.81 31.12
CA PHE A 385 -16.03 -8.38 30.93
C PHE A 385 -14.75 -7.75 30.46
N PHE A 386 -14.86 -6.57 29.85
CA PHE A 386 -13.75 -5.90 29.16
C PHE A 386 -13.71 -4.40 29.41
N MET A 387 -12.52 -3.90 29.76
CA MET A 387 -12.30 -2.49 30.03
C MET A 387 -11.08 -2.02 29.26
N PRO A 388 -11.29 -1.19 28.23
CA PRO A 388 -10.18 -0.67 27.44
C PRO A 388 -9.38 0.33 28.27
N ILE A 389 -8.05 0.21 28.27
CA ILE A 389 -7.20 1.16 28.98
C ILE A 389 -6.12 1.77 28.08
N HIS A 390 -5.38 2.74 28.62
CA HIS A 390 -4.22 3.31 27.93
C HIS A 390 -4.58 3.88 26.56
N GLY A 391 -5.52 4.82 26.51
CA GLY A 391 -5.79 5.50 25.26
C GLY A 391 -6.81 6.61 25.38
N GLU A 392 -6.85 7.48 24.37
CA GLU A 392 -7.88 8.51 24.26
C GLU A 392 -9.26 7.87 24.05
N TYR A 393 -10.33 8.66 24.08
CA TYR A 393 -11.66 8.07 23.98
C TYR A 393 -11.83 7.23 22.74
N ARG A 394 -11.47 7.77 21.59
CA ARG A 394 -11.69 7.06 20.34
C ARG A 394 -10.94 5.72 20.31
N MET A 395 -9.75 5.67 20.89
CA MET A 395 -8.99 4.43 20.94
C MET A 395 -9.75 3.42 21.80
N GLN A 396 -10.31 3.88 22.92
CA GLN A 396 -11.10 3.00 23.75
C GLN A 396 -12.32 2.51 22.98
N LYS A 397 -12.98 3.41 22.27
CA LYS A 397 -14.19 3.03 21.53
C LYS A 397 -13.87 1.93 20.52
N MET A 398 -12.95 2.22 19.60
CA MET A 398 -12.56 1.28 18.57
C MET A 398 -12.12 -0.04 19.16
N HIS A 399 -11.44 -0.01 20.29
CA HIS A 399 -10.99 -1.23 20.93
C HIS A 399 -12.20 -2.07 21.32
N VAL A 400 -13.26 -1.39 21.77
CA VAL A 400 -14.48 -2.08 22.15
C VAL A 400 -15.13 -2.71 20.94
N LYS A 401 -15.17 -2.00 19.80
CA LYS A 401 -15.72 -2.63 18.61
C LYS A 401 -14.96 -3.93 18.33
N LEU A 402 -13.67 -3.94 18.63
CA LEU A 402 -12.89 -5.14 18.40
C LEU A 402 -13.39 -6.25 19.31
N ALA A 403 -13.66 -5.91 20.56
CA ALA A 403 -14.10 -6.91 21.52
C ALA A 403 -15.49 -7.47 21.22
N THR A 404 -16.44 -6.62 20.86
CA THR A 404 -17.76 -7.07 20.47
C THR A 404 -17.65 -7.96 19.23
N ASP A 405 -16.84 -7.53 18.26
CA ASP A 405 -16.60 -8.31 17.05
C ASP A 405 -16.10 -9.71 17.37
N CYS A 406 -15.41 -9.85 18.49
CA CYS A 406 -14.90 -11.14 18.96
C CYS A 406 -15.91 -11.86 19.85
N GLY A 407 -17.13 -11.34 19.90
CA GLY A 407 -18.20 -12.06 20.55
C GLY A 407 -18.62 -11.60 21.94
N ILE A 408 -17.75 -10.88 22.62
CA ILE A 408 -18.15 -10.40 23.93
C ILE A 408 -19.22 -9.28 23.80
N PRO A 409 -20.33 -9.43 24.55
CA PRO A 409 -21.54 -8.62 24.46
C PRO A 409 -21.30 -7.17 24.83
N GLU A 410 -21.88 -6.24 24.09
CA GLU A 410 -21.60 -4.83 24.32
C GLU A 410 -21.92 -4.37 25.73
N GLU A 411 -22.85 -5.06 26.39
CA GLU A 411 -23.25 -4.68 27.74
C GLU A 411 -22.23 -5.13 28.78
N ASN A 412 -21.23 -5.91 28.33
CA ASN A 412 -20.11 -6.34 29.18
C ASN A 412 -18.82 -5.57 28.92
N CYS A 413 -18.93 -4.49 28.15
CA CYS A 413 -17.78 -3.67 27.77
C CYS A 413 -17.98 -2.30 28.35
N PHE A 414 -16.98 -1.82 29.11
CA PHE A 414 -17.10 -0.57 29.81
C PHE A 414 -16.03 0.46 29.42
N ILE A 415 -16.37 1.38 28.53
CA ILE A 415 -15.41 2.44 28.23
C ILE A 415 -15.51 3.52 29.32
N MET A 416 -14.46 3.66 30.13
CA MET A 416 -14.53 4.51 31.32
C MET A 416 -13.65 5.76 31.29
N ASP A 417 -13.84 6.61 32.29
CA ASP A 417 -13.02 7.78 32.49
C ASP A 417 -12.21 7.61 33.75
N ASN A 418 -11.20 8.45 33.95
CA ASN A 418 -10.43 8.39 35.18
C ASN A 418 -11.35 8.59 36.37
N GLY A 419 -11.28 7.69 37.33
CA GLY A 419 -12.05 7.86 38.54
C GLY A 419 -13.30 7.01 38.62
N GLU A 420 -13.92 6.70 37.49
CA GLU A 420 -15.10 5.83 37.54
C GLU A 420 -14.67 4.46 38.07
N VAL A 421 -15.60 3.75 38.71
CA VAL A 421 -15.29 2.45 39.32
C VAL A 421 -16.15 1.31 38.77
N LEU A 422 -15.51 0.17 38.50
CA LEU A 422 -16.20 -0.96 37.89
C LEU A 422 -16.50 -2.05 38.92
N ALA A 423 -17.78 -2.26 39.22
CA ALA A 423 -18.19 -3.30 40.13
C ALA A 423 -18.25 -4.62 39.38
N LEU A 424 -17.39 -5.57 39.76
CA LEU A 424 -17.25 -6.80 39.01
C LEU A 424 -17.60 -8.03 39.83
N LYS A 425 -18.55 -8.81 39.33
CA LYS A 425 -18.88 -10.07 39.97
C LYS A 425 -19.41 -11.00 38.88
N GLY A 426 -19.02 -12.27 38.96
CA GLY A 426 -19.39 -13.25 37.94
C GLY A 426 -20.72 -13.04 37.21
N ASP A 427 -21.78 -12.78 37.96
CA ASP A 427 -23.11 -12.66 37.35
C ASP A 427 -23.54 -11.20 37.09
N GLU A 428 -22.77 -10.24 37.55
CA GLU A 428 -23.11 -8.85 37.30
C GLU A 428 -21.91 -7.90 37.32
N ALA A 429 -21.98 -6.85 36.52
CA ALA A 429 -20.95 -5.80 36.48
C ALA A 429 -21.51 -4.46 36.05
N SER A 430 -21.00 -3.38 36.62
CA SER A 430 -21.43 -2.04 36.21
C SER A 430 -20.56 -0.92 36.79
N VAL A 431 -20.65 0.25 36.17
CA VAL A 431 -19.97 1.42 36.70
C VAL A 431 -20.76 1.90 37.88
N ALA A 432 -20.29 1.55 39.07
CA ALA A 432 -21.05 1.72 40.30
C ALA A 432 -20.73 2.98 41.11
N GLY A 433 -20.12 3.97 40.46
CA GLY A 433 -19.80 5.21 41.13
C GLY A 433 -18.36 5.68 40.96
N LYS A 434 -18.08 6.90 41.41
CA LYS A 434 -16.79 7.55 41.22
C LYS A 434 -15.89 7.52 42.45
N ILE A 435 -14.69 8.06 42.28
CA ILE A 435 -13.67 8.08 43.31
C ILE A 435 -13.06 9.45 43.11
N PRO A 436 -12.41 9.99 44.14
CA PRO A 436 -11.82 11.31 43.90
C PRO A 436 -10.65 11.16 42.93
N SER A 437 -10.69 11.92 41.84
CA SER A 437 -9.62 11.86 40.86
C SER A 437 -9.42 13.20 40.18
N GLY A 438 -8.30 13.33 39.49
CA GLY A 438 -7.99 14.55 38.76
C GLY A 438 -6.54 14.57 38.28
N SER A 439 -6.10 15.76 37.88
CA SER A 439 -4.71 16.00 37.48
C SER A 439 -4.03 16.98 38.41
N VAL A 440 -2.77 16.70 38.72
CA VAL A 440 -1.97 17.54 39.59
C VAL A 440 -0.70 18.02 38.86
N TYR A 441 -0.69 19.31 38.52
CA TYR A 441 0.41 19.90 37.78
C TYR A 441 1.66 20.04 38.63
N ILE A 442 2.81 19.98 37.96
CA ILE A 442 4.09 20.13 38.64
C ILE A 442 5.00 21.14 37.90
N ASP A 443 5.22 22.30 38.51
CA ASP A 443 6.23 23.26 38.02
C ASP A 443 7.28 23.39 39.11
N GLY A 444 8.55 23.35 38.71
CA GLY A 444 9.63 23.42 39.68
C GLY A 444 9.58 22.37 40.77
N SER A 445 9.70 22.83 42.01
CA SER A 445 9.68 21.96 43.18
C SER A 445 8.29 22.06 43.81
N GLY A 446 7.34 22.44 42.98
CA GLY A 446 6.00 22.73 43.45
C GLY A 446 4.94 21.78 42.95
N ILE A 447 4.56 20.83 43.79
CA ILE A 447 3.48 19.91 43.45
C ILE A 447 2.11 20.51 43.74
N GLY A 448 1.33 20.76 42.70
CA GLY A 448 0.03 21.39 42.87
C GLY A 448 0.23 22.78 43.41
N ASP A 449 1.43 23.32 43.17
CA ASP A 449 1.78 24.70 43.47
C ASP A 449 0.98 25.55 42.50
N ILE A 450 0.56 24.92 41.41
CA ILE A 450 -0.14 25.57 40.32
C ILE A 450 -1.61 25.16 40.30
N GLY A 451 -2.48 26.07 39.93
CA GLY A 451 -3.89 25.78 39.76
C GLY A 451 -4.28 26.03 38.32
N ASN A 452 -5.51 25.71 37.94
CA ASN A 452 -5.99 26.06 36.60
C ASN A 452 -6.21 27.55 36.41
N ILE A 453 -6.41 28.27 37.51
CA ILE A 453 -6.52 29.73 37.46
C ILE A 453 -5.15 30.29 37.07
N VAL A 454 -4.09 29.74 37.66
CA VAL A 454 -2.74 30.13 37.30
C VAL A 454 -2.40 29.91 35.82
N LEU A 455 -2.92 28.84 35.24
CA LEU A 455 -2.64 28.60 33.85
C LEU A 455 -3.43 29.59 32.98
N ARG A 456 -4.57 30.01 33.50
CA ARG A 456 -5.43 30.97 32.79
C ARG A 456 -4.68 32.28 32.73
N ASP A 457 -3.98 32.58 33.81
CA ASP A 457 -3.25 33.83 33.90
C ASP A 457 -2.10 33.85 32.92
N ARG A 458 -1.32 32.78 32.89
CA ARG A 458 -0.20 32.73 31.98
C ARG A 458 -0.72 32.84 30.55
N ARG A 459 -1.81 32.14 30.29
CA ARG A 459 -2.43 32.17 28.99
C ARG A 459 -2.79 33.62 28.65
N ILE A 460 -3.51 34.29 29.54
CA ILE A 460 -3.93 35.67 29.26
C ILE A 460 -2.71 36.57 29.06
N LEU A 461 -1.74 36.37 29.95
CA LEU A 461 -0.54 37.17 29.97
C LEU A 461 0.22 37.01 28.65
N SER A 462 0.41 35.76 28.23
CA SER A 462 1.22 35.44 27.05
C SER A 462 0.73 36.00 25.71
N GLU A 463 -0.57 36.27 25.60
CA GLU A 463 -1.10 36.72 24.34
C GLU A 463 -1.30 38.22 24.30
N GLU A 464 -1.62 38.79 25.46
CA GLU A 464 -2.21 40.10 25.46
C GLU A 464 -1.29 41.12 26.08
N GLY A 465 -0.54 40.66 27.06
CA GLY A 465 0.27 41.51 27.90
C GLY A 465 -0.51 41.94 29.13
N LEU A 466 0.06 42.79 29.98
CA LEU A 466 -0.72 43.37 31.07
C LEU A 466 -0.35 44.82 31.27
N VAL A 467 -1.28 45.57 31.84
CA VAL A 467 -1.02 46.94 32.24
C VAL A 467 -1.46 47.11 33.69
N ILE A 468 -0.53 47.54 34.54
CA ILE A 468 -0.82 47.74 35.95
C ILE A 468 -1.11 49.21 36.26
N VAL A 469 -2.25 49.48 36.89
CA VAL A 469 -2.56 50.84 37.32
C VAL A 469 -2.50 50.90 38.84
N VAL A 470 -1.60 51.71 39.34
CA VAL A 470 -1.38 51.76 40.78
C VAL A 470 -1.59 53.17 41.34
N VAL A 471 -2.36 53.29 42.42
CA VAL A 471 -2.62 54.56 43.06
C VAL A 471 -2.49 54.48 44.56
N SER A 472 -2.00 55.56 45.15
CA SER A 472 -2.02 55.75 46.59
C SER A 472 -3.12 56.74 46.90
N ILE A 473 -3.93 56.43 47.90
CA ILE A 473 -5.06 57.25 48.28
C ILE A 473 -5.21 57.57 49.77
N ASP A 474 -5.64 58.80 50.04
CA ASP A 474 -6.20 59.27 51.32
C ASP A 474 -5.27 59.74 52.40
N MET A 475 -5.79 60.66 53.19
CA MET A 475 -5.21 61.01 54.45
C MET A 475 -6.37 60.69 55.37
N ASP A 476 -7.27 59.87 54.83
CA ASP A 476 -8.54 59.59 55.45
C ASP A 476 -9.44 60.70 54.95
N ASP A 477 -8.88 61.51 54.05
CA ASP A 477 -9.57 62.60 53.43
C ASP A 477 -10.09 62.16 52.06
N PHE A 478 -9.74 60.95 51.69
CA PHE A 478 -10.15 60.30 50.45
C PHE A 478 -9.78 61.15 49.24
N LYS A 479 -8.53 61.58 49.22
CA LYS A 479 -7.92 62.26 48.09
C LYS A 479 -6.88 61.32 47.48
N ILE A 480 -6.61 61.51 46.19
CA ILE A 480 -5.59 60.72 45.50
C ILE A 480 -4.19 61.31 45.69
N SER A 481 -3.40 60.73 46.59
CA SER A 481 -2.12 61.33 46.95
C SER A 481 -0.90 60.87 46.12
N ALA A 482 -1.13 59.97 45.17
CA ALA A 482 -0.08 59.56 44.24
C ALA A 482 -0.69 58.73 43.11
N GLY A 483 -0.28 59.00 41.88
CA GLY A 483 -0.82 58.28 40.74
C GLY A 483 -1.97 59.01 40.03
N PRO A 484 -2.67 58.32 39.13
CA PRO A 484 -2.47 56.90 38.82
C PRO A 484 -1.27 56.71 37.91
N ASP A 485 -0.42 55.73 38.23
CA ASP A 485 0.71 55.42 37.37
C ASP A 485 0.45 54.13 36.60
N LEU A 486 0.72 54.18 35.30
CA LEU A 486 0.62 53.00 34.44
C LEU A 486 2.00 52.40 34.24
N ILE A 487 2.13 51.12 34.56
CA ILE A 487 3.32 50.38 34.18
C ILE A 487 2.90 49.11 33.43
N SER A 488 3.45 48.91 32.23
CA SER A 488 3.01 47.86 31.31
C SER A 488 4.13 46.92 30.86
N ARG A 489 3.77 45.68 30.54
CA ARG A 489 4.72 44.68 30.00
C ARG A 489 4.03 43.79 29.00
N GLY A 490 4.68 43.53 27.87
CA GLY A 490 4.10 42.64 26.89
C GLY A 490 2.90 43.18 26.14
N PHE A 491 2.55 44.43 26.36
CA PHE A 491 1.37 44.96 25.72
C PHE A 491 1.73 45.78 24.53
N VAL A 492 2.67 46.68 24.67
CA VAL A 492 3.05 47.48 23.56
C VAL A 492 4.47 47.88 23.83
N TYR A 493 5.21 48.28 22.80
CA TYR A 493 6.61 48.64 23.00
C TYR A 493 6.71 49.90 23.84
N MET A 494 6.89 49.76 25.15
CA MET A 494 6.92 50.94 25.99
C MET A 494 7.80 52.00 25.36
N ARG A 495 9.00 51.61 25.03
CA ARG A 495 9.98 52.56 24.54
C ARG A 495 9.42 53.35 23.38
N GLU A 496 8.18 53.08 23.00
CA GLU A 496 7.61 53.79 21.87
C GLU A 496 6.13 54.13 22.01
N SER A 497 5.42 53.36 22.81
CA SER A 497 4.00 53.59 22.98
C SER A 497 3.83 54.53 24.15
N GLY A 498 4.92 55.19 24.52
CA GLY A 498 4.91 55.92 25.77
C GLY A 498 4.03 57.12 25.49
N ASP A 499 3.65 57.23 24.22
CA ASP A 499 2.68 58.22 23.79
C ASP A 499 1.25 57.74 24.09
N LEU A 500 0.95 56.50 23.71
CA LEU A 500 -0.35 55.89 24.00
C LEU A 500 -0.63 55.79 25.49
N ILE A 501 0.29 55.20 26.26
CA ILE A 501 -0.03 54.98 27.66
C ILE A 501 0.01 56.29 28.43
N ASN A 502 0.53 57.33 27.82
CA ASN A 502 0.51 58.64 28.47
C ASN A 502 -0.91 59.23 28.43
N ASP A 503 -1.55 59.15 27.27
CA ASP A 503 -2.94 59.55 27.14
C ASP A 503 -3.82 58.78 28.10
N ALA A 504 -3.54 57.49 28.25
CA ALA A 504 -4.28 56.62 29.15
C ALA A 504 -4.07 57.00 30.60
N GLN A 505 -2.84 57.37 30.93
CA GLN A 505 -2.48 57.81 32.28
C GLN A 505 -3.29 59.03 32.64
N GLU A 506 -3.70 59.77 31.62
CA GLU A 506 -4.47 60.97 31.83
C GLU A 506 -5.95 60.64 31.93
N LEU A 507 -6.43 59.85 30.97
CA LEU A 507 -7.81 59.38 30.99
C LEU A 507 -8.19 58.87 32.36
N ILE A 508 -7.38 57.93 32.87
CA ILE A 508 -7.64 57.32 34.18
C ILE A 508 -7.40 58.27 35.36
N SER A 509 -6.75 59.40 35.10
CA SER A 509 -6.58 60.40 36.15
C SER A 509 -7.81 61.30 36.22
N ASN A 510 -8.07 62.04 35.15
CA ASN A 510 -9.25 62.88 35.07
C ASN A 510 -10.48 62.18 35.62
N HIS A 511 -10.65 60.92 35.22
CA HIS A 511 -11.83 60.18 35.60
C HIS A 511 -11.76 59.74 37.06
N LEU A 512 -10.58 59.37 37.51
CA LEU A 512 -10.43 58.86 38.87
C LEU A 512 -10.64 59.98 39.89
N GLN A 513 -10.48 61.22 39.44
CA GLN A 513 -10.69 62.40 40.28
C GLN A 513 -12.19 62.63 40.47
N LYS A 514 -12.96 62.50 39.38
CA LYS A 514 -14.42 62.64 39.44
C LYS A 514 -15.06 61.55 40.30
N VAL A 515 -14.33 60.45 40.49
CA VAL A 515 -14.81 59.33 41.29
C VAL A 515 -14.55 59.53 42.78
N MET A 516 -13.48 60.28 43.10
CA MET A 516 -13.16 60.60 44.48
C MET A 516 -14.06 61.70 45.05
N GLU A 517 -14.64 62.51 44.17
CA GLU A 517 -15.58 63.52 44.63
C GLU A 517 -17.02 63.00 44.58
N ARG A 518 -17.26 61.86 45.24
CA ARG A 518 -18.58 61.26 45.32
C ARG A 518 -18.87 60.61 46.69
N LYS A 519 -17.86 59.97 47.27
CA LYS A 519 -18.03 59.11 48.46
C LYS A 519 -19.26 58.18 48.40
N THR A 520 -19.86 58.07 47.22
CA THR A 520 -20.80 57.00 46.91
C THR A 520 -19.97 55.90 46.22
N THR A 521 -18.87 55.51 46.86
CA THR A 521 -17.84 54.64 46.27
C THR A 521 -17.11 53.85 47.35
N GLN A 522 -16.56 52.68 46.98
CA GLN A 522 -15.79 51.83 47.92
C GLN A 522 -14.67 51.02 47.22
N TRP A 523 -13.78 50.38 48.00
CA TRP A 523 -12.53 49.85 47.43
C TRP A 523 -12.74 49.11 46.11
N SER A 524 -13.66 48.15 46.11
CA SER A 524 -13.87 47.32 44.92
C SER A 524 -14.42 48.13 43.75
N GLU A 525 -15.13 49.22 44.05
CA GLU A 525 -15.73 50.04 43.01
C GLU A 525 -14.69 50.85 42.23
N ILE A 526 -13.57 51.14 42.88
CA ILE A 526 -12.50 51.93 42.26
C ILE A 526 -11.74 51.07 41.26
N LYS A 527 -11.28 49.91 41.72
CA LYS A 527 -10.66 48.95 40.85
C LYS A 527 -11.52 48.77 39.59
N ASN A 528 -12.81 48.55 39.81
CA ASN A 528 -13.74 48.38 38.70
C ASN A 528 -13.88 49.61 37.83
N GLU A 529 -13.90 50.79 38.44
CA GLU A 529 -14.01 52.03 37.68
C GLU A 529 -12.77 52.28 36.81
N ILE A 530 -11.59 51.90 37.32
CA ILE A 530 -10.34 51.95 36.56
C ILE A 530 -10.35 50.98 35.37
N THR A 531 -10.55 49.71 35.68
CA THR A 531 -10.64 48.66 34.68
C THR A 531 -11.69 48.99 33.65
N ASP A 532 -12.92 49.26 34.11
CA ASP A 532 -14.08 49.40 33.23
C ASP A 532 -14.04 50.61 32.29
N THR A 533 -13.09 51.52 32.51
CA THR A 533 -12.93 52.69 31.63
C THR A 533 -11.61 52.72 30.85
N LEU A 534 -10.59 52.02 31.37
CA LEU A 534 -9.29 51.88 30.70
C LEU A 534 -9.37 50.85 29.55
N ALA A 535 -9.80 49.64 29.89
CA ALA A 535 -9.95 48.55 28.93
C ALA A 535 -10.47 48.97 27.56
N PRO A 536 -11.61 49.68 27.52
CA PRO A 536 -12.23 50.02 26.23
C PRO A 536 -11.42 51.03 25.45
N PHE A 537 -10.64 51.83 26.15
CA PHE A 537 -9.84 52.86 25.52
C PHE A 537 -8.63 52.23 24.85
N LEU A 538 -8.03 51.26 25.56
CA LEU A 538 -6.93 50.51 25.00
C LEU A 538 -7.45 49.73 23.81
N TYR A 539 -8.55 48.99 23.99
CA TYR A 539 -9.09 48.27 22.86
C TYR A 539 -9.33 49.19 21.68
N GLU A 540 -9.80 50.39 21.94
CA GLU A 540 -10.08 51.33 20.87
C GLU A 540 -8.81 51.60 20.08
N LYS A 541 -7.74 51.93 20.81
CA LYS A 541 -6.49 52.37 20.20
C LYS A 541 -5.63 51.23 19.64
N THR A 542 -5.85 50.02 20.13
CA THR A 542 -4.85 48.98 20.03
C THR A 542 -5.42 47.65 19.54
N LYS A 543 -6.74 47.51 19.69
CA LYS A 543 -7.44 46.28 19.34
C LYS A 543 -6.95 45.07 20.11
N ARG A 544 -5.85 45.21 20.85
CA ARG A 544 -5.46 44.19 21.81
C ARG A 544 -6.33 44.36 23.05
N ARG A 545 -6.19 43.46 24.00
CA ARG A 545 -7.00 43.44 25.21
C ARG A 545 -6.11 42.95 26.35
N PRO A 546 -5.22 43.82 26.84
CA PRO A 546 -4.22 43.48 27.86
C PRO A 546 -4.91 43.17 29.15
N MET A 547 -4.30 42.37 30.01
CA MET A 547 -4.88 42.10 31.31
C MET A 547 -4.63 43.35 32.10
N ILE A 548 -5.68 44.05 32.45
CA ILE A 548 -5.53 45.31 33.14
C ILE A 548 -5.87 45.10 34.62
N LEU A 549 -4.92 45.35 35.50
CA LEU A 549 -5.19 45.12 36.92
C LEU A 549 -4.74 46.21 37.86
N PRO A 550 -5.71 46.84 38.54
CA PRO A 550 -5.47 47.97 39.44
C PRO A 550 -5.08 47.52 40.82
N ILE A 551 -4.08 48.22 41.36
CA ILE A 551 -3.63 48.01 42.71
C ILE A 551 -3.82 49.32 43.46
N ILE A 552 -4.50 49.25 44.61
CA ILE A 552 -4.69 50.44 45.43
C ILE A 552 -3.96 50.36 46.75
N MET A 553 -3.26 51.45 47.08
CA MET A 553 -2.52 51.58 48.32
C MET A 553 -3.26 52.59 49.22
N GLU A 554 -3.52 52.22 50.47
CA GLU A 554 -4.10 53.17 51.42
C GLU A 554 -3.00 53.78 52.29
N VAL A 555 -2.87 55.09 52.22
CA VAL A 555 -1.78 55.79 52.87
C VAL A 555 -2.29 56.89 53.79
N ASN B 6 22.30 44.38 -14.62
CA ASN B 6 22.96 44.67 -15.91
C ASN B 6 22.06 44.62 -17.19
N ASP B 7 22.22 43.54 -17.97
CA ASP B 7 21.43 43.20 -19.19
C ASP B 7 20.72 41.87 -18.96
N GLN B 8 20.45 41.61 -17.68
CA GLN B 8 19.83 40.39 -17.23
C GLN B 8 18.48 40.71 -16.56
N THR B 9 17.70 39.66 -16.28
CA THR B 9 16.46 39.82 -15.51
C THR B 9 16.65 39.33 -14.07
N ALA B 10 16.02 40.03 -13.13
CA ALA B 10 16.08 39.64 -11.72
C ALA B 10 14.78 38.99 -11.27
N VAL B 11 14.94 38.03 -10.38
CA VAL B 11 13.85 37.26 -9.86
C VAL B 11 14.13 37.06 -8.37
N PHE B 12 13.09 37.20 -7.55
CA PHE B 12 13.25 37.11 -6.10
C PHE B 12 11.91 37.01 -5.33
N ALA B 13 12.01 36.64 -4.06
CA ALA B 13 10.83 36.51 -3.22
C ALA B 13 11.00 37.37 -1.99
N LEU B 14 9.91 38.00 -1.57
CA LEU B 14 9.93 38.77 -0.33
C LEU B 14 9.36 37.91 0.79
N GLY B 15 8.76 36.80 0.40
CA GLY B 15 8.23 35.82 1.31
C GLY B 15 7.69 34.65 0.51
N GLY B 16 7.66 33.45 1.10
CA GLY B 16 7.20 32.28 0.41
C GLY B 16 8.26 31.20 0.20
N LEU B 17 9.51 31.52 0.50
CA LEU B 17 10.59 30.55 0.41
C LEU B 17 11.11 30.15 1.81
N GLY B 18 11.27 28.84 2.02
CA GLY B 18 11.75 28.33 3.28
C GLY B 18 10.60 28.25 4.26
N GLU B 19 9.39 28.42 3.72
CA GLU B 19 8.16 28.47 4.49
C GLU B 19 6.95 28.20 3.60
N ILE B 20 5.84 27.83 4.22
CA ILE B 20 4.57 27.90 3.54
C ILE B 20 3.84 29.15 4.04
N GLY B 21 3.70 30.14 3.16
CA GLY B 21 2.95 31.34 3.52
C GLY B 21 3.63 32.61 3.04
N LYS B 22 2.94 33.75 3.11
CA LYS B 22 3.53 35.04 2.76
C LYS B 22 3.93 35.12 1.29
N ASN B 23 3.47 34.18 0.47
CA ASN B 23 4.00 34.13 -0.89
C ASN B 23 3.89 35.48 -1.61
N THR B 24 5.00 36.19 -1.73
CA THR B 24 5.06 37.37 -2.58
C THR B 24 6.35 37.32 -3.42
N TYR B 25 6.21 37.21 -4.74
CA TYR B 25 7.35 37.07 -5.66
C TYR B 25 7.45 38.25 -6.59
N ALA B 26 8.66 38.52 -7.06
CA ALA B 26 8.87 39.62 -8.00
C ALA B 26 9.82 39.24 -9.11
N VAL B 27 9.53 39.71 -10.32
CA VAL B 27 10.50 39.72 -11.41
C VAL B 27 10.75 41.18 -11.85
N GLN B 28 12.03 41.57 -11.89
CA GLN B 28 12.40 42.95 -12.22
C GLN B 28 13.43 43.04 -13.35
N PHE B 29 13.13 43.87 -14.34
CA PHE B 29 14.03 44.12 -15.45
C PHE B 29 14.24 45.62 -15.64
N GLN B 30 15.43 46.10 -15.30
CA GLN B 30 15.69 47.53 -15.32
C GLN B 30 14.68 48.31 -14.47
N ASP B 31 14.00 49.28 -15.08
CA ASP B 31 13.12 50.17 -14.31
C ASP B 31 11.69 49.67 -14.15
N GLU B 32 11.41 48.50 -14.73
CA GLU B 32 10.09 47.86 -14.59
C GLU B 32 10.18 46.67 -13.65
N ILE B 33 9.12 46.43 -12.89
CA ILE B 33 9.11 45.34 -11.91
C ILE B 33 7.70 44.80 -11.68
N VAL B 34 7.53 43.51 -11.99
CA VAL B 34 6.23 42.86 -11.89
C VAL B 34 6.13 42.04 -10.61
N LEU B 35 5.07 42.24 -9.84
CA LEU B 35 4.85 41.47 -8.61
C LEU B 35 3.90 40.32 -8.87
N ILE B 36 4.21 39.15 -8.32
CA ILE B 36 3.28 38.02 -8.36
C ILE B 36 2.90 37.57 -6.96
N ASP B 37 1.62 37.72 -6.62
CA ASP B 37 1.08 37.37 -5.30
C ASP B 37 1.60 38.26 -4.17
N ALA B 38 0.79 38.42 -3.12
CA ALA B 38 1.25 39.17 -1.95
C ALA B 38 0.60 38.66 -0.67
N GLY B 39 0.66 37.37 -0.46
CA GLY B 39 -0.08 36.73 0.61
C GLY B 39 0.31 37.05 2.05
N ILE B 40 -0.44 36.43 2.95
CA ILE B 40 -0.27 36.53 4.40
C ILE B 40 0.18 35.18 4.94
N LYS B 41 0.66 35.14 6.18
CA LYS B 41 1.06 33.87 6.80
C LYS B 41 0.57 33.75 8.22
N PHE B 42 0.14 32.55 8.60
CA PHE B 42 -0.35 32.36 9.96
C PHE B 42 0.82 32.07 10.87
N PRO B 43 0.81 32.67 12.06
CA PRO B 43 1.89 32.61 13.05
C PRO B 43 2.06 31.22 13.57
N GLU B 44 3.29 30.74 13.67
CA GLU B 44 3.51 29.46 14.34
C GLU B 44 3.31 29.73 15.81
N ASP B 45 2.91 28.69 16.54
CA ASP B 45 2.56 28.79 17.96
C ASP B 45 3.52 29.68 18.76
N GLU B 46 4.81 29.67 18.41
CA GLU B 46 5.85 30.35 19.20
C GLU B 46 5.79 31.90 19.20
N LEU B 47 5.02 32.49 18.29
CA LEU B 47 4.87 33.96 18.22
C LEU B 47 3.67 34.44 19.04
N LEU B 48 3.85 34.55 20.35
CA LEU B 48 2.74 34.48 21.29
C LEU B 48 1.48 35.28 20.98
N GLY B 49 1.59 36.59 20.83
CA GLY B 49 0.34 37.33 20.70
C GLY B 49 -0.22 37.39 19.31
N ILE B 50 0.67 37.21 18.34
CA ILE B 50 0.47 37.55 16.93
C ILE B 50 -0.80 36.98 16.25
N ASP B 51 -1.31 37.76 15.31
CA ASP B 51 -2.49 37.39 14.56
C ASP B 51 -2.05 36.91 13.17
N TYR B 52 -1.22 37.70 12.49
CA TYR B 52 -0.71 37.36 11.16
C TYR B 52 0.72 37.80 10.98
N VAL B 53 1.40 37.19 10.00
CA VAL B 53 2.76 37.60 9.60
C VAL B 53 2.75 38.01 8.15
N ILE B 54 3.64 38.93 7.81
CA ILE B 54 3.57 39.67 6.57
C ILE B 54 4.99 39.95 6.17
N PRO B 55 5.25 40.06 4.86
CA PRO B 55 6.63 40.37 4.45
C PRO B 55 7.04 41.84 4.68
N ASP B 56 8.34 42.06 4.84
CA ASP B 56 8.89 43.41 4.91
C ASP B 56 8.95 43.97 3.48
N TYR B 57 8.15 45.00 3.23
CA TYR B 57 8.07 45.59 1.90
C TYR B 57 9.04 46.76 1.63
N THR B 58 10.00 46.99 2.52
CA THR B 58 10.84 48.18 2.36
C THR B 58 11.39 48.32 0.94
N TYR B 59 11.77 47.23 0.30
CA TYR B 59 12.29 47.36 -1.05
C TYR B 59 11.20 47.88 -1.99
N LEU B 60 10.02 47.30 -1.92
CA LEU B 60 8.92 47.72 -2.78
C LEU B 60 8.58 49.19 -2.57
N VAL B 61 8.74 49.65 -1.33
CA VAL B 61 8.49 51.05 -1.01
C VAL B 61 9.57 51.96 -1.62
N LYS B 62 10.83 51.73 -1.31
CA LYS B 62 11.92 52.47 -1.93
C LYS B 62 11.92 52.44 -3.46
N ASN B 63 10.96 51.76 -4.07
CA ASN B 63 10.96 51.59 -5.53
C ASN B 63 9.58 51.64 -6.14
N GLU B 64 8.61 52.17 -5.39
CA GLU B 64 7.22 52.17 -5.81
C GLU B 64 7.01 52.61 -7.25
N ASP B 65 7.69 53.69 -7.65
CA ASP B 65 7.56 54.22 -9.00
C ASP B 65 7.70 53.13 -10.08
N LYS B 66 8.61 52.17 -9.85
CA LYS B 66 8.92 51.16 -10.86
C LYS B 66 7.86 50.07 -10.95
N ILE B 67 7.25 49.73 -9.82
CA ILE B 67 6.25 48.67 -9.77
C ILE B 67 5.17 48.85 -10.83
N LYS B 68 5.12 47.96 -11.80
CA LYS B 68 4.21 48.12 -12.92
C LYS B 68 2.86 47.44 -12.68
N GLY B 69 2.81 46.55 -11.69
CA GLY B 69 1.58 45.81 -11.36
C GLY B 69 1.76 44.64 -10.40
N LEU B 70 0.66 44.25 -9.76
CA LEU B 70 0.66 43.09 -8.88
C LEU B 70 -0.32 42.10 -9.48
N PHE B 71 0.16 40.90 -9.80
CA PHE B 71 -0.69 39.88 -10.40
C PHE B 71 -1.00 38.75 -9.43
N ILE B 72 -2.20 38.19 -9.55
CA ILE B 72 -2.69 37.20 -8.56
C ILE B 72 -3.01 35.82 -9.14
N THR B 73 -2.14 34.84 -8.88
CA THR B 73 -2.32 33.46 -9.32
C THR B 73 -3.67 32.86 -8.87
N HIS B 74 -3.91 32.84 -7.56
CA HIS B 74 -5.19 32.36 -7.06
C HIS B 74 -5.60 33.06 -5.77
N GLY B 75 -6.83 32.81 -5.33
CA GLY B 75 -7.40 33.55 -4.22
C GLY B 75 -7.25 33.01 -2.81
N HIS B 76 -6.20 32.24 -2.55
CA HIS B 76 -5.98 31.70 -1.21
C HIS B 76 -5.35 32.79 -0.32
N GLU B 77 -5.62 32.72 0.97
CA GLU B 77 -5.10 33.73 1.88
C GLU B 77 -3.59 33.87 1.81
N ASP B 78 -2.88 32.76 1.65
CA ASP B 78 -1.42 32.79 1.59
C ASP B 78 -0.92 33.33 0.23
N HIS B 79 -1.84 33.93 -0.53
CA HIS B 79 -1.46 34.53 -1.81
C HIS B 79 -2.07 35.92 -1.95
N ILE B 80 -3.24 36.09 -1.36
CA ILE B 80 -4.06 37.29 -1.55
C ILE B 80 -4.12 38.10 -0.27
N GLY B 81 -3.86 37.46 0.87
CA GLY B 81 -4.16 38.00 2.18
C GLY B 81 -3.38 39.20 2.70
N GLY B 82 -2.17 39.39 2.19
CA GLY B 82 -1.36 40.48 2.68
C GLY B 82 -1.53 41.73 1.84
N ILE B 83 -2.42 41.67 0.85
CA ILE B 83 -2.57 42.77 -0.09
C ILE B 83 -3.09 44.06 0.55
N PRO B 84 -4.10 43.96 1.43
CA PRO B 84 -4.48 45.17 2.18
C PRO B 84 -3.28 45.83 2.88
N TYR B 85 -2.40 45.04 3.49
CA TYR B 85 -1.27 45.61 4.20
C TYR B 85 -0.25 46.23 3.24
N LEU B 86 -0.09 45.65 2.06
CA LEU B 86 0.87 46.17 1.09
C LEU B 86 0.35 47.46 0.52
N LEU B 87 -0.95 47.52 0.31
CA LEU B 87 -1.56 48.68 -0.32
C LEU B 87 -1.61 49.90 0.59
N ARG B 88 -1.47 49.69 1.90
CA ARG B 88 -1.28 50.80 2.84
C ARG B 88 0.05 51.54 2.60
N GLN B 89 1.05 50.85 2.04
CA GLN B 89 2.40 51.40 1.87
C GLN B 89 2.78 51.72 0.42
N VAL B 90 2.01 51.21 -0.53
CA VAL B 90 2.14 51.63 -1.93
C VAL B 90 0.79 51.57 -2.63
N ASN B 91 0.58 52.42 -3.62
CA ASN B 91 -0.62 52.31 -4.44
C ASN B 91 -0.28 51.92 -5.86
N ILE B 92 -0.56 50.65 -6.15
CA ILE B 92 -0.23 50.01 -7.41
C ILE B 92 -1.48 49.33 -7.96
N PRO B 93 -1.50 49.07 -9.27
CA PRO B 93 -2.64 48.41 -9.89
C PRO B 93 -2.59 46.90 -9.63
N VAL B 94 -3.75 46.29 -9.41
CA VAL B 94 -3.80 44.86 -9.18
C VAL B 94 -4.56 44.13 -10.28
N TYR B 95 -3.99 43.03 -10.77
CA TYR B 95 -4.66 42.19 -11.75
C TYR B 95 -4.86 40.74 -11.25
N GLY B 96 -6.04 40.18 -11.52
CA GLY B 96 -6.26 38.79 -11.19
C GLY B 96 -7.49 38.21 -11.89
N GLY B 97 -7.73 36.93 -11.71
CA GLY B 97 -8.92 36.32 -12.25
C GLY B 97 -10.15 36.84 -11.53
N LYS B 98 -11.34 36.48 -12.04
CA LYS B 98 -12.59 36.93 -11.47
C LYS B 98 -12.83 36.51 -10.00
N LEU B 99 -12.38 35.33 -9.62
CA LEU B 99 -12.59 34.88 -8.25
C LEU B 99 -11.65 35.57 -7.26
N ALA B 100 -10.40 35.72 -7.65
CA ALA B 100 -9.41 36.36 -6.77
C ALA B 100 -9.79 37.80 -6.52
N ILE B 101 -10.04 38.54 -7.59
CA ILE B 101 -10.45 39.92 -7.48
C ILE B 101 -11.73 40.01 -6.65
N GLY B 102 -12.66 39.09 -6.90
CA GLY B 102 -13.89 39.04 -6.14
C GLY B 102 -13.64 38.94 -4.66
N LEU B 103 -12.73 38.06 -4.26
CA LEU B 103 -12.45 37.85 -2.85
C LEU B 103 -11.69 39.01 -2.23
N LEU B 104 -10.79 39.61 -3.01
CA LEU B 104 -9.98 40.74 -2.56
C LEU B 104 -10.86 41.97 -2.38
N ARG B 105 -11.87 42.10 -3.24
CA ARG B 105 -12.85 43.19 -3.13
C ARG B 105 -13.46 43.17 -1.74
N ASN B 106 -14.10 42.06 -1.40
CA ASN B 106 -14.68 41.91 -0.07
C ASN B 106 -13.67 42.27 1.00
N LYS B 107 -12.41 41.87 0.79
CA LYS B 107 -11.36 42.07 1.77
C LYS B 107 -11.05 43.55 1.94
N LEU B 108 -10.97 44.26 0.82
CA LEU B 108 -10.61 45.68 0.84
C LEU B 108 -11.71 46.57 1.43
N GLU B 109 -12.94 46.05 1.50
CA GLU B 109 -13.99 46.80 2.17
C GLU B 109 -13.70 46.82 3.65
N GLU B 110 -13.57 45.65 4.27
CA GLU B 110 -13.24 45.56 5.68
C GLU B 110 -12.06 46.44 6.09
N HIS B 111 -11.22 46.81 5.12
CA HIS B 111 -10.04 47.62 5.40
C HIS B 111 -10.19 49.08 4.94
N GLY B 112 -11.19 49.33 4.10
CA GLY B 112 -11.48 50.68 3.64
C GLY B 112 -10.82 51.10 2.34
N LEU B 113 -9.77 50.37 1.96
CA LEU B 113 -8.93 50.75 0.82
C LEU B 113 -9.54 50.38 -0.54
N LEU B 114 -10.81 49.98 -0.53
CA LEU B 114 -11.47 49.64 -1.78
C LEU B 114 -11.61 50.84 -2.70
N ARG B 115 -12.03 51.98 -2.15
CA ARG B 115 -12.23 53.17 -2.93
C ARG B 115 -11.03 53.56 -3.80
N GLN B 116 -9.82 53.46 -3.25
CA GLN B 116 -8.65 54.06 -3.90
C GLN B 116 -7.67 53.11 -4.57
N THR B 117 -8.11 51.88 -4.85
CA THR B 117 -7.24 50.95 -5.56
C THR B 117 -7.84 50.48 -6.88
N LYS B 118 -6.98 50.27 -7.87
CA LYS B 118 -7.39 49.91 -9.23
C LYS B 118 -7.44 48.38 -9.40
N LEU B 119 -8.63 47.80 -9.26
CA LEU B 119 -8.78 46.36 -9.42
C LEU B 119 -9.04 45.96 -10.87
N ASN B 120 -8.15 45.13 -11.42
CA ASN B 120 -8.29 44.62 -12.77
C ASN B 120 -8.60 43.13 -12.84
N ILE B 121 -9.59 42.78 -13.65
CA ILE B 121 -9.93 41.39 -13.87
C ILE B 121 -9.44 40.90 -15.22
N ILE B 122 -8.57 39.89 -15.19
CA ILE B 122 -8.08 39.28 -16.43
C ILE B 122 -8.60 37.85 -16.63
N GLY B 123 -8.30 37.29 -17.81
CA GLY B 123 -8.73 35.96 -18.18
C GLY B 123 -7.64 35.25 -18.98
N GLU B 124 -7.89 34.00 -19.35
CA GLU B 124 -6.90 33.20 -20.06
C GLU B 124 -6.14 34.02 -21.09
N ASP B 125 -6.88 34.77 -21.89
CA ASP B 125 -6.36 35.30 -23.14
C ASP B 125 -5.83 36.74 -23.09
N ASP B 126 -5.80 37.34 -21.91
CA ASP B 126 -5.34 38.71 -21.79
C ASP B 126 -3.81 38.80 -21.77
N ILE B 127 -3.27 39.80 -22.45
CA ILE B 127 -1.87 40.19 -22.29
C ILE B 127 -1.83 41.64 -21.80
N VAL B 128 -1.05 41.90 -20.76
CA VAL B 128 -0.86 43.27 -20.31
C VAL B 128 0.59 43.67 -20.61
N LYS B 129 0.75 44.67 -21.46
CA LYS B 129 2.08 45.10 -21.92
C LYS B 129 2.56 46.34 -21.20
N PHE B 130 3.87 46.43 -21.01
CA PHE B 130 4.52 47.61 -20.45
C PHE B 130 5.67 47.95 -21.38
N ARG B 131 6.43 49.00 -21.09
CA ARG B 131 7.53 49.41 -21.94
C ARG B 131 8.32 48.20 -22.45
N LYS B 132 9.06 47.57 -21.55
CA LYS B 132 9.95 46.47 -21.90
C LYS B 132 9.61 45.17 -21.16
N THR B 133 8.34 44.80 -21.13
CA THR B 133 7.89 43.74 -20.25
C THR B 133 6.41 43.47 -20.45
N ALA B 134 6.05 42.19 -20.60
CA ALA B 134 4.65 41.84 -20.86
C ALA B 134 4.21 40.66 -20.03
N VAL B 135 2.93 40.62 -19.65
CA VAL B 135 2.44 39.56 -18.77
C VAL B 135 1.26 38.75 -19.32
N SER B 136 1.47 37.44 -19.49
CA SER B 136 0.41 36.54 -19.99
C SER B 136 0.04 35.44 -18.99
N PHE B 137 -1.01 34.69 -19.30
CA PHE B 137 -1.58 33.76 -18.33
C PHE B 137 -1.94 32.42 -18.93
N PHE B 138 -1.93 31.39 -18.08
CA PHE B 138 -2.36 30.04 -18.46
C PHE B 138 -3.04 29.31 -17.28
N ARG B 139 -4.16 28.70 -17.57
CA ARG B 139 -4.99 28.09 -16.53
C ARG B 139 -4.33 26.85 -15.92
N THR B 140 -4.37 26.73 -14.58
CA THR B 140 -3.89 25.54 -13.88
C THR B 140 -4.99 24.95 -13.00
N THR B 141 -4.69 23.84 -12.34
CA THR B 141 -5.62 23.22 -11.35
C THR B 141 -5.05 23.23 -9.93
N HIS B 142 -5.91 23.47 -8.94
CA HIS B 142 -5.49 23.70 -7.56
C HIS B 142 -6.73 23.52 -6.66
N SER B 143 -6.59 23.73 -5.35
CA SER B 143 -7.69 23.47 -4.42
C SER B 143 -8.72 24.59 -4.33
N ILE B 144 -8.64 25.53 -5.28
CA ILE B 144 -9.56 26.65 -5.40
C ILE B 144 -9.78 26.93 -6.87
N PRO B 145 -10.98 27.38 -7.23
CA PRO B 145 -11.25 27.66 -8.64
C PRO B 145 -10.45 28.81 -9.22
N ASP B 146 -10.41 28.83 -10.54
CA ASP B 146 -9.98 29.99 -11.30
C ASP B 146 -8.53 30.35 -11.06
N SER B 147 -7.66 29.35 -11.07
CA SER B 147 -6.25 29.59 -10.78
C SER B 147 -5.39 29.69 -12.04
N TYR B 148 -4.50 30.69 -12.06
CA TYR B 148 -3.61 30.91 -13.19
C TYR B 148 -2.13 30.76 -12.82
N GLY B 149 -1.34 30.38 -13.81
CA GLY B 149 0.10 30.50 -13.74
C GLY B 149 0.40 31.76 -14.53
N ILE B 150 1.65 32.20 -14.54
CA ILE B 150 1.97 33.47 -15.16
C ILE B 150 3.24 33.41 -15.97
N VAL B 151 3.23 34.05 -17.13
CA VAL B 151 4.43 34.22 -17.94
C VAL B 151 4.84 35.69 -18.07
N VAL B 152 5.97 36.05 -17.48
CA VAL B 152 6.48 37.42 -17.58
C VAL B 152 7.55 37.49 -18.65
N LYS B 153 7.21 38.07 -19.81
CA LYS B 153 8.18 38.27 -20.89
C LYS B 153 9.07 39.49 -20.64
N THR B 154 10.37 39.28 -20.75
CA THR B 154 11.34 40.34 -20.66
C THR B 154 12.39 40.09 -21.73
N PRO B 155 13.08 41.16 -22.18
CA PRO B 155 14.13 41.03 -23.19
C PRO B 155 15.03 39.81 -22.97
N PRO B 156 15.72 39.73 -21.82
CA PRO B 156 16.71 38.65 -21.67
C PRO B 156 16.11 37.25 -21.77
N GLY B 157 14.78 37.14 -21.76
CA GLY B 157 14.11 35.85 -21.82
C GLY B 157 12.82 35.80 -21.01
N ASN B 158 12.12 34.67 -21.05
CA ASN B 158 10.82 34.57 -20.40
C ASN B 158 10.87 33.88 -19.05
N ILE B 159 10.19 34.47 -18.07
CA ILE B 159 10.05 33.89 -16.73
C ILE B 159 8.66 33.26 -16.53
N VAL B 160 8.62 32.05 -15.95
CA VAL B 160 7.34 31.39 -15.75
C VAL B 160 7.08 31.09 -14.27
N HIS B 161 5.90 31.48 -13.79
CA HIS B 161 5.46 31.22 -12.43
C HIS B 161 4.24 30.26 -12.46
N THR B 162 4.38 29.11 -11.81
CA THR B 162 3.38 28.05 -11.90
C THR B 162 2.15 28.37 -11.09
N GLY B 163 2.26 29.37 -10.24
CA GLY B 163 1.25 29.56 -9.22
C GLY B 163 1.31 28.33 -8.35
N ASP B 164 0.18 27.97 -7.76
CA ASP B 164 0.06 26.71 -7.04
C ASP B 164 -0.65 25.75 -7.97
N PHE B 165 -0.12 24.54 -8.13
CA PHE B 165 -0.69 23.63 -9.12
C PHE B 165 -0.59 22.14 -8.79
N LYS B 166 -1.60 21.42 -9.27
CA LYS B 166 -1.53 19.98 -9.38
C LYS B 166 -1.92 19.66 -10.81
N PHE B 167 -2.02 18.38 -11.13
CA PHE B 167 -2.64 17.98 -12.38
C PHE B 167 -3.84 17.10 -12.11
N ASP B 168 -4.92 17.39 -12.82
CA ASP B 168 -6.16 16.66 -12.65
C ASP B 168 -6.74 16.57 -14.05
N PHE B 169 -6.84 15.33 -14.57
CA PHE B 169 -7.30 15.13 -15.94
C PHE B 169 -8.81 14.96 -15.98
N THR B 170 -9.41 14.93 -14.80
CA THR B 170 -10.85 14.86 -14.66
C THR B 170 -11.36 15.87 -13.61
N PRO B 171 -11.09 17.17 -13.84
CA PRO B 171 -11.29 18.18 -12.81
C PRO B 171 -12.75 18.53 -12.71
N VAL B 172 -13.14 19.23 -11.64
CA VAL B 172 -14.50 19.71 -11.52
C VAL B 172 -14.65 20.99 -12.34
N GLY B 173 -13.59 21.79 -12.38
CA GLY B 173 -13.58 23.05 -13.11
C GLY B 173 -13.03 22.97 -14.52
N GLU B 174 -12.60 24.12 -15.05
CA GLU B 174 -12.00 24.18 -16.38
C GLU B 174 -10.62 23.54 -16.34
N PRO B 175 -10.39 22.60 -17.25
CA PRO B 175 -9.16 21.78 -17.27
C PRO B 175 -7.92 22.64 -17.49
N ALA B 176 -6.84 22.31 -16.79
CA ALA B 176 -5.58 23.02 -16.93
C ALA B 176 -5.13 23.07 -18.39
N ASN B 177 -4.64 24.23 -18.83
CA ASN B 177 -4.28 24.41 -20.24
C ASN B 177 -2.94 23.81 -20.61
N LEU B 178 -2.93 22.51 -20.88
CA LEU B 178 -1.69 21.79 -21.17
C LEU B 178 -1.15 22.22 -22.50
N THR B 179 -2.05 22.43 -23.46
CA THR B 179 -1.65 22.86 -24.78
C THR B 179 -0.79 24.11 -24.63
N LYS B 180 -1.30 25.08 -23.88
CA LYS B 180 -0.63 26.39 -23.72
C LYS B 180 0.67 26.30 -22.93
N MET B 181 0.73 25.39 -21.97
CA MET B 181 1.96 25.19 -21.23
C MET B 181 3.04 24.68 -22.16
N ALA B 182 2.66 23.75 -23.04
CA ALA B 182 3.59 23.16 -23.99
C ALA B 182 4.14 24.23 -24.93
N GLU B 183 3.24 25.06 -25.47
CA GLU B 183 3.62 26.22 -26.29
C GLU B 183 4.64 27.10 -25.59
N ILE B 184 4.34 27.46 -24.34
CA ILE B 184 5.20 28.33 -23.54
C ILE B 184 6.62 27.80 -23.47
N GLY B 185 6.76 26.49 -23.33
CA GLY B 185 8.07 25.88 -23.25
C GLY B 185 8.81 25.96 -24.57
N LYS B 186 8.06 25.73 -25.66
CA LYS B 186 8.57 25.77 -27.03
C LYS B 186 9.08 27.16 -27.36
N GLU B 187 8.26 28.16 -27.07
CA GLU B 187 8.59 29.57 -27.26
C GLU B 187 9.87 29.97 -26.55
N GLY B 188 10.29 29.14 -25.58
CA GLY B 188 11.52 29.38 -24.85
C GLY B 188 11.26 29.96 -23.47
N VAL B 189 11.96 29.42 -22.49
CA VAL B 189 11.79 29.84 -21.11
C VAL B 189 13.10 29.98 -20.36
N LEU B 190 13.40 31.21 -19.95
CA LEU B 190 14.65 31.52 -19.26
C LEU B 190 14.68 30.89 -17.86
N CYS B 191 13.59 31.00 -17.11
CA CYS B 191 13.54 30.47 -15.75
C CYS B 191 12.13 30.12 -15.31
N LEU B 192 12.02 29.04 -14.53
CA LEU B 192 10.74 28.54 -14.01
C LEU B 192 10.67 28.62 -12.49
N LEU B 193 9.62 29.25 -11.97
CA LEU B 193 9.38 29.24 -10.52
C LEU B 193 8.25 28.24 -10.30
N SER B 194 8.55 27.10 -9.71
CA SER B 194 7.56 26.03 -9.61
C SER B 194 7.20 25.70 -8.17
N ASP B 195 5.93 25.36 -7.97
CA ASP B 195 5.37 25.09 -6.64
C ASP B 195 5.98 23.82 -6.02
N SER B 196 6.69 23.98 -4.90
CA SER B 196 7.43 22.85 -4.32
C SER B 196 6.70 22.12 -3.22
N THR B 197 5.50 22.58 -2.85
CA THR B 197 4.93 22.14 -1.59
C THR B 197 4.80 20.62 -1.38
N ASN B 198 4.39 19.89 -2.41
CA ASN B 198 4.13 18.46 -2.25
C ASN B 198 5.22 17.55 -2.84
N SER B 199 6.43 18.08 -2.91
CA SER B 199 7.49 17.44 -3.69
C SER B 199 8.07 16.20 -3.01
N GLU B 200 7.73 15.99 -1.74
CA GLU B 200 8.23 14.81 -1.04
C GLU B 200 7.36 13.57 -1.31
N ASN B 201 6.21 13.76 -1.96
CA ASN B 201 5.29 12.67 -2.22
C ASN B 201 5.36 12.24 -3.67
N PRO B 202 5.71 10.96 -3.88
CA PRO B 202 5.98 10.32 -5.17
C PRO B 202 4.73 10.00 -5.94
N GLU B 203 3.60 9.99 -5.22
CA GLU B 203 2.34 9.51 -5.77
C GLU B 203 1.66 10.56 -6.65
N PHE B 204 0.76 10.10 -7.48
CA PHE B 204 0.00 10.99 -8.32
C PHE B 204 -1.26 11.38 -7.59
N THR B 205 -1.50 12.68 -7.52
CA THR B 205 -2.63 13.24 -6.76
C THR B 205 -3.97 12.70 -7.24
N MET B 206 -4.76 12.19 -6.30
CA MET B 206 -6.10 11.73 -6.61
C MET B 206 -6.96 12.88 -7.15
N SER B 207 -7.87 12.57 -8.07
CA SER B 207 -8.67 13.61 -8.74
C SER B 207 -9.84 14.05 -7.88
N GLU B 208 -10.24 15.32 -7.97
CA GLU B 208 -11.44 15.75 -7.23
C GLU B 208 -12.64 14.91 -7.67
N ARG B 209 -12.65 14.49 -8.93
CA ARG B 209 -13.68 13.59 -9.40
C ARG B 209 -13.83 12.40 -8.46
N ARG B 210 -12.72 11.86 -7.97
CA ARG B 210 -12.78 10.72 -7.06
C ARG B 210 -13.37 11.06 -5.70
N VAL B 211 -13.10 12.26 -5.18
CA VAL B 211 -13.65 12.60 -3.87
C VAL B 211 -15.13 12.85 -4.00
N GLY B 212 -15.52 13.53 -5.07
CA GLY B 212 -16.92 13.70 -5.39
C GLY B 212 -17.64 12.36 -5.34
N GLU B 213 -17.10 11.38 -6.06
CA GLU B 213 -17.68 10.04 -6.01
C GLU B 213 -17.80 9.55 -4.56
N SER B 214 -16.79 9.82 -3.74
CA SER B 214 -16.79 9.35 -2.35
C SER B 214 -17.82 10.09 -1.52
N ILE B 215 -18.07 11.35 -1.87
CA ILE B 215 -19.07 12.16 -1.21
C ILE B 215 -20.46 11.61 -1.49
N HIS B 216 -20.78 11.46 -2.78
CA HIS B 216 -22.05 10.85 -3.18
C HIS B 216 -22.29 9.50 -2.52
N ASP B 217 -21.24 8.70 -2.39
CA ASP B 217 -21.38 7.41 -1.76
C ASP B 217 -21.79 7.51 -0.30
N ILE B 218 -21.23 8.47 0.41
CA ILE B 218 -21.61 8.67 1.80
C ILE B 218 -23.08 9.04 1.90
N PHE B 219 -23.52 9.96 1.03
CA PHE B 219 -24.88 10.44 1.07
C PHE B 219 -25.91 9.34 0.80
N ARG B 220 -25.50 8.25 0.17
CA ARG B 220 -26.42 7.12 -0.06
C ARG B 220 -26.49 6.17 1.14
N LYS B 221 -25.39 6.07 1.88
CA LYS B 221 -25.27 5.06 2.94
C LYS B 221 -25.78 5.53 4.30
N VAL B 222 -25.62 6.82 4.56
CA VAL B 222 -25.89 7.40 5.88
C VAL B 222 -27.39 7.51 6.19
N ASP B 223 -27.80 6.95 7.33
CA ASP B 223 -29.22 6.92 7.74
C ASP B 223 -29.70 8.19 8.44
N GLY B 224 -28.77 8.93 9.05
CA GLY B 224 -29.11 10.10 9.86
C GLY B 224 -28.61 11.43 9.32
N ARG B 225 -28.34 12.36 10.22
CA ARG B 225 -27.85 13.66 9.80
C ARG B 225 -26.42 13.58 9.29
N ILE B 226 -26.10 14.42 8.31
CA ILE B 226 -24.73 14.51 7.82
C ILE B 226 -24.15 15.88 8.18
N ILE B 227 -23.12 15.90 9.03
CA ILE B 227 -22.41 17.14 9.33
C ILE B 227 -21.11 17.10 8.53
N PHE B 228 -20.95 18.01 7.59
CA PHE B 228 -19.86 17.92 6.62
C PHE B 228 -18.89 19.11 6.72
N ALA B 229 -17.71 18.85 7.29
CA ALA B 229 -16.72 19.90 7.55
C ALA B 229 -15.65 19.94 6.48
N THR B 230 -15.43 21.11 5.90
CA THR B 230 -14.45 21.22 4.84
C THR B 230 -13.89 22.65 4.80
N PHE B 231 -13.15 22.98 3.75
CA PHE B 231 -12.52 24.30 3.69
C PHE B 231 -13.39 25.18 2.85
N ALA B 232 -13.85 26.27 3.45
CA ALA B 232 -14.75 27.20 2.78
C ALA B 232 -14.24 27.61 1.40
N SER B 233 -12.91 27.67 1.25
CA SER B 233 -12.30 28.23 0.06
C SER B 233 -12.32 27.27 -1.13
N ASN B 234 -12.78 26.04 -0.90
CA ASN B 234 -12.80 25.04 -1.96
C ASN B 234 -14.14 25.01 -2.68
N ILE B 235 -14.44 26.07 -3.42
CA ILE B 235 -15.78 26.23 -3.96
C ILE B 235 -16.28 24.93 -4.64
N HIS B 236 -15.41 24.30 -5.43
CA HIS B 236 -15.80 23.12 -6.21
C HIS B 236 -16.18 21.96 -5.33
N ARG B 237 -15.53 21.83 -4.18
CA ARG B 237 -15.81 20.74 -3.26
C ARG B 237 -17.19 21.03 -2.68
N LEU B 238 -17.44 22.30 -2.37
CA LEU B 238 -18.73 22.72 -1.85
C LEU B 238 -19.84 22.35 -2.85
N GLN B 239 -19.61 22.62 -4.12
CA GLN B 239 -20.50 22.20 -5.21
C GLN B 239 -20.81 20.70 -5.17
N GLN B 240 -19.78 19.85 -5.04
CA GLN B 240 -20.01 18.41 -4.97
C GLN B 240 -20.86 18.01 -3.78
N VAL B 241 -20.65 18.69 -2.65
CA VAL B 241 -21.43 18.37 -1.45
C VAL B 241 -22.90 18.72 -1.61
N ILE B 242 -23.17 19.91 -2.16
CA ILE B 242 -24.54 20.34 -2.44
C ILE B 242 -25.25 19.37 -3.38
N GLU B 243 -24.67 19.11 -4.56
CA GLU B 243 -25.18 18.11 -5.49
C GLU B 243 -25.54 16.81 -4.78
N ALA B 244 -24.60 16.25 -4.04
CA ALA B 244 -24.88 15.03 -3.31
C ALA B 244 -26.13 15.20 -2.44
N ALA B 245 -26.19 16.29 -1.69
CA ALA B 245 -27.32 16.57 -0.80
C ALA B 245 -28.63 16.64 -1.58
N VAL B 246 -28.65 17.47 -2.61
CA VAL B 246 -29.81 17.63 -3.46
C VAL B 246 -30.24 16.29 -4.05
N GLN B 247 -29.32 15.66 -4.76
CA GLN B 247 -29.56 14.41 -5.44
C GLN B 247 -29.93 13.29 -4.46
N ASN B 248 -30.03 13.61 -3.17
CA ASN B 248 -30.47 12.62 -2.19
C ASN B 248 -31.61 13.14 -1.34
N GLY B 249 -32.31 14.14 -1.88
CA GLY B 249 -33.43 14.77 -1.21
C GLY B 249 -33.09 15.25 0.18
N ARG B 250 -31.98 16.01 0.26
CA ARG B 250 -31.50 16.55 1.52
C ARG B 250 -31.42 18.05 1.38
N LYS B 251 -31.61 18.75 2.50
CA LYS B 251 -31.53 20.20 2.51
C LYS B 251 -30.22 20.59 3.19
N VAL B 252 -29.68 21.76 2.82
CA VAL B 252 -28.36 22.18 3.28
C VAL B 252 -28.38 23.41 4.19
N ALA B 253 -27.93 23.22 5.43
CA ALA B 253 -27.76 24.33 6.37
C ALA B 253 -26.28 24.71 6.43
N VAL B 254 -25.99 26.00 6.33
CA VAL B 254 -24.61 26.48 6.31
C VAL B 254 -24.17 27.17 7.59
N PHE B 255 -22.98 26.81 8.07
CA PHE B 255 -22.50 27.32 9.35
C PHE B 255 -21.07 27.85 9.26
N GLY B 256 -20.89 29.16 9.44
CA GLY B 256 -19.56 29.77 9.42
C GLY B 256 -19.52 30.95 8.47
N ARG B 257 -18.99 32.09 8.92
CA ARG B 257 -19.12 33.29 8.09
C ARG B 257 -18.39 33.07 6.79
N SER B 258 -17.27 32.36 6.87
CA SER B 258 -16.46 32.09 5.68
C SER B 258 -17.15 31.07 4.76
N MET B 259 -17.89 30.14 5.35
CA MET B 259 -18.65 29.20 4.53
C MET B 259 -19.77 29.92 3.76
N GLU B 260 -20.61 30.67 4.48
CA GLU B 260 -21.65 31.46 3.85
C GLU B 260 -21.02 32.33 2.79
N SER B 261 -19.94 33.01 3.17
CA SER B 261 -19.26 33.97 2.29
C SER B 261 -18.76 33.33 1.00
N ALA B 262 -18.30 32.09 1.11
CA ALA B 262 -17.74 31.37 -0.03
C ALA B 262 -18.84 30.85 -0.95
N ILE B 263 -19.91 30.33 -0.35
CA ILE B 263 -21.08 29.89 -1.09
C ILE B 263 -21.71 31.06 -1.84
N GLU B 264 -21.88 32.19 -1.15
CA GLU B 264 -22.45 33.37 -1.79
C GLU B 264 -21.65 33.76 -3.05
N ILE B 265 -20.35 33.91 -2.91
CA ILE B 265 -19.53 34.30 -4.05
C ILE B 265 -19.39 33.17 -5.07
N GLY B 266 -19.52 31.93 -4.62
CA GLY B 266 -19.50 30.81 -5.50
C GLY B 266 -20.76 30.77 -6.33
N GLN B 267 -21.88 31.16 -5.72
CA GLN B 267 -23.20 31.23 -6.37
C GLN B 267 -23.24 32.28 -7.49
N THR B 268 -23.08 33.55 -7.13
CA THR B 268 -22.80 34.55 -8.12
C THR B 268 -21.50 34.05 -8.74
N LEU B 269 -21.13 34.49 -9.94
CA LEU B 269 -19.84 34.06 -10.49
C LEU B 269 -19.86 32.63 -11.12
N GLY B 270 -20.77 31.79 -10.62
CA GLY B 270 -21.20 30.62 -11.38
C GLY B 270 -20.60 29.26 -11.07
N TYR B 271 -19.94 29.15 -9.93
CA TYR B 271 -19.31 27.91 -9.58
C TYR B 271 -20.27 27.03 -8.80
N ILE B 272 -21.34 27.64 -8.29
CA ILE B 272 -22.31 26.90 -7.50
C ILE B 272 -23.72 27.10 -8.04
N ASN B 273 -24.38 26.00 -8.40
CA ASN B 273 -25.77 26.06 -8.88
C ASN B 273 -26.63 25.03 -8.18
N CYS B 274 -27.77 25.48 -7.67
CA CYS B 274 -28.65 24.66 -6.84
C CYS B 274 -30.08 25.16 -7.00
N PRO B 275 -31.04 24.25 -6.79
CA PRO B 275 -32.46 24.58 -6.96
C PRO B 275 -33.08 25.26 -5.74
N LYS B 276 -34.09 26.11 -6.01
CA LYS B 276 -35.09 26.56 -5.04
C LYS B 276 -34.78 26.38 -3.55
N ASN B 277 -35.61 25.56 -2.90
CA ASN B 277 -35.50 25.29 -1.47
C ASN B 277 -34.59 24.10 -1.19
N THR B 278 -33.30 24.28 -1.52
CA THR B 278 -32.25 23.37 -1.06
C THR B 278 -31.63 23.95 0.20
N PHE B 279 -31.41 25.26 0.20
CA PHE B 279 -30.87 25.92 1.40
C PHE B 279 -31.89 26.23 2.48
N ILE B 280 -31.45 26.10 3.72
CA ILE B 280 -32.33 26.09 4.87
C ILE B 280 -31.83 27.06 5.93
N GLU B 281 -32.73 27.58 6.77
CA GLU B 281 -32.34 28.49 7.84
C GLU B 281 -32.05 27.74 9.12
N HIS B 282 -31.24 28.32 10.00
CA HIS B 282 -30.75 27.60 11.17
C HIS B 282 -31.84 27.01 12.08
N ASN B 283 -32.91 27.76 12.28
CA ASN B 283 -34.05 27.28 13.08
C ASN B 283 -34.78 26.07 12.47
N GLU B 284 -34.85 26.02 11.14
CA GLU B 284 -35.59 24.98 10.40
C GLU B 284 -35.05 23.58 10.60
N ILE B 285 -33.80 23.48 11.03
CA ILE B 285 -33.17 22.17 11.16
C ILE B 285 -33.96 21.22 12.05
N ASN B 286 -34.06 21.55 13.34
CA ASN B 286 -34.62 20.62 14.33
C ASN B 286 -35.98 20.04 13.94
N ARG B 287 -36.68 20.75 13.05
CA ARG B 287 -37.96 20.30 12.53
C ARG B 287 -37.85 19.01 11.72
N MET B 288 -37.13 19.09 10.61
CA MET B 288 -37.13 17.98 9.65
C MET B 288 -36.40 16.73 10.13
N PRO B 289 -36.68 15.60 9.46
CA PRO B 289 -36.14 14.32 9.90
C PRO B 289 -34.62 14.30 9.71
N ALA B 290 -33.96 13.50 10.52
CA ALA B 290 -32.52 13.32 10.42
C ALA B 290 -32.07 13.26 8.96
N ASN B 291 -32.54 12.24 8.25
CA ASN B 291 -32.01 11.90 6.93
C ASN B 291 -32.35 12.89 5.82
N LYS B 292 -32.69 14.11 6.20
CA LYS B 292 -32.98 15.13 5.20
C LYS B 292 -32.18 16.37 5.51
N VAL B 293 -31.45 16.28 6.61
CA VAL B 293 -30.61 17.37 7.06
C VAL B 293 -29.17 17.13 6.61
N THR B 294 -28.59 18.13 5.96
CA THR B 294 -27.16 18.14 5.77
C THR B 294 -26.59 19.50 6.21
N ILE B 295 -25.80 19.49 7.29
CA ILE B 295 -25.15 20.69 7.84
C ILE B 295 -23.75 20.82 7.25
N LEU B 296 -23.46 21.93 6.61
CA LEU B 296 -22.18 22.10 5.94
C LEU B 296 -21.33 23.23 6.57
N CYS B 297 -20.38 22.87 7.43
CA CYS B 297 -19.72 23.87 8.26
C CYS B 297 -18.22 23.89 8.12
N THR B 298 -17.60 24.76 8.91
CA THR B 298 -16.15 24.91 9.01
C THR B 298 -15.66 24.21 10.28
N GLY B 299 -14.35 24.22 10.49
CA GLY B 299 -13.77 23.72 11.74
C GLY B 299 -13.17 22.34 11.61
N SER B 300 -12.74 22.01 10.40
CA SER B 300 -12.19 20.70 10.10
C SER B 300 -10.77 20.59 10.63
N GLN B 301 -10.26 21.69 11.16
CA GLN B 301 -8.92 21.73 11.70
C GLN B 301 -8.92 21.86 13.22
N GLY B 302 -10.09 21.70 13.83
CA GLY B 302 -10.20 21.71 15.28
C GLY B 302 -10.12 23.09 15.92
N GLU B 303 -9.99 24.13 15.09
CA GLU B 303 -9.94 25.48 15.62
C GLU B 303 -11.15 25.64 16.53
N PRO B 304 -10.93 26.09 17.76
CA PRO B 304 -11.92 25.89 18.82
C PRO B 304 -13.06 26.90 18.80
N MET B 305 -12.92 27.98 18.03
CA MET B 305 -13.96 28.98 17.85
C MET B 305 -14.88 28.61 16.68
N ALA B 306 -14.40 27.75 15.81
CA ALA B 306 -15.16 27.36 14.62
C ALA B 306 -16.39 26.50 14.89
N ALA B 307 -17.22 26.37 13.87
CA ALA B 307 -18.51 25.71 14.00
C ALA B 307 -18.45 24.30 14.61
N LEU B 308 -17.69 23.41 13.99
CA LEU B 308 -17.71 22.00 14.37
C LEU B 308 -17.26 21.79 15.81
N SER B 309 -16.28 22.60 16.24
CA SER B 309 -15.67 22.40 17.53
C SER B 309 -16.66 22.78 18.63
N ARG B 310 -17.42 23.84 18.41
CA ARG B 310 -18.47 24.23 19.36
C ARG B 310 -19.55 23.14 19.44
N ILE B 311 -19.95 22.64 18.29
CA ILE B 311 -20.95 21.57 18.21
C ILE B 311 -20.58 20.35 19.05
N ALA B 312 -19.31 19.99 19.05
CA ALA B 312 -18.88 18.85 19.81
C ALA B 312 -18.53 19.26 21.23
N ASN B 313 -17.62 20.25 21.31
CA ASN B 313 -17.03 20.73 22.56
C ASN B 313 -18.06 21.51 23.33
N GLY B 314 -18.75 20.81 24.23
CA GLY B 314 -19.86 21.40 24.97
C GLY B 314 -20.90 21.81 23.96
N THR B 315 -21.39 23.05 24.08
CA THR B 315 -22.47 23.43 23.20
C THR B 315 -22.28 24.71 22.38
N HIS B 316 -23.02 24.67 21.28
CA HIS B 316 -23.16 25.64 20.22
C HIS B 316 -24.62 26.02 20.37
N ARG B 317 -25.08 27.02 19.63
CA ARG B 317 -26.44 27.49 19.84
C ARG B 317 -27.52 26.52 19.36
N GLN B 318 -27.61 26.39 18.04
CA GLN B 318 -28.72 25.70 17.38
C GLN B 318 -28.45 24.19 17.22
N ILE B 319 -27.19 23.79 17.27
CA ILE B 319 -26.86 22.40 16.96
C ILE B 319 -26.16 21.60 18.05
N SER B 320 -26.68 20.41 18.30
CA SER B 320 -26.11 19.50 19.27
C SER B 320 -25.92 18.17 18.57
N ILE B 321 -25.05 17.32 19.09
CA ILE B 321 -24.84 16.01 18.49
C ILE B 321 -25.88 15.03 19.01
N ASN B 322 -26.70 14.51 18.11
CA ASN B 322 -27.62 13.42 18.47
C ASN B 322 -27.02 12.10 18.02
N PRO B 323 -27.05 11.09 18.89
CA PRO B 323 -26.60 9.78 18.44
C PRO B 323 -27.13 9.46 17.03
N GLY B 324 -26.27 8.90 16.18
CA GLY B 324 -26.62 8.59 14.81
C GLY B 324 -26.08 9.59 13.79
N ASP B 325 -25.72 10.77 14.28
CA ASP B 325 -25.11 11.80 13.45
C ASP B 325 -23.80 11.29 12.85
N THR B 326 -23.56 11.67 11.61
CA THR B 326 -22.30 11.35 10.95
C THR B 326 -21.53 12.62 10.60
N VAL B 327 -20.34 12.79 11.16
CA VAL B 327 -19.49 13.94 10.84
C VAL B 327 -18.40 13.52 9.88
N VAL B 328 -18.16 14.35 8.87
CA VAL B 328 -17.18 14.04 7.82
C VAL B 328 -16.06 15.09 7.78
N PHE B 329 -14.82 14.65 8.01
CA PHE B 329 -13.69 15.56 7.86
C PHE B 329 -13.15 15.50 6.43
N SER B 330 -13.71 16.31 5.55
CA SER B 330 -13.26 16.38 4.15
C SER B 330 -12.08 17.32 4.10
N SER B 331 -11.06 16.96 4.84
CA SER B 331 -9.88 17.77 4.95
C SER B 331 -8.74 16.85 5.31
N SER B 332 -7.55 17.43 5.45
CA SER B 332 -6.45 16.76 6.12
C SER B 332 -5.80 17.74 7.06
N PRO B 333 -5.36 17.24 8.23
CA PRO B 333 -4.82 18.14 9.23
C PRO B 333 -3.53 18.78 8.77
N ILE B 334 -3.56 20.10 8.67
CA ILE B 334 -2.38 20.92 8.51
C ILE B 334 -1.49 20.68 9.73
N PRO B 335 -0.18 20.50 9.51
CA PRO B 335 0.81 20.25 10.56
C PRO B 335 0.62 21.11 11.81
N GLY B 336 0.53 20.44 12.97
CA GLY B 336 0.38 21.13 14.24
C GLY B 336 -1.05 21.28 14.71
N ASN B 337 -1.97 21.03 13.77
CA ASN B 337 -3.40 21.03 14.07
C ASN B 337 -3.87 19.64 14.41
N THR B 338 -2.97 18.69 14.26
CA THR B 338 -3.28 17.31 14.54
C THR B 338 -3.86 17.07 15.95
N ILE B 339 -3.32 17.72 16.98
CA ILE B 339 -3.91 17.59 18.31
C ILE B 339 -5.31 18.19 18.41
N SER B 340 -5.49 19.37 17.83
CA SER B 340 -6.81 20.00 17.80
C SER B 340 -7.82 19.01 17.22
N VAL B 341 -7.56 18.57 16.01
CA VAL B 341 -8.45 17.65 15.35
C VAL B 341 -8.75 16.39 16.18
N SER B 342 -7.75 15.87 16.87
CA SER B 342 -7.99 14.69 17.68
C SER B 342 -8.98 14.99 18.79
N ARG B 343 -8.85 16.17 19.41
CA ARG B 343 -9.72 16.51 20.52
C ARG B 343 -11.17 16.51 20.02
N THR B 344 -11.40 17.25 18.94
CA THR B 344 -12.71 17.33 18.32
C THR B 344 -13.30 15.93 18.07
N ILE B 345 -12.55 15.10 17.38
CA ILE B 345 -12.97 13.74 17.11
C ILE B 345 -13.30 12.95 18.39
N ASN B 346 -12.46 13.05 19.40
CA ASN B 346 -12.79 12.40 20.66
C ASN B 346 -14.14 12.85 21.19
N GLN B 347 -14.40 14.15 21.15
CA GLN B 347 -15.64 14.68 21.72
C GLN B 347 -16.82 14.16 20.91
N LEU B 348 -16.76 14.35 19.59
CA LEU B 348 -17.76 13.81 18.70
C LEU B 348 -18.08 12.34 19.01
N TYR B 349 -17.06 11.51 19.17
CA TYR B 349 -17.30 10.11 19.50
C TYR B 349 -18.01 9.98 20.85
N ARG B 350 -17.60 10.80 21.80
CA ARG B 350 -18.11 10.70 23.15
C ARG B 350 -19.57 11.10 23.14
N ALA B 351 -19.91 12.01 22.24
CA ALA B 351 -21.26 12.54 22.13
C ALA B 351 -22.15 11.65 21.28
N GLY B 352 -21.66 10.46 20.97
CA GLY B 352 -22.44 9.48 20.25
C GLY B 352 -22.43 9.56 18.73
N ALA B 353 -21.61 10.43 18.17
CA ALA B 353 -21.59 10.55 16.72
C ALA B 353 -20.78 9.44 16.07
N GLU B 354 -20.83 9.46 14.75
CA GLU B 354 -20.04 8.56 13.96
C GLU B 354 -19.16 9.46 13.11
N VAL B 355 -17.88 9.14 13.00
CA VAL B 355 -16.97 10.04 12.30
C VAL B 355 -16.33 9.35 11.12
N ILE B 356 -16.31 10.06 9.99
CA ILE B 356 -15.56 9.64 8.82
C ILE B 356 -14.36 10.57 8.59
N HIS B 357 -13.17 10.12 9.00
CA HIS B 357 -11.95 10.91 8.85
C HIS B 357 -10.83 10.04 8.34
N GLY B 358 -9.78 10.65 7.83
CA GLY B 358 -8.62 9.88 7.42
C GLY B 358 -8.47 9.64 5.94
N PRO B 359 -7.42 8.90 5.56
CA PRO B 359 -7.02 8.83 4.16
C PRO B 359 -7.64 7.65 3.42
N LEU B 360 -7.97 6.58 4.16
CA LEU B 360 -8.51 5.35 3.58
C LEU B 360 -9.88 5.58 2.94
N ASN B 361 -10.66 6.51 3.50
CA ASN B 361 -11.84 7.04 2.80
C ASN B 361 -11.33 8.13 1.89
N ASP B 362 -11.88 8.22 0.70
CA ASP B 362 -11.27 9.10 -0.27
C ASP B 362 -12.00 10.41 -0.34
N ILE B 363 -11.98 11.17 0.77
CA ILE B 363 -12.72 12.42 0.89
C ILE B 363 -11.88 13.67 0.86
N HIS B 364 -10.62 13.58 0.44
CA HIS B 364 -9.78 14.77 0.33
C HIS B 364 -8.64 14.51 -0.64
N THR B 365 -8.12 15.56 -1.28
CA THR B 365 -6.85 15.48 -2.00
C THR B 365 -6.10 16.78 -1.82
N SER B 366 -4.79 16.73 -2.06
CA SER B 366 -3.97 17.92 -1.94
C SER B 366 -4.28 18.86 -3.10
N GLY B 367 -4.08 20.15 -2.88
CA GLY B 367 -4.27 21.08 -3.96
C GLY B 367 -2.96 21.19 -4.70
N HIS B 368 -1.92 20.57 -4.13
CA HIS B 368 -0.58 20.64 -4.67
C HIS B 368 -0.11 19.33 -5.22
N GLY B 369 0.31 19.33 -6.49
CA GLY B 369 0.81 18.14 -7.14
C GLY B 369 2.02 17.50 -6.50
N GLY B 370 2.11 16.17 -6.61
CA GLY B 370 3.28 15.43 -6.19
C GLY B 370 4.34 15.30 -7.28
N GLN B 371 5.31 14.42 -7.04
CA GLN B 371 6.51 14.33 -7.88
C GLN B 371 6.28 14.16 -9.35
N GLU B 372 5.34 13.31 -9.75
CA GLU B 372 5.12 13.06 -11.17
C GLU B 372 4.54 14.31 -11.82
N GLU B 373 3.64 14.96 -11.09
CA GLU B 373 3.05 16.20 -11.60
C GLU B 373 4.10 17.30 -11.75
N GLN B 374 4.99 17.38 -10.76
CA GLN B 374 6.00 18.43 -10.79
C GLN B 374 6.91 18.21 -11.96
N LYS B 375 7.14 16.94 -12.30
CA LYS B 375 8.03 16.57 -13.40
C LYS B 375 7.33 16.77 -14.73
N LEU B 376 6.02 16.61 -14.76
CA LEU B 376 5.27 16.91 -15.97
C LEU B 376 5.43 18.41 -16.34
N MET B 377 5.42 19.27 -15.31
CA MET B 377 5.62 20.71 -15.53
C MET B 377 6.96 20.94 -16.18
N LEU B 378 7.98 20.38 -15.54
CA LEU B 378 9.34 20.51 -15.98
C LEU B 378 9.53 20.05 -17.41
N ARG B 379 8.69 19.14 -17.90
CA ARG B 379 8.90 18.62 -19.24
C ARG B 379 7.92 19.23 -20.21
N LEU B 380 7.10 20.13 -19.70
CA LEU B 380 6.24 20.93 -20.56
C LEU B 380 6.91 22.28 -20.85
N ILE B 381 7.47 22.88 -19.80
CA ILE B 381 8.32 24.05 -19.93
C ILE B 381 9.75 23.56 -20.19
N LYS B 382 10.58 24.33 -20.87
CA LYS B 382 11.99 23.95 -20.96
C LYS B 382 12.75 24.99 -20.22
N PRO B 383 12.91 24.82 -18.91
CA PRO B 383 13.59 25.91 -18.21
C PRO B 383 15.11 25.80 -18.42
N LYS B 384 15.78 26.88 -18.81
CA LYS B 384 17.24 26.90 -18.84
C LYS B 384 17.64 26.78 -17.38
N PHE B 385 16.92 27.55 -16.55
CA PHE B 385 17.15 27.63 -15.11
C PHE B 385 15.88 27.39 -14.30
N PHE B 386 16.06 27.03 -13.04
CA PHE B 386 14.99 26.56 -12.18
C PHE B 386 15.13 27.04 -10.74
N MET B 387 14.04 27.61 -10.23
CA MET B 387 13.99 28.15 -8.87
C MET B 387 12.74 27.61 -8.17
N PRO B 388 12.95 26.75 -7.15
CA PRO B 388 11.85 26.12 -6.43
C PRO B 388 11.21 27.16 -5.54
N ILE B 389 9.89 27.27 -5.56
CA ILE B 389 9.19 28.21 -4.68
C ILE B 389 8.10 27.53 -3.87
N HIS B 390 7.53 28.27 -2.94
CA HIS B 390 6.37 27.83 -2.17
C HIS B 390 6.64 26.55 -1.36
N GLY B 391 7.70 26.55 -0.57
CA GLY B 391 7.95 25.42 0.30
C GLY B 391 9.06 25.64 1.33
N GLU B 392 9.10 24.78 2.34
CA GLU B 392 10.18 24.78 3.30
C GLU B 392 11.46 24.31 2.61
N TYR B 393 12.60 24.40 3.28
CA TYR B 393 13.86 24.06 2.61
C TYR B 393 13.85 22.66 1.97
N ARG B 394 13.44 21.65 2.74
CA ARG B 394 13.47 20.29 2.24
C ARG B 394 12.60 20.12 1.01
N MET B 395 11.50 20.86 0.94
CA MET B 395 10.62 20.74 -0.21
C MET B 395 11.31 21.33 -1.42
N GLN B 396 12.02 22.42 -1.21
CA GLN B 396 12.80 22.99 -2.30
C GLN B 396 13.90 22.01 -2.75
N LYS B 397 14.65 21.46 -1.79
CA LYS B 397 15.71 20.51 -2.12
C LYS B 397 15.18 19.37 -2.98
N MET B 398 14.23 18.63 -2.43
CA MET B 398 13.67 17.50 -3.14
C MET B 398 13.15 17.90 -4.52
N HIS B 399 12.59 19.10 -4.62
CA HIS B 399 12.07 19.57 -5.91
C HIS B 399 13.21 19.64 -6.90
N VAL B 400 14.36 20.12 -6.43
CA VAL B 400 15.55 20.25 -7.29
C VAL B 400 16.05 18.88 -7.73
N LYS B 401 16.08 17.92 -6.82
CA LYS B 401 16.39 16.55 -7.25
C LYS B 401 15.47 16.14 -8.41
N LEU B 402 14.22 16.57 -8.38
CA LEU B 402 13.33 16.22 -9.46
C LEU B 402 13.77 16.86 -10.75
N ALA B 403 14.24 18.11 -10.67
CA ALA B 403 14.64 18.85 -11.86
C ALA B 403 15.96 18.33 -12.43
N THR B 404 16.92 18.02 -11.58
CA THR B 404 18.15 17.41 -12.07
C THR B 404 17.89 16.03 -12.74
N ASP B 405 17.06 15.20 -12.08
CA ASP B 405 16.62 13.93 -12.65
C ASP B 405 16.01 14.08 -14.04
N CYS B 406 15.39 15.25 -14.29
CA CYS B 406 14.79 15.53 -15.60
C CYS B 406 15.74 16.18 -16.58
N GLY B 407 17.02 16.23 -16.21
CA GLY B 407 18.07 16.63 -17.13
C GLY B 407 18.67 18.00 -16.91
N ILE B 408 17.95 18.89 -16.24
CA ILE B 408 18.50 20.22 -16.03
C ILE B 408 19.65 20.18 -14.98
N PRO B 409 20.81 20.77 -15.36
CA PRO B 409 22.08 20.66 -14.63
C PRO B 409 21.98 21.28 -13.27
N GLU B 410 22.59 20.66 -12.27
CA GLU B 410 22.49 21.18 -10.91
C GLU B 410 22.96 22.63 -10.74
N GLU B 411 23.87 23.07 -11.61
CA GLU B 411 24.42 24.41 -11.53
C GLU B 411 23.45 25.46 -12.08
N ASN B 412 22.34 24.99 -12.64
CA ASN B 412 21.26 25.86 -13.15
C ASN B 412 20.05 25.85 -12.24
N CYS B 413 20.22 25.25 -11.05
CA CYS B 413 19.13 25.14 -10.08
C CYS B 413 19.49 25.92 -8.83
N PHE B 414 18.61 26.85 -8.45
CA PHE B 414 18.90 27.76 -7.35
C PHE B 414 17.92 27.66 -6.20
N ILE B 415 18.30 26.94 -5.15
CA ILE B 415 17.42 26.89 -3.99
C ILE B 415 17.71 28.13 -3.11
N MET B 416 16.75 29.05 -3.05
CA MET B 416 16.98 30.36 -2.43
C MET B 416 16.23 30.62 -1.14
N ASP B 417 16.59 31.73 -0.51
CA ASP B 417 15.91 32.20 0.69
C ASP B 417 15.17 33.48 0.35
N ASN B 418 14.27 33.90 1.23
CA ASN B 418 13.62 35.18 1.03
C ASN B 418 14.66 36.30 0.96
N GLY B 419 14.57 37.12 -0.08
CA GLY B 419 15.46 38.24 -0.18
C GLY B 419 16.63 38.07 -1.14
N GLU B 420 17.13 36.84 -1.29
CA GLU B 420 18.19 36.61 -2.27
C GLU B 420 17.68 36.94 -3.69
N VAL B 421 18.57 37.36 -4.57
CA VAL B 421 18.18 37.77 -5.93
C VAL B 421 18.88 36.99 -7.04
N LEU B 422 18.11 36.59 -8.04
CA LEU B 422 18.64 35.73 -9.10
C LEU B 422 18.93 36.53 -10.37
N ALA B 423 20.20 36.66 -10.70
CA ALA B 423 20.61 37.32 -11.95
C ALA B 423 20.50 36.36 -13.13
N LEU B 424 19.56 36.65 -14.03
CA LEU B 424 19.22 35.71 -15.10
C LEU B 424 19.51 36.27 -16.49
N LYS B 425 20.35 35.57 -17.23
CA LYS B 425 20.61 35.92 -18.62
C LYS B 425 20.94 34.64 -19.38
N GLY B 426 20.44 34.54 -20.61
CA GLY B 426 20.62 33.34 -21.43
C GLY B 426 21.89 32.51 -21.22
N ASP B 427 23.04 33.19 -21.15
CA ASP B 427 24.32 32.49 -21.02
C ASP B 427 24.86 32.44 -19.59
N GLU B 428 24.20 33.11 -18.66
CA GLU B 428 24.66 33.09 -17.27
C GLU B 428 23.57 33.40 -16.26
N ALA B 429 23.68 32.79 -15.09
CA ALA B 429 22.76 33.03 -13.99
C ALA B 429 23.42 32.77 -12.63
N SER B 430 23.06 33.57 -11.63
CA SER B 430 23.58 33.33 -10.29
C SER B 430 22.85 34.17 -9.23
N VAL B 431 22.97 33.74 -7.98
CA VAL B 431 22.49 34.54 -6.85
C VAL B 431 23.46 35.73 -6.68
N ALA B 432 23.04 36.89 -7.18
CA ALA B 432 23.92 38.06 -7.30
C ALA B 432 23.81 39.09 -6.18
N GLY B 433 23.26 38.68 -5.04
CA GLY B 433 23.12 39.58 -3.92
C GLY B 433 21.73 39.64 -3.31
N LYS B 434 21.63 40.31 -2.16
CA LYS B 434 20.39 40.37 -1.38
C LYS B 434 19.57 41.67 -1.55
N ILE B 435 18.40 41.69 -0.93
CA ILE B 435 17.47 42.81 -0.97
C ILE B 435 16.95 42.89 0.46
N PRO B 436 16.51 44.07 0.88
CA PRO B 436 16.04 44.10 2.26
C PRO B 436 14.78 43.25 2.38
N SER B 437 14.78 42.33 3.33
CA SER B 437 13.64 41.46 3.50
C SER B 437 13.49 41.07 4.96
N GLY B 438 12.32 40.54 5.28
CA GLY B 438 12.07 40.06 6.62
C GLY B 438 10.63 39.70 6.87
N SER B 439 10.29 39.57 8.15
CA SER B 439 8.92 39.31 8.57
C SER B 439 8.42 40.48 9.44
N VAL B 440 7.14 40.83 9.27
CA VAL B 440 6.53 41.97 9.96
C VAL B 440 5.28 41.50 10.69
N TYR B 441 5.19 41.76 11.99
CA TYR B 441 4.12 41.17 12.81
C TYR B 441 2.87 42.03 12.89
N ILE B 442 1.75 41.38 13.22
CA ILE B 442 0.45 42.00 13.25
C ILE B 442 -0.37 41.48 14.43
N ASP B 443 -0.52 42.29 15.48
CA ASP B 443 -1.40 41.95 16.59
C ASP B 443 -2.34 43.14 16.68
N GLY B 444 -3.64 42.88 16.83
CA GLY B 444 -4.61 43.96 16.87
C GLY B 444 -4.53 44.91 15.68
N SER B 445 -4.67 46.20 15.95
CA SER B 445 -4.58 47.23 14.93
C SER B 445 -3.14 47.60 14.66
N GLY B 446 -2.24 47.05 15.47
CA GLY B 446 -0.81 47.25 15.30
C GLY B 446 -0.32 46.51 14.06
N ILE B 447 0.58 47.15 13.31
CA ILE B 447 1.17 46.58 12.09
C ILE B 447 2.66 46.83 12.13
N GLY B 448 3.42 45.84 12.59
CA GLY B 448 4.85 46.00 12.81
C GLY B 448 5.07 46.80 14.08
N ASP B 449 4.03 46.80 14.91
CA ASP B 449 3.95 47.64 16.10
C ASP B 449 4.49 46.91 17.31
N ILE B 450 4.77 45.62 17.12
CA ILE B 450 5.19 44.79 18.24
C ILE B 450 6.48 44.05 17.91
N GLY B 451 7.56 44.49 18.56
CA GLY B 451 8.88 43.99 18.28
C GLY B 451 9.16 42.66 18.92
N ASN B 452 10.45 42.31 18.98
CA ASN B 452 10.88 41.11 19.67
C ASN B 452 10.99 41.37 21.15
N ILE B 453 11.37 42.59 21.50
CA ILE B 453 11.56 42.90 22.90
C ILE B 453 10.22 42.82 23.64
N VAL B 454 9.14 43.10 22.93
CA VAL B 454 7.80 42.82 23.46
C VAL B 454 7.52 41.32 23.61
N LEU B 455 7.82 40.55 22.56
CA LEU B 455 7.56 39.09 22.58
C LEU B 455 8.39 38.32 23.60
N ARG B 456 9.56 38.82 23.95
CA ARG B 456 10.39 38.17 24.98
C ARG B 456 9.74 38.30 26.35
N ASP B 457 9.12 39.47 26.59
CA ASP B 457 8.29 39.70 27.77
C ASP B 457 7.08 38.74 27.83
N ARG B 458 6.33 38.62 26.73
CA ARG B 458 5.18 37.70 26.71
C ARG B 458 5.61 36.29 27.03
N ARG B 459 6.67 35.83 26.37
CA ARG B 459 7.26 34.52 26.65
C ARG B 459 7.61 34.38 28.14
N ILE B 460 8.43 35.30 28.65
CA ILE B 460 8.87 35.24 30.04
C ILE B 460 7.71 35.14 31.01
N LEU B 461 6.74 36.04 30.83
CA LEU B 461 5.50 35.99 31.58
C LEU B 461 4.89 34.60 31.56
N SER B 462 4.74 34.04 30.36
CA SER B 462 3.96 32.83 30.14
C SER B 462 4.57 31.57 30.72
N GLU B 463 5.87 31.57 31.01
CA GLU B 463 6.49 30.37 31.52
C GLU B 463 6.58 30.43 33.04
N GLU B 464 6.72 31.65 33.56
CA GLU B 464 7.13 31.85 34.95
C GLU B 464 6.14 32.61 35.85
N GLY B 465 5.30 33.45 35.25
CA GLY B 465 4.40 34.30 36.01
C GLY B 465 5.05 35.63 36.40
N LEU B 466 4.36 36.45 37.15
CA LEU B 466 5.00 37.65 37.70
C LEU B 466 4.54 37.95 39.11
N VAL B 467 5.41 38.59 39.89
CA VAL B 467 4.94 39.09 41.16
C VAL B 467 5.28 40.55 41.29
N ILE B 468 4.26 41.34 41.62
CA ILE B 468 4.39 42.79 41.74
C ILE B 468 4.57 43.21 43.18
N VAL B 469 5.66 43.94 43.45
CA VAL B 469 5.87 44.51 44.78
C VAL B 469 5.65 46.01 44.69
N VAL B 470 4.68 46.50 45.45
CA VAL B 470 4.33 47.91 45.40
C VAL B 470 4.40 48.57 46.79
N VAL B 471 5.08 49.70 46.87
CA VAL B 471 5.23 50.46 48.11
C VAL B 471 4.96 51.94 47.94
N SER B 472 4.32 52.54 48.95
CA SER B 472 4.20 53.98 49.04
C SER B 472 5.21 54.46 50.08
N ILE B 473 6.03 55.43 49.70
CA ILE B 473 7.04 56.00 50.58
C ILE B 473 6.97 57.50 50.49
N ASP B 474 6.95 58.20 51.62
CA ASP B 474 7.11 59.66 51.57
C ASP B 474 8.47 60.02 52.13
N MET B 475 9.35 60.33 51.20
CA MET B 475 10.79 60.25 51.35
C MET B 475 11.36 61.54 51.85
N ASP B 476 10.74 62.11 52.87
CA ASP B 476 11.18 63.36 53.43
C ASP B 476 11.77 63.05 54.81
N ASP B 477 11.01 62.30 55.61
CA ASP B 477 11.58 61.61 56.76
C ASP B 477 11.74 60.12 56.46
N PHE B 478 12.06 59.84 55.20
CA PHE B 478 12.46 58.51 54.73
C PHE B 478 11.65 57.42 55.40
N LYS B 479 10.35 57.41 55.14
CA LYS B 479 9.54 56.38 55.77
C LYS B 479 8.63 55.68 54.78
N ILE B 480 8.45 54.38 55.04
CA ILE B 480 7.56 53.53 54.25
C ILE B 480 6.13 53.63 54.78
N SER B 481 5.27 54.36 54.06
CA SER B 481 3.95 54.69 54.59
C SER B 481 2.85 53.73 54.11
N ALA B 482 3.22 52.76 53.30
CA ALA B 482 2.29 51.71 52.88
C ALA B 482 3.04 50.58 52.16
N GLY B 483 2.71 49.34 52.49
CA GLY B 483 3.39 48.21 51.87
C GLY B 483 4.56 47.68 52.70
N PRO B 484 5.37 46.80 52.11
CA PRO B 484 5.29 46.38 50.71
C PRO B 484 4.17 45.37 50.53
N ASP B 485 3.33 45.57 49.53
CA ASP B 485 2.32 44.58 49.19
C ASP B 485 2.74 43.73 47.97
N LEU B 486 2.60 42.41 48.10
CA LEU B 486 2.83 41.52 46.96
C LEU B 486 1.50 41.17 46.33
N ILE B 487 1.41 41.37 45.02
CA ILE B 487 0.31 40.84 44.25
C ILE B 487 0.86 40.06 43.05
N SER B 488 0.44 38.79 42.92
CA SER B 488 1.02 37.84 41.97
C SER B 488 -0.02 37.27 40.98
N ARG B 489 0.46 36.90 39.79
CA ARG B 489 -0.36 36.22 38.78
C ARG B 489 0.44 35.21 37.99
N GLY B 490 -0.08 34.01 37.85
CA GLY B 490 0.61 33.02 37.03
C GLY B 490 1.83 32.44 37.70
N PHE B 491 1.99 32.74 38.98
CA PHE B 491 3.13 32.23 39.73
C PHE B 491 2.75 31.13 40.72
N VAL B 492 1.66 31.30 41.45
CA VAL B 492 1.21 30.24 42.36
C VAL B 492 -0.24 30.34 42.81
N ILE B 501 3.73 33.50 49.77
CA ILE B 501 3.95 34.92 49.47
C ILE B 501 3.73 35.78 50.70
N ASN B 502 3.19 35.20 51.77
CA ASN B 502 3.08 35.92 53.03
C ASN B 502 4.46 36.04 53.71
N ASP B 503 5.22 34.94 53.73
CA ASP B 503 6.60 34.97 54.22
C ASP B 503 7.46 35.95 53.44
N ALA B 504 7.23 35.99 52.13
CA ALA B 504 7.94 36.90 51.22
C ALA B 504 7.57 38.36 51.48
N GLN B 505 6.29 38.63 51.72
CA GLN B 505 5.81 39.96 52.07
C GLN B 505 6.49 40.47 53.34
N GLU B 506 6.97 39.54 54.16
CA GLU B 506 7.64 39.90 55.39
C GLU B 506 9.13 40.08 55.14
N LEU B 507 9.71 39.14 54.43
CA LEU B 507 11.11 39.23 54.04
C LEU B 507 11.41 40.59 53.44
N ILE B 508 10.59 40.99 52.46
CA ILE B 508 10.77 42.27 51.75
C ILE B 508 10.34 43.47 52.57
N SER B 509 9.70 43.24 53.71
CA SER B 509 9.38 44.32 54.61
C SER B 509 10.54 44.57 55.60
N ASN B 510 10.86 43.58 56.43
CA ASN B 510 12.00 43.68 57.34
C ASN B 510 13.23 44.27 56.67
N HIS B 511 13.51 43.80 55.46
CA HIS B 511 14.68 44.23 54.72
C HIS B 511 14.52 45.65 54.18
N LEU B 512 13.31 45.99 53.73
CA LEU B 512 13.07 47.28 53.11
C LEU B 512 13.14 48.38 54.16
N GLN B 513 12.93 47.99 55.41
CA GLN B 513 13.00 48.92 56.53
C GLN B 513 14.45 49.26 56.84
N LYS B 514 15.31 48.23 56.85
CA LYS B 514 16.74 48.43 57.06
C LYS B 514 17.35 49.29 55.95
N VAL B 515 16.68 49.33 54.80
CA VAL B 515 17.17 50.08 53.65
C VAL B 515 16.75 51.55 53.72
N MET B 516 15.67 51.81 54.44
CA MET B 516 15.20 53.18 54.66
C MET B 516 15.91 53.85 55.82
N GLU B 517 16.16 53.11 56.90
CA GLU B 517 16.92 53.64 58.03
C GLU B 517 18.22 54.20 57.48
N ARG B 518 18.90 53.37 56.68
CA ARG B 518 20.09 53.79 55.93
C ARG B 518 19.90 55.12 55.17
N LYS B 519 18.93 55.19 54.27
CA LYS B 519 18.38 56.47 53.82
C LYS B 519 19.08 57.21 52.69
N THR B 520 20.36 56.92 52.41
CA THR B 520 21.02 57.61 51.27
C THR B 520 20.36 57.06 50.00
N THR B 521 19.08 56.72 50.17
CA THR B 521 18.34 55.95 49.19
C THR B 521 17.72 56.77 48.05
N GLN B 522 18.19 56.44 46.85
CA GLN B 522 17.64 56.87 45.58
C GLN B 522 16.50 55.95 45.20
N TRP B 523 16.06 56.09 43.97
CA TRP B 523 14.91 55.34 43.56
C TRP B 523 15.28 54.01 42.94
N SER B 524 16.24 54.03 42.03
CA SER B 524 16.60 52.81 41.34
C SER B 524 17.22 51.76 42.27
N GLU B 525 17.86 52.19 43.35
CA GLU B 525 18.50 51.26 44.28
C GLU B 525 17.47 50.46 45.08
N ILE B 526 16.29 51.03 45.27
CA ILE B 526 15.25 50.37 46.05
C ILE B 526 14.62 49.26 45.22
N LYS B 527 14.18 49.62 44.01
CA LYS B 527 13.71 48.61 43.09
C LYS B 527 14.69 47.45 43.06
N ASN B 528 15.96 47.74 42.85
CA ASN B 528 16.99 46.73 42.85
C ASN B 528 17.11 45.94 44.16
N GLU B 529 17.03 46.63 45.29
CA GLU B 529 17.15 45.95 46.57
C GLU B 529 15.98 45.00 46.81
N ILE B 530 14.79 45.36 46.31
CA ILE B 530 13.61 44.50 46.35
C ILE B 530 13.83 43.25 45.50
N THR B 531 14.04 43.48 44.20
CA THR B 531 14.24 42.41 43.24
C THR B 531 15.35 41.51 43.70
N ASP B 532 16.51 42.12 44.01
CA ASP B 532 17.73 41.34 44.25
C ASP B 532 17.68 40.49 45.52
N THR B 533 16.67 40.71 46.37
CA THR B 533 16.54 39.90 47.58
C THR B 533 15.28 39.03 47.61
N LEU B 534 14.26 39.39 46.81
CA LEU B 534 13.04 38.58 46.65
C LEU B 534 13.24 37.38 45.70
N ALA B 535 13.68 37.67 44.48
CA ALA B 535 13.99 36.66 43.48
C ALA B 535 14.62 35.38 44.03
N PRO B 536 15.75 35.48 44.77
CA PRO B 536 16.46 34.29 45.27
C PRO B 536 15.66 33.50 46.31
N PHE B 537 14.79 34.19 47.05
CA PHE B 537 13.96 33.55 48.05
C PHE B 537 12.85 32.76 47.37
N LEU B 538 12.23 33.37 46.36
CA LEU B 538 11.26 32.64 45.58
C LEU B 538 11.95 31.46 44.92
N TYR B 539 13.03 31.68 44.18
CA TYR B 539 13.71 30.54 43.58
C TYR B 539 14.00 29.44 44.59
N GLU B 540 14.37 29.82 45.80
CA GLU B 540 14.70 28.84 46.84
C GLU B 540 13.48 27.98 47.16
N LYS B 541 12.35 28.63 47.37
CA LYS B 541 11.13 27.95 47.80
C LYS B 541 10.39 27.25 46.67
N THR B 542 10.60 27.74 45.46
CA THR B 542 9.64 27.42 44.43
C THR B 542 10.32 26.92 43.17
N LYS B 543 11.65 26.96 43.21
CA LYS B 543 12.49 26.62 42.07
C LYS B 543 11.96 27.25 40.80
N ARG B 544 11.14 28.27 40.95
CA ARG B 544 10.70 29.07 39.81
C ARG B 544 11.24 30.49 39.83
N ARG B 545 11.09 31.15 38.70
CA ARG B 545 11.73 32.42 38.50
C ARG B 545 10.73 33.41 37.88
N PRO B 546 9.76 33.85 38.67
CA PRO B 546 8.70 34.72 38.17
C PRO B 546 9.34 36.05 37.83
N MET B 547 8.71 36.81 36.94
CA MET B 547 9.17 38.17 36.65
C MET B 547 8.77 39.01 37.82
N ILE B 548 9.76 39.50 38.54
CA ILE B 548 9.48 40.27 39.74
C ILE B 548 9.72 41.74 39.41
N LEU B 549 8.69 42.56 39.57
CA LEU B 549 8.85 43.96 39.20
C LEU B 549 8.25 44.95 40.20
N PRO B 550 9.12 45.73 40.87
CA PRO B 550 8.72 46.64 41.95
C PRO B 550 8.22 47.96 41.39
N ILE B 551 7.16 48.46 42.02
CA ILE B 551 6.61 49.75 41.70
C ILE B 551 6.65 50.63 42.95
N ILE B 552 7.25 51.81 42.83
CA ILE B 552 7.30 52.74 43.94
C ILE B 552 6.44 53.97 43.71
N MET B 553 5.68 54.33 44.75
CA MET B 553 4.83 55.51 44.77
C MET B 553 5.43 56.50 45.76
N GLU B 554 5.64 57.74 45.34
CA GLU B 554 6.08 58.76 46.28
C GLU B 554 4.87 59.59 46.74
N VAL B 555 4.65 59.59 48.05
CA VAL B 555 3.47 60.21 48.64
C VAL B 555 3.83 61.24 49.73
N ASN C 6 -17.40 7.82 -48.23
CA ASN C 6 -17.93 8.92 -49.04
C ASN C 6 -16.97 10.14 -49.22
N ASP C 7 -17.08 11.11 -48.33
CA ASP C 7 -16.15 12.25 -48.23
C ASP C 7 -15.55 12.20 -46.83
N GLN C 8 -15.44 10.97 -46.32
CA GLN C 8 -15.01 10.70 -44.97
C GLN C 8 -13.74 9.85 -45.05
N THR C 9 -13.08 9.67 -43.91
CA THR C 9 -11.91 8.80 -43.81
C THR C 9 -12.29 7.51 -43.11
N ALA C 10 -11.68 6.40 -43.53
CA ALA C 10 -11.94 5.09 -42.90
C ALA C 10 -10.76 4.66 -42.04
N VAL C 11 -11.09 3.95 -40.97
CA VAL C 11 -10.12 3.51 -40.01
C VAL C 11 -10.57 2.12 -39.59
N PHE C 12 -9.62 1.18 -39.48
CA PHE C 12 -9.96 -0.21 -39.14
C PHE C 12 -8.74 -1.04 -38.76
N ALA C 13 -9.00 -2.20 -38.20
CA ALA C 13 -7.93 -3.10 -37.79
C ALA C 13 -8.13 -4.46 -38.44
N LEU C 14 -7.03 -5.09 -38.86
CA LEU C 14 -7.08 -6.43 -39.43
C LEU C 14 -6.71 -7.43 -38.34
N GLY C 15 -6.17 -6.91 -37.25
CA GLY C 15 -5.85 -7.67 -36.07
C GLY C 15 -5.36 -6.71 -35.01
N GLY C 16 -5.49 -7.08 -33.75
CA GLY C 16 -5.05 -6.21 -32.66
C GLY C 16 -6.16 -5.73 -31.74
N LEU C 17 -7.41 -5.98 -32.13
CA LEU C 17 -8.54 -5.59 -31.30
C LEU C 17 -9.22 -6.83 -30.72
N GLY C 18 -9.50 -6.79 -29.42
CA GLY C 18 -10.16 -7.89 -28.74
C GLY C 18 -9.16 -8.95 -28.36
N GLU C 19 -7.89 -8.56 -28.52
CA GLU C 19 -6.75 -9.45 -28.32
C GLU C 19 -5.50 -8.62 -28.09
N ILE C 20 -4.48 -9.27 -27.52
CA ILE C 20 -3.13 -8.73 -27.55
C ILE C 20 -2.38 -9.52 -28.62
N GLY C 21 -2.10 -8.87 -29.75
CA GLY C 21 -1.29 -9.47 -30.78
C GLY C 21 -1.77 -9.16 -32.18
N LYS C 22 -0.97 -9.47 -33.19
CA LYS C 22 -1.43 -9.32 -34.56
C LYS C 22 -1.66 -7.88 -34.93
N ASN C 23 -1.21 -6.93 -34.12
CA ASN C 23 -1.58 -5.54 -34.36
C ASN C 23 -1.24 -5.11 -35.79
N THR C 24 -2.27 -5.02 -36.62
CA THR C 24 -2.14 -4.43 -37.94
C THR C 24 -3.35 -3.48 -38.17
N TYR C 25 -3.07 -2.18 -38.28
CA TYR C 25 -4.13 -1.17 -38.44
C TYR C 25 -4.02 -0.44 -39.76
N ALA C 26 -5.14 0.11 -40.20
CA ALA C 26 -5.16 0.83 -41.47
C ALA C 26 -6.02 2.07 -41.41
N VAL C 27 -5.58 3.13 -42.08
CA VAL C 27 -6.41 4.30 -42.37
C VAL C 27 -6.50 4.50 -43.89
N GLN C 28 -7.73 4.61 -44.40
CA GLN C 28 -7.96 4.69 -45.84
C GLN C 28 -8.86 5.85 -46.22
N PHE C 29 -8.39 6.63 -47.18
CA PHE C 29 -9.15 7.76 -47.72
C PHE C 29 -9.19 7.68 -49.24
N GLN C 30 -10.36 7.36 -49.78
CA GLN C 30 -10.51 7.13 -51.22
C GLN C 30 -9.52 6.07 -51.75
N ASP C 31 -8.70 6.43 -52.73
CA ASP C 31 -7.83 5.45 -53.38
C ASP C 31 -6.47 5.28 -52.69
N GLU C 32 -6.24 6.02 -51.60
CA GLU C 32 -5.00 5.88 -50.82
C GLU C 32 -5.28 5.20 -49.49
N ILE C 33 -4.33 4.39 -49.02
CA ILE C 33 -4.52 3.65 -47.78
C ILE C 33 -3.21 3.38 -47.07
N VAL C 34 -3.12 3.90 -45.85
CA VAL C 34 -1.89 3.82 -45.06
C VAL C 34 -2.00 2.70 -44.01
N LEU C 35 -0.99 1.83 -43.95
CA LEU C 35 -0.98 0.75 -42.97
C LEU C 35 -0.10 1.10 -41.78
N ILE C 36 -0.59 0.81 -40.58
CA ILE C 36 0.25 0.97 -39.40
C ILE C 36 0.44 -0.36 -38.69
N ASP C 37 1.69 -0.81 -38.60
CA ASP C 37 2.07 -2.09 -37.99
C ASP C 37 1.50 -3.32 -38.72
N ALA C 38 2.22 -4.43 -38.63
CA ALA C 38 1.70 -5.67 -39.19
C ALA C 38 2.17 -6.87 -38.39
N GLY C 39 1.98 -6.82 -37.08
CA GLY C 39 2.51 -7.84 -36.20
C GLY C 39 2.03 -9.28 -36.32
N ILE C 40 2.63 -10.11 -35.48
CA ILE C 40 2.32 -11.54 -35.35
C ILE C 40 1.64 -11.77 -33.99
N LYS C 41 1.06 -12.95 -33.78
CA LYS C 41 0.51 -13.27 -32.47
C LYS C 41 0.87 -14.69 -32.06
N PHE C 42 1.14 -14.90 -30.78
CA PHE C 42 1.46 -16.24 -30.31
C PHE C 42 0.19 -16.98 -29.95
N PRO C 43 0.13 -18.27 -30.33
CA PRO C 43 -1.06 -19.12 -30.22
C PRO C 43 -1.41 -19.34 -28.78
N GLU C 44 -2.68 -19.24 -28.43
CA GLU C 44 -3.06 -19.65 -27.09
C GLU C 44 -2.96 -21.17 -27.08
N ASP C 45 -2.73 -21.74 -25.91
CA ASP C 45 -2.56 -23.19 -25.74
C ASP C 45 -3.53 -24.05 -26.57
N GLU C 46 -4.77 -23.61 -26.70
CA GLU C 46 -5.81 -24.42 -27.33
C GLU C 46 -5.57 -24.72 -28.83
N LEU C 47 -4.64 -24.00 -29.47
CA LEU C 47 -4.38 -24.17 -30.90
C LEU C 47 -3.24 -25.14 -31.09
N LEU C 48 -3.53 -26.43 -30.93
CA LEU C 48 -2.54 -27.46 -30.64
C LEU C 48 -1.22 -27.43 -31.38
N GLY C 49 -1.22 -27.49 -32.70
CA GLY C 49 0.08 -27.60 -33.33
C GLY C 49 0.79 -26.28 -33.57
N ILE C 50 -0.01 -25.22 -33.66
CA ILE C 50 0.36 -23.93 -34.26
C ILE C 50 1.63 -23.27 -33.70
N ASP C 51 2.29 -22.51 -34.56
CA ASP C 51 3.53 -21.83 -34.20
C ASP C 51 3.23 -20.36 -34.02
N TYR C 52 2.53 -19.74 -34.98
CA TYR C 52 2.13 -18.31 -34.92
C TYR C 52 0.74 -18.12 -35.51
N VAL C 53 0.09 -17.01 -35.12
CA VAL C 53 -1.15 -16.57 -35.78
C VAL C 53 -0.95 -15.21 -36.43
N ILE C 54 -1.69 -14.99 -37.50
CA ILE C 54 -1.46 -13.92 -38.44
C ILE C 54 -2.82 -13.45 -38.95
N PRO C 55 -2.95 -12.16 -39.30
CA PRO C 55 -4.24 -11.68 -39.82
C PRO C 55 -4.53 -12.14 -41.25
N ASP C 56 -5.81 -12.23 -41.59
CA ASP C 56 -6.24 -12.51 -42.95
C ASP C 56 -6.10 -11.22 -43.79
N TYR C 57 -5.18 -11.23 -44.75
CA TYR C 57 -4.90 -10.02 -45.52
C TYR C 57 -5.72 -9.90 -46.81
N THR C 58 -6.75 -10.72 -46.99
CA THR C 58 -7.49 -10.72 -48.27
C THR C 58 -7.87 -9.32 -48.73
N TYR C 59 -8.28 -8.45 -47.80
CA TYR C 59 -8.62 -7.09 -48.21
C TYR C 59 -7.41 -6.34 -48.77
N LEU C 60 -6.29 -6.39 -48.05
CA LEU C 60 -5.07 -5.74 -48.51
C LEU C 60 -4.62 -6.25 -49.88
N VAL C 61 -4.89 -7.52 -50.15
CA VAL C 61 -4.55 -8.12 -51.44
C VAL C 61 -5.46 -7.57 -52.55
N LYS C 62 -6.77 -7.69 -52.36
CA LYS C 62 -7.74 -7.17 -53.32
C LYS C 62 -7.61 -5.68 -53.57
N ASN C 63 -6.63 -5.04 -52.93
CA ASN C 63 -6.48 -3.59 -53.01
C ASN C 63 -5.03 -3.15 -53.01
N GLU C 64 -4.12 -4.07 -53.30
CA GLU C 64 -2.69 -3.77 -53.22
C GLU C 64 -2.29 -2.45 -53.89
N ASP C 65 -2.85 -2.18 -55.06
CA ASP C 65 -2.54 -0.97 -55.82
C ASP C 65 -2.66 0.30 -54.96
N LYS C 66 -3.69 0.35 -54.12
CA LYS C 66 -3.95 1.55 -53.29
C LYS C 66 -2.97 1.74 -52.12
N ILE C 67 -2.54 0.64 -51.50
CA ILE C 67 -1.64 0.68 -50.35
C ILE C 67 -0.44 1.56 -50.61
N LYS C 68 -0.36 2.69 -49.92
CA LYS C 68 0.69 3.67 -50.20
C LYS C 68 1.94 3.45 -49.35
N GLY C 69 1.81 2.63 -48.30
CA GLY C 69 2.92 2.32 -47.40
C GLY C 69 2.56 1.60 -46.10
N LEU C 70 3.54 0.97 -45.49
CA LEU C 70 3.37 0.32 -44.18
C LEU C 70 4.32 1.02 -43.21
N PHE C 71 3.77 1.58 -42.14
CA PHE C 71 4.60 2.29 -41.16
C PHE C 71 4.68 1.53 -39.85
N ILE C 72 5.81 1.64 -39.18
CA ILE C 72 6.09 0.81 -38.00
C ILE C 72 6.36 1.62 -36.72
N THR C 73 5.39 1.62 -35.82
CA THR C 73 5.52 2.27 -34.52
C THR C 73 6.75 1.80 -33.74
N HIS C 74 6.84 0.52 -33.45
CA HIS C 74 8.00 0.00 -32.75
C HIS C 74 8.33 -1.45 -33.15
N GLY C 75 9.49 -1.94 -32.70
CA GLY C 75 10.03 -3.19 -33.18
C GLY C 75 9.65 -4.47 -32.44
N HIS C 76 8.52 -4.48 -31.73
CA HIS C 76 8.09 -5.68 -31.03
C HIS C 76 7.49 -6.69 -32.01
N GLU C 77 7.61 -7.96 -31.68
CA GLU C 77 7.10 -9.00 -32.57
C GLU C 77 5.61 -8.82 -32.87
N ASP C 78 4.83 -8.41 -31.87
CA ASP C 78 3.40 -8.20 -32.07
C ASP C 78 3.11 -6.95 -32.86
N HIS C 79 4.15 -6.38 -33.47
CA HIS C 79 3.98 -5.22 -34.34
C HIS C 79 4.72 -5.37 -35.67
N ILE C 80 5.86 -6.06 -35.60
CA ILE C 80 6.78 -6.18 -36.72
C ILE C 80 6.78 -7.60 -37.31
N GLY C 81 6.36 -8.58 -36.51
CA GLY C 81 6.57 -9.98 -36.83
C GLY C 81 5.80 -10.61 -37.98
N GLY C 82 4.66 -10.05 -38.34
CA GLY C 82 3.87 -10.64 -39.39
C GLY C 82 4.21 -10.07 -40.76
N ILE C 83 5.22 -9.20 -40.78
CA ILE C 83 5.58 -8.50 -42.00
C ILE C 83 6.13 -9.42 -43.10
N PRO C 84 7.05 -10.33 -42.74
CA PRO C 84 7.47 -11.31 -43.76
C PRO C 84 6.27 -11.99 -44.40
N TYR C 85 5.26 -12.33 -43.61
CA TYR C 85 4.11 -13.06 -44.15
C TYR C 85 3.24 -12.17 -45.03
N LEU C 86 3.13 -10.90 -44.68
CA LEU C 86 2.34 -9.95 -45.48
C LEU C 86 3.03 -9.67 -46.82
N LEU C 87 4.35 -9.57 -46.78
CA LEU C 87 5.10 -9.22 -47.97
C LEU C 87 5.15 -10.37 -48.99
N ARG C 88 4.85 -11.60 -48.55
CA ARG C 88 4.71 -12.69 -49.50
C ARG C 88 3.48 -12.48 -50.40
N GLN C 89 2.50 -11.71 -49.93
CA GLN C 89 1.23 -11.55 -50.64
C GLN C 89 1.02 -10.17 -51.26
N VAL C 90 1.84 -9.20 -50.86
CA VAL C 90 1.88 -7.89 -51.50
C VAL C 90 3.26 -7.29 -51.39
N ASN C 91 3.67 -6.52 -52.39
CA ASN C 91 4.94 -5.81 -52.33
C ASN C 91 4.72 -4.31 -52.21
N ILE C 92 4.92 -3.83 -51.00
CA ILE C 92 4.67 -2.45 -50.61
C ILE C 92 5.90 -1.89 -49.90
N PRO C 93 6.04 -0.56 -49.89
CA PRO C 93 7.18 0.06 -49.22
C PRO C 93 6.97 0.11 -47.70
N VAL C 94 8.04 -0.14 -46.95
CA VAL C 94 7.95 -0.10 -45.51
C VAL C 94 8.75 1.05 -44.89
N TYR C 95 8.13 1.79 -43.97
CA TYR C 95 8.83 2.86 -43.25
C TYR C 95 8.84 2.62 -41.73
N GLY C 96 9.97 2.91 -41.09
CA GLY C 96 10.05 2.76 -39.65
C GLY C 96 11.32 3.38 -39.09
N GLY C 97 11.43 3.44 -37.76
CA GLY C 97 12.61 3.98 -37.13
C GLY C 97 13.80 3.11 -37.40
N LYS C 98 14.97 3.58 -36.99
CA LYS C 98 16.21 2.83 -37.24
C LYS C 98 16.25 1.46 -36.55
N LEU C 99 15.66 1.34 -35.38
CA LEU C 99 15.70 0.07 -34.67
C LEU C 99 14.72 -0.92 -35.27
N ALA C 100 13.54 -0.46 -35.65
CA ALA C 100 12.52 -1.35 -36.17
C ALA C 100 12.96 -1.90 -37.51
N ILE C 101 13.40 -1.01 -38.40
CA ILE C 101 13.92 -1.43 -39.70
C ILE C 101 15.11 -2.38 -39.51
N GLY C 102 15.96 -2.06 -38.55
CA GLY C 102 17.10 -2.92 -38.26
C GLY C 102 16.70 -4.35 -37.93
N LEU C 103 15.67 -4.50 -37.09
CA LEU C 103 15.24 -5.81 -36.66
C LEU C 103 14.53 -6.55 -37.78
N LEU C 104 13.80 -5.80 -38.60
CA LEU C 104 13.04 -6.39 -39.70
C LEU C 104 13.99 -6.85 -40.79
N ARG C 105 15.11 -6.13 -40.92
CA ARG C 105 16.15 -6.49 -41.88
C ARG C 105 16.60 -7.91 -41.58
N ASN C 106 17.12 -8.12 -40.36
CA ASN C 106 17.53 -9.45 -39.91
C ASN C 106 16.46 -10.48 -40.18
N LYS C 107 15.21 -10.09 -39.92
CA LYS C 107 14.07 -10.98 -40.06
C LYS C 107 13.88 -11.38 -41.54
N LEU C 108 13.97 -10.41 -42.44
CA LEU C 108 13.72 -10.65 -43.86
C LEU C 108 14.82 -11.47 -44.52
N GLU C 109 15.99 -11.55 -43.89
CA GLU C 109 17.03 -12.44 -44.39
C GLU C 109 16.58 -13.89 -44.20
N GLU C 110 16.29 -14.27 -42.96
CA GLU C 110 15.80 -15.61 -42.63
C GLU C 110 14.66 -16.07 -43.55
N HIS C 111 13.97 -15.12 -44.18
CA HIS C 111 12.84 -15.42 -45.04
C HIS C 111 13.17 -15.26 -46.52
N GLY C 112 14.28 -14.57 -46.82
CA GLY C 112 14.73 -14.38 -48.18
C GLY C 112 14.23 -13.12 -48.88
N LEU C 113 13.16 -12.54 -48.35
CA LEU C 113 12.49 -11.43 -49.03
C LEU C 113 13.19 -10.09 -48.86
N LEU C 114 14.41 -10.11 -48.32
CA LEU C 114 15.17 -8.88 -48.12
C LEU C 114 15.51 -8.20 -49.44
N ARG C 115 15.97 -8.99 -50.41
CA ARG C 115 16.36 -8.47 -51.70
C ARG C 115 15.29 -7.57 -52.35
N GLN C 116 14.03 -7.99 -52.29
CA GLN C 116 12.99 -7.36 -53.12
C GLN C 116 12.01 -6.44 -52.39
N THR C 117 12.36 -5.98 -51.19
CA THR C 117 11.49 -5.04 -50.48
C THR C 117 12.19 -3.72 -50.18
N LYS C 118 11.41 -2.63 -50.23
CA LYS C 118 11.93 -1.28 -50.09
C LYS C 118 11.88 -0.85 -48.63
N LEU C 119 12.99 -0.97 -47.91
CA LEU C 119 13.02 -0.56 -46.52
C LEU C 119 13.40 0.92 -46.35
N ASN C 120 12.51 1.68 -45.72
CA ASN C 120 12.75 3.09 -45.45
C ASN C 120 12.96 3.41 -43.98
N ILE C 121 14.00 4.19 -43.68
CA ILE C 121 14.24 4.63 -42.32
C ILE C 121 13.83 6.08 -42.12
N ILE C 122 12.90 6.31 -41.21
CA ILE C 122 12.48 7.66 -40.88
C ILE C 122 12.90 8.07 -39.45
N GLY C 123 12.69 9.35 -39.14
CA GLY C 123 13.02 9.92 -37.84
C GLY C 123 11.98 10.93 -37.41
N GLU C 124 12.13 11.49 -36.22
CA GLU C 124 11.16 12.43 -35.66
C GLU C 124 10.56 13.35 -36.73
N ASP C 125 11.44 13.92 -37.53
CA ASP C 125 11.12 15.11 -38.32
C ASP C 125 10.70 14.85 -39.75
N ASP C 126 10.60 13.58 -40.14
CA ASP C 126 10.25 13.27 -41.53
C ASP C 126 8.75 13.38 -41.76
N ILE C 127 8.38 13.88 -42.93
CA ILE C 127 7.01 13.76 -43.40
C ILE C 127 7.02 13.03 -44.73
N VAL C 128 6.15 12.03 -44.89
CA VAL C 128 6.05 11.37 -46.17
C VAL C 128 4.70 11.72 -46.77
N LYS C 129 4.71 12.39 -47.93
CA LYS C 129 3.48 12.85 -48.56
C LYS C 129 3.04 11.96 -49.71
N PHE C 130 1.72 11.89 -49.90
CA PHE C 130 1.13 11.18 -51.04
C PHE C 130 0.11 12.14 -51.63
N ARG C 131 -0.56 11.74 -52.70
CA ARG C 131 -1.53 12.60 -53.35
C ARG C 131 -2.36 13.36 -52.32
N LYS C 132 -3.25 12.66 -51.65
CA LYS C 132 -4.19 13.28 -50.71
C LYS C 132 -4.06 12.76 -49.29
N THR C 133 -2.83 12.68 -48.78
CA THR C 133 -2.58 12.00 -47.53
C THR C 133 -1.12 12.12 -47.16
N ALA C 134 -0.84 12.44 -45.89
CA ALA C 134 0.54 12.64 -45.46
C ALA C 134 0.78 12.01 -44.09
N VAL C 135 1.99 11.54 -43.85
CA VAL C 135 2.30 10.84 -42.62
C VAL C 135 3.47 11.42 -41.81
N SER C 136 3.18 11.83 -40.58
CA SER C 136 4.21 12.39 -39.68
C SER C 136 4.38 11.57 -38.41
N PHE C 137 5.36 11.93 -37.59
CA PHE C 137 5.76 11.11 -36.45
C PHE C 137 6.05 11.91 -35.20
N PHE C 138 5.86 11.27 -34.04
CA PHE C 138 6.24 11.86 -32.76
C PHE C 138 6.72 10.79 -31.80
N ARG C 139 7.81 11.08 -31.11
CA ARG C 139 8.43 10.11 -30.24
C ARG C 139 7.61 9.80 -28.98
N THR C 140 7.49 8.50 -28.65
CA THR C 140 6.85 8.02 -27.41
C THR C 140 7.82 7.18 -26.56
N THR C 141 7.36 6.76 -25.38
CA THR C 141 8.13 5.83 -24.53
C THR C 141 7.41 4.47 -24.37
N HIS C 142 8.19 3.40 -24.35
CA HIS C 142 7.64 2.04 -24.36
C HIS C 142 8.74 1.08 -23.88
N SER C 143 8.49 -0.22 -23.88
CA SER C 143 9.46 -1.16 -23.33
C SER C 143 10.55 -1.56 -24.34
N ILE C 144 10.64 -0.78 -25.41
CA ILE C 144 11.67 -0.95 -26.44
C ILE C 144 12.09 0.42 -26.97
N PRO C 145 13.37 0.56 -27.34
CA PRO C 145 13.80 1.88 -27.80
C PRO C 145 13.20 2.30 -29.13
N ASP C 146 13.23 3.60 -29.37
CA ASP C 146 13.00 4.17 -30.68
C ASP C 146 11.56 4.00 -31.15
N SER C 147 10.62 4.27 -30.25
CA SER C 147 9.21 4.06 -30.58
C SER C 147 8.49 5.35 -30.98
N TYR C 148 7.68 5.28 -32.03
CA TYR C 148 6.98 6.43 -32.53
C TYR C 148 5.48 6.22 -32.46
N GLY C 149 4.75 7.34 -32.33
CA GLY C 149 3.34 7.39 -32.63
C GLY C 149 3.21 7.94 -34.04
N ILE C 150 2.01 7.94 -34.61
CA ILE C 150 1.85 8.35 -36.01
C ILE C 150 0.64 9.27 -36.22
N VAL C 151 0.85 10.28 -37.07
CA VAL C 151 -0.24 11.15 -37.47
C VAL C 151 -0.45 11.01 -38.97
N VAL C 152 -1.62 10.52 -39.35
CA VAL C 152 -1.98 10.40 -40.76
C VAL C 152 -2.93 11.53 -41.12
N LYS C 153 -2.45 12.51 -41.88
CA LYS C 153 -3.29 13.63 -42.33
C LYS C 153 -4.09 13.25 -43.55
N THR C 154 -5.38 13.50 -43.49
CA THR C 154 -6.24 13.31 -44.63
C THR C 154 -7.19 14.50 -44.71
N PRO C 155 -7.73 14.79 -45.91
CA PRO C 155 -8.67 15.90 -46.05
C PRO C 155 -9.68 15.99 -44.91
N PRO C 156 -10.50 14.95 -44.71
CA PRO C 156 -11.59 15.08 -43.73
C PRO C 156 -11.12 15.36 -42.29
N GLY C 157 -9.81 15.26 -42.05
CA GLY C 157 -9.26 15.50 -40.73
C GLY C 157 -8.06 14.62 -40.42
N ASN C 158 -7.47 14.80 -39.23
CA ASN C 158 -6.25 14.08 -38.88
C ASN C 158 -6.49 12.87 -37.98
N ILE C 159 -5.85 11.75 -38.31
CA ILE C 159 -5.93 10.53 -37.50
C ILE C 159 -4.64 10.31 -36.74
N VAL C 160 -4.73 9.96 -35.46
CA VAL C 160 -3.54 9.79 -34.63
C VAL C 160 -3.46 8.39 -34.02
N HIS C 161 -2.29 7.78 -34.12
CA HIS C 161 -2.08 6.42 -33.64
C HIS C 161 -0.98 6.51 -32.59
N THR C 162 -1.28 6.10 -31.36
CA THR C 162 -0.34 6.26 -30.26
C THR C 162 0.85 5.29 -30.31
N GLY C 163 0.77 4.31 -31.19
CA GLY C 163 1.69 3.20 -31.09
C GLY C 163 1.43 2.58 -29.74
N ASP C 164 2.45 2.00 -29.14
CA ASP C 164 2.36 1.50 -27.78
C ASP C 164 3.08 2.51 -26.91
N PHE C 165 2.48 2.93 -25.81
CA PHE C 165 3.06 4.01 -25.02
C PHE C 165 2.81 3.96 -23.52
N LYS C 166 3.78 4.51 -22.81
CA LYS C 166 3.59 4.87 -21.43
C LYS C 166 4.11 6.28 -21.31
N PHE C 167 4.10 6.82 -20.08
CA PHE C 167 4.81 8.06 -19.83
C PHE C 167 5.92 7.87 -18.81
N ASP C 168 7.07 8.41 -19.13
CA ASP C 168 8.24 8.29 -18.29
C ASP C 168 8.95 9.63 -18.39
N PHE C 169 9.01 10.34 -17.26
CA PHE C 169 9.58 11.69 -17.25
C PHE C 169 11.07 11.62 -16.91
N THR C 170 11.55 10.41 -16.64
CA THR C 170 12.97 10.18 -16.39
C THR C 170 13.39 8.90 -17.12
N PRO C 171 13.25 8.89 -18.46
CA PRO C 171 13.44 7.70 -19.27
C PRO C 171 14.91 7.41 -19.44
N VAL C 172 15.24 6.20 -19.91
CA VAL C 172 16.61 5.86 -20.21
C VAL C 172 16.96 6.39 -21.59
N GLY C 173 15.98 6.34 -22.50
CA GLY C 173 16.16 6.86 -23.85
C GLY C 173 15.81 8.33 -24.08
N GLU C 174 15.49 8.68 -25.33
CA GLU C 174 15.05 10.01 -25.67
C GLU C 174 13.63 10.22 -25.17
N PRO C 175 13.41 11.33 -24.44
CA PRO C 175 12.13 11.61 -23.78
C PRO C 175 10.99 11.79 -24.77
N ALA C 176 9.84 11.23 -24.45
CA ALA C 176 8.66 11.33 -25.32
C ALA C 176 8.41 12.81 -25.67
N ASN C 177 8.03 13.08 -26.92
CA ASN C 177 7.85 14.46 -27.36
C ASN C 177 6.49 15.08 -26.96
N LEU C 178 6.41 15.53 -25.71
CA LEU C 178 5.15 16.08 -25.21
C LEU C 178 4.78 17.33 -25.92
N THR C 179 5.79 18.16 -26.21
CA THR C 179 5.57 19.40 -26.91
C THR C 179 4.81 19.12 -28.20
N LYS C 180 5.32 18.16 -28.97
CA LYS C 180 4.76 17.84 -30.28
C LYS C 180 3.39 17.17 -30.22
N MET C 181 3.15 16.36 -29.19
CA MET C 181 1.82 15.81 -29.00
C MET C 181 0.81 16.93 -28.76
N ALA C 182 1.21 17.93 -27.97
CA ALA C 182 0.33 19.05 -27.62
C ALA C 182 -0.05 19.83 -28.88
N GLU C 183 0.96 20.15 -29.68
CA GLU C 183 0.78 20.75 -31.02
C GLU C 183 -0.22 19.96 -31.87
N ILE C 184 -0.01 18.65 -31.96
CA ILE C 184 -0.86 17.79 -32.78
C ILE C 184 -2.33 17.94 -32.42
N GLY C 185 -2.61 18.06 -31.12
CA GLY C 185 -3.97 18.21 -30.63
C GLY C 185 -4.54 19.57 -31.01
N LYS C 186 -3.71 20.61 -30.85
CA LYS C 186 -4.09 21.98 -31.20
C LYS C 186 -4.42 22.09 -32.67
N GLU C 187 -3.54 21.54 -33.50
CA GLU C 187 -3.73 21.50 -34.95
C GLU C 187 -5.05 20.84 -35.34
N GLY C 188 -5.66 20.11 -34.41
CA GLY C 188 -6.92 19.45 -34.65
C GLY C 188 -6.75 17.97 -34.93
N VAL C 189 -7.60 17.16 -34.32
CA VAL C 189 -7.53 15.72 -34.49
C VAL C 189 -8.90 15.06 -34.65
N LEU C 190 -9.10 14.46 -35.81
CA LEU C 190 -10.37 13.83 -36.12
C LEU C 190 -10.62 12.59 -35.27
N CYS C 191 -9.60 11.75 -35.13
CA CYS C 191 -9.77 10.52 -34.37
C CYS C 191 -8.46 10.00 -33.81
N LEU C 192 -8.53 9.41 -32.61
CA LEU C 192 -7.36 8.91 -31.89
C LEU C 192 -7.46 7.41 -31.68
N LEU C 193 -6.42 6.69 -32.12
CA LEU C 193 -6.29 5.26 -31.82
C LEU C 193 -5.27 5.12 -30.69
N SER C 194 -5.75 4.76 -29.51
CA SER C 194 -4.90 4.78 -28.32
C SER C 194 -4.74 3.40 -27.73
N ASP C 195 -3.51 3.12 -27.28
CA ASP C 195 -3.12 1.86 -26.66
C ASP C 195 -3.92 1.55 -25.38
N SER C 196 -4.72 0.47 -25.39
CA SER C 196 -5.61 0.18 -24.26
C SER C 196 -5.05 -0.82 -23.25
N THR C 197 -3.87 -1.36 -23.52
CA THR C 197 -3.47 -2.59 -22.83
C THR C 197 -3.51 -2.52 -21.30
N ASN C 198 -3.01 -1.43 -20.72
CA ASN C 198 -2.91 -1.36 -19.26
C ASN C 198 -4.01 -0.51 -18.61
N SER C 199 -5.14 -0.42 -19.28
CA SER C 199 -6.15 0.54 -18.88
C SER C 199 -6.91 0.15 -17.60
N GLU C 200 -6.74 -1.08 -17.15
CA GLU C 200 -7.40 -1.52 -15.94
C GLU C 200 -6.62 -1.13 -14.68
N ASN C 201 -5.41 -0.61 -14.86
CA ASN C 201 -4.55 -0.22 -13.74
C ASN C 201 -4.51 1.28 -13.57
N PRO C 202 -4.97 1.76 -12.39
CA PRO C 202 -5.13 3.16 -12.01
C PRO C 202 -3.83 3.85 -11.68
N GLU C 203 -2.80 3.06 -11.41
CA GLU C 203 -1.54 3.57 -10.92
C GLU C 203 -0.72 4.20 -12.03
N PHE C 204 0.26 5.00 -11.63
CA PHE C 204 1.16 5.61 -12.59
C PHE C 204 2.36 4.70 -12.74
N THR C 205 2.72 4.39 -13.98
CA THR C 205 3.79 3.44 -14.26
C THR C 205 5.14 3.88 -13.66
N MET C 206 5.78 2.98 -12.93
CA MET C 206 7.10 3.28 -12.39
C MET C 206 8.14 3.49 -13.52
N SER C 207 9.08 4.40 -13.31
CA SER C 207 10.01 4.77 -14.36
C SER C 207 11.13 3.76 -14.50
N GLU C 208 11.66 3.58 -15.72
CA GLU C 208 12.80 2.68 -15.89
C GLU C 208 13.94 3.14 -15.02
N ARG C 209 14.05 4.45 -14.82
CA ARG C 209 15.05 4.99 -13.91
C ARG C 209 15.01 4.25 -12.55
N ARG C 210 13.81 3.97 -12.05
CA ARG C 210 13.68 3.27 -10.77
C ARG C 210 14.14 1.81 -10.83
N VAL C 211 13.94 1.14 -11.96
CA VAL C 211 14.36 -0.26 -11.99
C VAL C 211 15.87 -0.30 -12.07
N GLY C 212 16.45 0.58 -12.89
CA GLY C 212 17.87 0.73 -12.99
C GLY C 212 18.50 0.88 -11.61
N GLU C 213 17.95 1.79 -10.83
CA GLU C 213 18.41 1.95 -9.45
C GLU C 213 18.33 0.62 -8.70
N SER C 214 17.27 -0.16 -8.94
CA SER C 214 17.08 -1.42 -8.23
C SER C 214 18.08 -2.47 -8.69
N ILE C 215 18.41 -2.39 -9.96
CA ILE C 215 19.42 -3.28 -10.53
C ILE C 215 20.77 -3.00 -9.88
N HIS C 216 21.20 -1.74 -9.91
CA HIS C 216 22.47 -1.35 -9.26
C HIS C 216 22.51 -1.76 -7.79
N ASP C 217 21.38 -1.68 -7.12
CA ASP C 217 21.34 -2.05 -5.71
C ASP C 217 21.62 -3.51 -5.51
N ILE C 218 21.08 -4.35 -6.40
CA ILE C 218 21.31 -5.79 -6.33
C ILE C 218 22.79 -6.10 -6.55
N PHE C 219 23.39 -5.43 -7.52
CA PHE C 219 24.79 -5.65 -7.84
C PHE C 219 25.76 -5.31 -6.70
N ARG C 220 25.35 -4.43 -5.80
CA ARG C 220 26.15 -4.09 -4.64
C ARG C 220 25.98 -5.09 -3.48
N LYS C 221 24.81 -5.71 -3.37
CA LYS C 221 24.50 -6.55 -2.21
C LYS C 221 24.89 -8.02 -2.39
N VAL C 222 24.85 -8.51 -3.63
CA VAL C 222 25.03 -9.93 -3.93
C VAL C 222 26.50 -10.36 -3.81
N ASP C 223 26.74 -11.42 -3.02
CA ASP C 223 28.09 -11.94 -2.76
C ASP C 223 28.60 -12.91 -3.84
N GLY C 224 27.67 -13.56 -4.55
CA GLY C 224 28.00 -14.58 -5.52
C GLY C 224 27.69 -14.25 -6.98
N ARG C 225 27.40 -15.29 -7.75
CA ARG C 225 27.07 -15.09 -9.16
C ARG C 225 25.71 -14.42 -9.29
N ILE C 226 25.56 -13.61 -10.33
CA ILE C 226 24.27 -13.04 -10.68
C ILE C 226 23.81 -13.62 -12.01
N ILE C 227 22.69 -14.34 -11.98
CA ILE C 227 22.04 -14.80 -13.21
C ILE C 227 20.81 -13.91 -13.44
N PHE C 228 20.84 -13.12 -14.51
CA PHE C 228 19.87 -12.04 -14.69
C PHE C 228 19.01 -12.30 -15.92
N ALA C 229 17.75 -12.71 -15.71
CA ALA C 229 16.84 -13.05 -16.81
C ALA C 229 15.92 -11.90 -17.14
N THR C 230 15.82 -11.56 -18.42
CA THR C 230 14.95 -10.46 -18.83
C THR C 230 14.51 -10.63 -20.29
N PHE C 231 13.94 -9.58 -20.90
CA PHE C 231 13.44 -9.72 -22.27
C PHE C 231 14.45 -9.13 -23.17
N ALA C 232 14.94 -9.96 -24.09
CA ALA C 232 15.97 -9.55 -25.01
C ALA C 232 15.64 -8.21 -25.68
N SER C 233 14.36 -7.97 -25.93
CA SER C 233 13.96 -6.83 -26.74
C SER C 233 14.00 -5.47 -26.00
N ASN C 234 14.29 -5.53 -24.72
CA ASN C 234 14.40 -4.32 -23.90
C ASN C 234 15.84 -3.76 -23.86
N ILE C 235 16.31 -3.29 -25.00
CA ILE C 235 17.70 -2.85 -25.11
C ILE C 235 18.14 -1.99 -23.91
N HIS C 236 17.30 -1.03 -23.54
CA HIS C 236 17.65 -0.08 -22.48
C HIS C 236 17.83 -0.79 -21.14
N ARG C 237 17.02 -1.81 -20.88
CA ARG C 237 17.14 -2.54 -19.63
C ARG C 237 18.46 -3.31 -19.66
N LEU C 238 18.81 -3.83 -20.83
CA LEU C 238 20.08 -4.53 -21.00
C LEU C 238 21.25 -3.59 -20.69
N GLN C 239 21.18 -2.36 -21.21
CA GLN C 239 22.14 -1.31 -20.90
C GLN C 239 22.31 -1.14 -19.39
N GLN C 240 21.20 -1.00 -18.67
CA GLN C 240 21.26 -0.80 -17.22
C GLN C 240 21.94 -1.98 -16.54
N VAL C 241 21.69 -3.19 -17.03
CA VAL C 241 22.30 -4.37 -16.45
C VAL C 241 23.81 -4.42 -16.66
N ILE C 242 24.23 -4.13 -17.89
CA ILE C 242 25.67 -4.01 -18.19
C ILE C 242 26.39 -2.97 -17.29
N GLU C 243 25.91 -1.72 -17.31
CA GLU C 243 26.43 -0.67 -16.42
C GLU C 243 26.60 -1.17 -15.00
N ALA C 244 25.54 -1.71 -14.43
CA ALA C 244 25.64 -2.24 -13.08
C ALA C 244 26.82 -3.20 -12.97
N ALA C 245 26.89 -4.13 -13.92
CA ALA C 245 27.92 -5.17 -13.93
C ALA C 245 29.30 -4.53 -13.97
N VAL C 246 29.52 -3.71 -15.00
CA VAL C 246 30.78 -2.98 -15.15
C VAL C 246 31.15 -2.20 -13.91
N GLN C 247 30.26 -1.29 -13.51
CA GLN C 247 30.47 -0.44 -12.37
C GLN C 247 30.64 -1.23 -11.06
N ASN C 248 30.59 -2.55 -11.15
CA ASN C 248 30.85 -3.38 -9.96
C ASN C 248 31.94 -4.41 -10.20
N GLY C 249 32.77 -4.13 -11.21
CA GLY C 249 33.88 -5.01 -11.57
C GLY C 249 33.41 -6.43 -11.85
N ARG C 250 32.38 -6.55 -12.67
CA ARG C 250 31.84 -7.85 -13.06
C ARG C 250 31.92 -7.95 -14.57
N LYS C 251 32.00 -9.19 -15.04
CA LYS C 251 32.06 -9.46 -16.46
C LYS C 251 30.73 -10.08 -16.87
N VAL C 252 30.34 -9.89 -18.11
CA VAL C 252 29.01 -10.29 -18.58
C VAL C 252 29.03 -11.42 -19.63
N ALA C 253 28.46 -12.57 -19.27
CA ALA C 253 28.28 -13.69 -20.21
C ALA C 253 26.84 -13.71 -20.73
N VAL C 254 26.70 -13.77 -22.04
CA VAL C 254 25.37 -13.72 -22.66
C VAL C 254 24.85 -15.10 -23.14
N PHE C 255 23.59 -15.39 -22.83
CA PHE C 255 23.03 -16.69 -23.19
C PHE C 255 21.67 -16.58 -23.87
N GLY C 256 21.61 -16.94 -25.15
CA GLY C 256 20.37 -16.93 -25.88
C GLY C 256 20.56 -16.24 -27.21
N ARG C 257 20.06 -16.83 -28.30
CA ARG C 257 20.32 -16.24 -29.61
C ARG C 257 19.71 -14.84 -29.70
N SER C 258 18.54 -14.69 -29.10
CA SER C 258 17.83 -13.42 -29.12
C SER C 258 18.50 -12.40 -28.21
N MET C 259 19.11 -12.86 -27.13
CA MET C 259 19.83 -11.96 -26.25
C MET C 259 21.08 -11.44 -26.94
N GLU C 260 21.92 -12.34 -27.48
CA GLU C 260 23.09 -11.96 -28.27
C GLU C 260 22.68 -11.05 -29.43
N SER C 261 21.64 -11.46 -30.15
CA SER C 261 21.14 -10.71 -31.29
C SER C 261 20.74 -9.27 -30.92
N ALA C 262 20.14 -9.12 -29.74
CA ALA C 262 19.67 -7.80 -29.28
C ALA C 262 20.79 -6.90 -28.81
N ILE C 263 21.75 -7.48 -28.09
CA ILE C 263 22.93 -6.77 -27.66
C ILE C 263 23.76 -6.32 -28.86
N GLU C 264 23.93 -7.20 -29.83
CA GLU C 264 24.67 -6.85 -31.05
C GLU C 264 24.04 -5.61 -31.71
N ILE C 265 22.74 -5.66 -31.95
CA ILE C 265 22.08 -4.54 -32.63
C ILE C 265 21.98 -3.32 -31.73
N GLY C 266 21.96 -3.56 -30.43
CA GLY C 266 21.92 -2.47 -29.45
C GLY C 266 23.26 -1.78 -29.44
N GLN C 267 24.33 -2.57 -29.60
CA GLN C 267 25.71 -2.04 -29.65
C GLN C 267 25.95 -1.16 -30.86
N THR C 268 25.88 -1.74 -32.06
CA THR C 268 25.76 -0.92 -33.25
C THR C 268 24.50 -0.10 -32.99
N LEU C 269 24.30 1.02 -33.68
CA LEU C 269 23.04 1.76 -33.50
C LEU C 269 23.01 2.63 -32.23
N GLY C 270 23.77 2.23 -31.21
CA GLY C 270 24.19 3.15 -30.15
C GLY C 270 23.44 3.16 -28.84
N TYR C 271 22.62 2.14 -28.60
CA TYR C 271 21.88 2.07 -27.34
C TYR C 271 22.70 1.39 -26.23
N ILE C 272 23.74 0.67 -26.65
CA ILE C 272 24.58 -0.07 -25.70
C ILE C 272 26.04 0.29 -25.88
N ASN C 273 26.65 0.75 -24.80
CA ASN C 273 28.06 1.10 -24.80
C ASN C 273 28.74 0.52 -23.57
N CYS C 274 29.85 -0.16 -23.79
CA CYS C 274 30.56 -0.87 -22.75
C CYS C 274 32.04 -0.93 -23.11
N PRO C 275 32.90 -1.03 -22.09
CA PRO C 275 34.35 -1.06 -22.29
C PRO C 275 34.90 -2.45 -22.68
N LYS C 276 35.99 -2.44 -23.44
CA LYS C 276 36.92 -3.57 -23.61
C LYS C 276 36.45 -4.96 -23.22
N ASN C 277 37.13 -5.52 -22.22
CA ASN C 277 36.85 -6.86 -21.70
C ASN C 277 35.82 -6.85 -20.59
N THR C 278 34.60 -6.43 -20.93
CA THR C 278 33.44 -6.62 -20.07
C THR C 278 32.72 -7.90 -20.48
N PHE C 279 32.60 -8.12 -21.79
CA PHE C 279 32.02 -9.36 -22.30
C PHE C 279 32.95 -10.57 -22.29
N ILE C 280 32.38 -11.72 -22.02
CA ILE C 280 33.15 -12.91 -21.72
C ILE C 280 32.59 -14.09 -22.51
N GLU C 281 33.45 -15.07 -22.82
CA GLU C 281 33.02 -16.27 -23.55
C GLU C 281 32.54 -17.36 -22.59
N HIS C 282 31.68 -18.24 -23.10
CA HIS C 282 31.01 -19.23 -22.26
C HIS C 282 31.95 -20.10 -21.41
N ASN C 283 33.04 -20.57 -22.00
CA ASN C 283 34.05 -21.34 -21.26
C ASN C 283 34.72 -20.56 -20.10
N GLU C 284 34.91 -19.25 -20.29
CA GLU C 284 35.65 -18.42 -19.34
C GLU C 284 34.98 -18.33 -17.98
N ILE C 285 33.69 -18.62 -17.94
CA ILE C 285 32.94 -18.44 -16.71
C ILE C 285 33.55 -19.21 -15.54
N ASN C 286 33.53 -20.53 -15.64
CA ASN C 286 33.91 -21.39 -14.51
C ASN C 286 35.24 -21.03 -13.88
N ARG C 287 36.09 -20.34 -14.64
CA ARG C 287 37.37 -19.87 -14.14
C ARG C 287 37.25 -18.81 -13.01
N MET C 288 36.67 -17.67 -13.36
CA MET C 288 36.66 -16.52 -12.46
C MET C 288 35.79 -16.70 -11.22
N PRO C 289 36.02 -15.84 -10.22
CA PRO C 289 35.34 -16.00 -8.94
C PRO C 289 33.86 -15.70 -9.10
N ALA C 290 33.04 -16.30 -8.24
CA ALA C 290 31.61 -16.02 -8.20
C ALA C 290 31.29 -14.54 -8.45
N ASN C 291 31.74 -13.69 -7.52
CA ASN C 291 31.34 -12.29 -7.50
C ASN C 291 31.91 -11.43 -8.62
N LYS C 292 32.33 -12.07 -9.70
CA LYS C 292 32.78 -11.30 -10.86
C LYS C 292 32.08 -11.77 -12.10
N VAL C 293 31.25 -12.79 -11.91
CA VAL C 293 30.41 -13.34 -12.96
C VAL C 293 29.02 -12.71 -12.96
N THR C 294 28.60 -12.23 -14.11
CA THR C 294 27.22 -11.91 -14.30
C THR C 294 26.74 -12.55 -15.62
N ILE C 295 25.82 -13.52 -15.49
CA ILE C 295 25.22 -14.22 -16.63
C ILE C 295 23.90 -13.56 -17.00
N LEU C 296 23.78 -13.10 -18.25
CA LEU C 296 22.59 -12.37 -18.70
C LEU C 296 21.81 -13.15 -19.76
N CYS C 297 20.76 -13.84 -19.34
CA CYS C 297 20.08 -14.77 -20.24
C CYS C 297 18.58 -14.50 -20.49
N THR C 298 17.98 -15.39 -21.27
CA THR C 298 16.56 -15.36 -21.54
C THR C 298 15.90 -16.43 -20.69
N GLY C 299 14.57 -16.49 -20.77
CA GLY C 299 13.83 -17.56 -20.12
C GLY C 299 13.15 -17.13 -18.84
N SER C 300 12.80 -15.85 -18.79
CA SER C 300 12.14 -15.26 -17.63
C SER C 300 10.66 -15.64 -17.57
N GLN C 301 10.18 -16.32 -18.61
CA GLN C 301 8.80 -16.74 -18.69
C GLN C 301 8.66 -18.26 -18.56
N GLY C 302 9.75 -18.92 -18.19
CA GLY C 302 9.71 -20.36 -17.96
C GLY C 302 9.64 -21.24 -19.20
N GLU C 303 9.75 -20.61 -20.37
CA GLU C 303 9.76 -21.36 -21.62
C GLU C 303 10.88 -22.39 -21.52
N PRO C 304 10.57 -23.67 -21.80
CA PRO C 304 11.40 -24.77 -21.30
C PRO C 304 12.62 -25.01 -22.17
N MET C 305 12.65 -24.41 -23.35
CA MET C 305 13.80 -24.52 -24.24
C MET C 305 14.81 -23.41 -23.97
N ALA C 306 14.36 -22.38 -23.28
CA ALA C 306 15.18 -21.20 -23.03
C ALA C 306 16.28 -21.41 -22.01
N ALA C 307 17.22 -20.48 -22.01
CA ALA C 307 18.44 -20.58 -21.21
C ALA C 307 18.17 -20.89 -19.73
N LEU C 308 17.39 -20.06 -19.06
CA LEU C 308 17.26 -20.18 -17.61
C LEU C 308 16.62 -21.49 -17.20
N SER C 309 15.70 -21.96 -18.01
CA SER C 309 14.95 -23.17 -17.67
C SER C 309 15.83 -24.39 -17.73
N ARG C 310 16.70 -24.47 -18.74
CA ARG C 310 17.63 -25.58 -18.83
C ARG C 310 18.60 -25.52 -17.64
N ILE C 311 19.02 -24.32 -17.26
CA ILE C 311 19.98 -24.15 -16.17
C ILE C 311 19.46 -24.73 -14.85
N ALA C 312 18.16 -24.60 -14.66
CA ALA C 312 17.56 -25.06 -13.42
C ALA C 312 17.06 -26.48 -13.61
N ASN C 313 16.33 -26.67 -14.70
CA ASN C 313 15.65 -27.93 -15.01
C ASN C 313 16.64 -28.93 -15.53
N GLY C 314 17.15 -29.76 -14.62
CA GLY C 314 18.22 -30.68 -14.95
C GLY C 314 19.40 -29.85 -15.43
N THR C 315 19.95 -30.20 -16.59
CA THR C 315 21.16 -29.50 -16.98
C THR C 315 21.16 -28.89 -18.38
N HIS C 316 22.01 -27.87 -18.45
CA HIS C 316 22.35 -27.03 -19.57
C HIS C 316 23.81 -27.40 -19.77
N ARG C 317 24.43 -26.94 -20.85
CA ARG C 317 25.80 -27.33 -21.10
C ARG C 317 26.83 -26.75 -20.14
N GLN C 318 27.01 -25.43 -20.23
CA GLN C 318 28.10 -24.74 -19.56
C GLN C 318 27.77 -24.27 -18.15
N ILE C 319 26.49 -24.14 -17.85
CA ILE C 319 26.08 -23.56 -16.57
C ILE C 319 25.20 -24.43 -15.68
N SER C 320 25.60 -24.50 -14.42
CA SER C 320 24.85 -25.24 -13.42
C SER C 320 24.65 -24.31 -12.26
N ILE C 321 23.66 -24.59 -11.43
CA ILE C 321 23.40 -23.77 -10.26
C ILE C 321 24.30 -24.20 -9.10
N ASN C 322 25.18 -23.31 -8.69
CA ASN C 322 25.95 -23.52 -7.46
C ASN C 322 25.28 -22.76 -6.32
N PRO C 323 25.15 -23.42 -5.15
CA PRO C 323 24.62 -22.71 -3.99
C PRO C 323 25.26 -21.32 -3.84
N GLY C 324 24.44 -20.31 -3.56
CA GLY C 324 24.90 -18.94 -3.45
C GLY C 324 24.56 -18.09 -4.66
N ASP C 325 24.24 -18.76 -5.76
CA ASP C 325 23.82 -18.10 -6.98
C ASP C 325 22.55 -17.29 -6.73
N THR C 326 22.48 -16.11 -7.35
CA THR C 326 21.28 -15.31 -7.28
C THR C 326 20.68 -15.12 -8.66
N VAL C 327 19.46 -15.63 -8.86
CA VAL C 327 18.75 -15.42 -10.12
C VAL C 327 17.70 -14.31 -9.99
N VAL C 328 17.63 -13.45 -11.00
CA VAL C 328 16.76 -12.29 -10.98
C VAL C 328 15.76 -12.33 -12.13
N PHE C 329 14.48 -12.36 -11.82
CA PHE C 329 13.47 -12.28 -12.86
C PHE C 329 13.04 -10.84 -13.11
N SER C 330 13.79 -10.15 -13.95
CA SER C 330 13.49 -8.77 -14.32
C SER C 330 12.40 -8.75 -15.39
N SER C 331 11.25 -9.28 -15.02
CA SER C 331 10.14 -9.48 -15.93
C SER C 331 8.91 -9.61 -15.07
N SER C 332 7.76 -9.70 -15.74
CA SER C 332 6.55 -10.15 -15.07
C SER C 332 5.84 -11.19 -15.93
N PRO C 333 5.29 -12.23 -15.30
CA PRO C 333 4.72 -13.35 -16.06
C PRO C 333 3.54 -12.91 -16.88
N ILE C 334 3.70 -13.04 -18.19
CA ILE C 334 2.61 -12.92 -19.14
C ILE C 334 1.59 -14.00 -18.79
N PRO C 335 0.30 -13.65 -18.82
CA PRO C 335 -0.81 -14.54 -18.48
C PRO C 335 -0.71 -15.93 -19.08
N GLY C 336 -0.82 -16.95 -18.23
CA GLY C 336 -0.71 -18.33 -18.65
C GLY C 336 0.68 -18.93 -18.56
N ASN C 337 1.67 -18.07 -18.37
CA ASN C 337 3.05 -18.48 -18.17
C ASN C 337 3.35 -18.60 -16.69
N THR C 338 2.39 -18.19 -15.89
CA THR C 338 2.61 -18.23 -14.45
C THR C 338 3.05 -19.62 -13.94
N ILE C 339 2.41 -20.69 -14.41
CA ILE C 339 2.82 -22.05 -14.01
C ILE C 339 4.24 -22.40 -14.45
N SER C 340 4.59 -22.04 -15.68
CA SER C 340 5.96 -22.24 -16.18
C SER C 340 6.96 -21.57 -15.23
N VAL C 341 6.80 -20.28 -15.02
CA VAL C 341 7.68 -19.55 -14.13
C VAL C 341 7.75 -20.14 -12.72
N SER C 342 6.64 -20.62 -12.19
CA SER C 342 6.67 -21.25 -10.86
C SER C 342 7.55 -22.48 -10.85
N ARG C 343 7.48 -23.31 -11.90
CA ARG C 343 8.29 -24.54 -11.95
C ARG C 343 9.75 -24.15 -11.87
N THR C 344 10.16 -23.26 -12.77
CA THR C 344 11.52 -22.76 -12.82
C THR C 344 12.03 -22.29 -11.46
N ILE C 345 11.29 -21.38 -10.85
CA ILE C 345 11.61 -20.92 -9.51
C ILE C 345 11.73 -22.05 -8.48
N ASN C 346 10.82 -23.02 -8.51
CA ASN C 346 10.93 -24.15 -7.59
C ASN C 346 12.23 -24.92 -7.78
N GLN C 347 12.60 -25.15 -9.04
CA GLN C 347 13.82 -25.88 -9.33
C GLN C 347 15.02 -25.07 -8.84
N LEU C 348 15.10 -23.81 -9.25
CA LEU C 348 16.17 -22.93 -8.78
C LEU C 348 16.33 -22.98 -7.25
N TYR C 349 15.23 -22.93 -6.53
CA TYR C 349 15.32 -23.00 -5.07
C TYR C 349 15.85 -24.35 -4.64
N ARG C 350 15.34 -25.41 -5.26
CA ARG C 350 15.75 -26.78 -4.92
C ARG C 350 17.26 -26.96 -5.16
N ALA C 351 17.77 -26.27 -6.20
CA ALA C 351 19.18 -26.35 -6.58
C ALA C 351 20.07 -25.44 -5.77
N GLY C 352 19.54 -24.93 -4.67
CA GLY C 352 20.31 -24.09 -3.78
C GLY C 352 20.44 -22.60 -4.13
N ALA C 353 19.76 -22.15 -5.18
CA ALA C 353 19.87 -20.75 -5.56
C ALA C 353 19.05 -19.83 -4.67
N GLU C 354 19.21 -18.54 -4.92
CA GLU C 354 18.45 -17.51 -4.26
C GLU C 354 17.74 -16.76 -5.38
N VAL C 355 16.47 -16.46 -5.19
CA VAL C 355 15.72 -15.89 -6.30
C VAL C 355 15.14 -14.55 -5.93
N ILE C 356 15.25 -13.61 -6.86
CA ILE C 356 14.64 -12.31 -6.68
C ILE C 356 13.58 -12.16 -7.75
N HIS C 357 12.33 -12.35 -7.36
CA HIS C 357 11.20 -12.25 -8.27
C HIS C 357 10.08 -11.49 -7.61
N GLY C 358 9.13 -11.03 -8.42
CA GLY C 358 7.95 -10.39 -7.88
C GLY C 358 7.95 -8.87 -7.91
N PRO C 359 6.89 -8.29 -7.35
CA PRO C 359 6.64 -6.87 -7.56
C PRO C 359 7.24 -5.99 -6.46
N LEU C 360 7.37 -6.55 -5.26
CA LEU C 360 7.86 -5.78 -4.11
C LEU C 360 9.32 -5.32 -4.29
N ASN C 361 10.13 -6.08 -5.04
CA ASN C 361 11.42 -5.59 -5.54
C ASN C 361 11.11 -4.84 -6.81
N ASP C 362 11.82 -3.78 -7.08
CA ASP C 362 11.33 -2.95 -8.16
C ASP C 362 12.15 -3.18 -9.39
N ILE C 363 12.09 -4.40 -9.91
CA ILE C 363 12.92 -4.81 -11.06
C ILE C 363 12.19 -4.95 -12.39
N HIS C 364 10.97 -4.43 -12.48
CA HIS C 364 10.28 -4.44 -13.75
C HIS C 364 9.25 -3.31 -13.80
N THR C 365 8.90 -2.83 -15.00
CA THR C 365 7.70 -2.01 -15.18
C THR C 365 7.03 -2.37 -16.49
N SER C 366 5.76 -1.98 -16.61
CA SER C 366 5.04 -2.21 -17.86
C SER C 366 5.55 -1.27 -18.93
N GLY C 367 5.44 -1.69 -20.18
CA GLY C 367 5.82 -0.82 -21.26
C GLY C 367 4.60 -0.04 -21.67
N HIS C 368 3.46 -0.39 -21.06
CA HIS C 368 2.19 0.24 -21.37
C HIS C 368 1.68 1.08 -20.21
N GLY C 369 1.43 2.36 -20.48
CA GLY C 369 0.86 3.26 -19.48
C GLY C 369 -0.47 2.83 -18.89
N GLY C 370 -0.66 3.19 -17.62
CA GLY C 370 -1.92 3.00 -16.92
C GLY C 370 -2.85 4.20 -17.06
N GLN C 371 -3.92 4.21 -16.29
CA GLN C 371 -5.05 5.13 -16.49
C GLN C 371 -4.68 6.59 -16.53
N GLU C 372 -3.79 7.05 -15.65
CA GLU C 372 -3.43 8.48 -15.65
C GLU C 372 -2.68 8.81 -16.94
N GLU C 373 -1.80 7.92 -17.37
CA GLU C 373 -1.04 8.14 -18.60
C GLU C 373 -1.93 8.17 -19.81
N GLN C 374 -2.93 7.28 -19.81
CA GLN C 374 -3.85 7.21 -20.93
C GLN C 374 -4.66 8.49 -21.02
N LYS C 375 -4.96 9.05 -19.85
CA LYS C 375 -5.76 10.25 -19.79
C LYS C 375 -4.89 11.44 -20.17
N LEU C 376 -3.60 11.37 -19.86
CA LEU C 376 -2.72 12.46 -20.26
C LEU C 376 -2.72 12.57 -21.79
N MET C 377 -2.80 11.42 -22.46
CA MET C 377 -2.82 11.39 -23.92
C MET C 377 -4.05 12.10 -24.42
N LEU C 378 -5.18 11.66 -23.90
CA LEU C 378 -6.47 12.20 -24.28
C LEU C 378 -6.57 13.72 -24.08
N ARG C 379 -5.80 14.27 -23.16
CA ARG C 379 -5.88 15.70 -22.89
C ARG C 379 -4.75 16.45 -23.55
N LEU C 380 -3.86 15.73 -24.24
CA LEU C 380 -2.88 16.36 -25.09
C LEU C 380 -3.41 16.45 -26.52
N ILE C 381 -3.96 15.35 -27.03
CA ILE C 381 -4.72 15.34 -28.27
C ILE C 381 -6.17 15.76 -27.98
N LYS C 382 -6.85 16.38 -28.93
CA LYS C 382 -8.27 16.65 -28.72
C LYS C 382 -9.03 15.82 -29.71
N PRO C 383 -9.33 14.58 -29.33
CA PRO C 383 -9.97 13.77 -30.35
C PRO C 383 -11.46 14.11 -30.43
N LYS C 384 -11.98 14.38 -31.62
CA LYS C 384 -13.43 14.50 -31.77
C LYS C 384 -13.97 13.12 -31.43
N PHE C 385 -13.30 12.11 -31.99
CA PHE C 385 -13.70 10.70 -31.84
C PHE C 385 -12.53 9.84 -31.35
N PHE C 386 -12.87 8.69 -30.78
CA PHE C 386 -11.93 7.86 -30.05
C PHE C 386 -12.16 6.37 -30.30
N MET C 387 -11.08 5.68 -30.64
CA MET C 387 -11.11 4.25 -30.92
C MET C 387 -10.02 3.53 -30.13
N PRO C 388 -10.41 2.72 -29.13
CA PRO C 388 -9.45 2.03 -28.28
C PRO C 388 -8.83 0.91 -29.11
N ILE C 389 -7.51 0.78 -29.08
CA ILE C 389 -6.84 -0.31 -29.78
C ILE C 389 -5.88 -1.08 -28.86
N HIS C 390 -5.35 -2.19 -29.38
CA HIS C 390 -4.33 -2.96 -28.71
C HIS C 390 -4.80 -3.47 -27.34
N GLY C 391 -5.91 -4.21 -27.31
CA GLY C 391 -6.35 -4.80 -26.06
C GLY C 391 -7.56 -5.70 -26.18
N GLU C 392 -7.77 -6.56 -25.19
CA GLU C 392 -8.97 -7.40 -25.12
C GLU C 392 -10.20 -6.52 -24.91
N TYR C 393 -11.39 -7.11 -24.99
CA TYR C 393 -12.58 -6.27 -24.90
C TYR C 393 -12.60 -5.39 -23.64
N ARG C 394 -12.37 -5.98 -22.49
CA ARG C 394 -12.48 -5.24 -21.24
C ARG C 394 -11.50 -4.07 -21.20
N MET C 395 -10.32 -4.25 -21.78
CA MET C 395 -9.35 -3.18 -21.78
C MET C 395 -9.87 -2.04 -22.65
N GLN C 396 -10.52 -2.38 -23.75
CA GLN C 396 -11.10 -1.35 -24.61
C GLN C 396 -12.23 -0.65 -23.86
N LYS C 397 -13.09 -1.42 -23.20
CA LYS C 397 -14.21 -0.83 -22.48
C LYS C 397 -13.70 0.17 -21.45
N MET C 398 -12.87 -0.29 -20.53
CA MET C 398 -12.33 0.56 -19.47
C MET C 398 -11.64 1.79 -20.05
N HIS C 399 -10.93 1.61 -21.16
CA HIS C 399 -10.28 2.74 -21.82
C HIS C 399 -11.32 3.79 -22.20
N VAL C 400 -12.46 3.35 -22.72
CA VAL C 400 -13.55 4.26 -23.08
C VAL C 400 -14.15 4.99 -21.88
N LYS C 401 -14.34 4.30 -20.76
CA LYS C 401 -14.73 5.00 -19.54
C LYS C 401 -13.73 6.12 -19.25
N LEU C 402 -12.45 5.89 -19.54
CA LEU C 402 -11.47 6.93 -19.29
C LEU C 402 -11.73 8.13 -20.19
N ALA C 403 -12.06 7.86 -21.45
CA ALA C 403 -12.27 8.92 -22.42
C ALA C 403 -13.54 9.71 -22.11
N THR C 404 -14.63 9.01 -21.78
CA THR C 404 -15.86 9.71 -21.40
C THR C 404 -15.64 10.57 -20.15
N ASP C 405 -14.95 10.00 -19.16
CA ASP C 405 -14.56 10.74 -17.97
C ASP C 405 -13.81 12.02 -18.30
N CYS C 406 -13.06 12.00 -19.40
CA CYS C 406 -12.32 13.17 -19.86
C CYS C 406 -13.14 14.09 -20.76
N GLY C 407 -14.43 13.82 -20.86
CA GLY C 407 -15.34 14.75 -21.49
C GLY C 407 -15.81 14.35 -22.87
N ILE C 408 -15.10 13.46 -23.52
CA ILE C 408 -15.55 13.09 -24.86
C ILE C 408 -16.82 12.20 -24.78
N PRO C 409 -17.85 12.55 -25.56
CA PRO C 409 -19.20 11.96 -25.47
C PRO C 409 -19.20 10.49 -25.83
N GLU C 410 -19.95 9.68 -25.10
CA GLU C 410 -19.96 8.26 -25.34
C GLU C 410 -20.29 7.88 -26.79
N GLU C 411 -21.09 8.71 -27.45
CA GLU C 411 -21.54 8.40 -28.82
C GLU C 411 -20.43 8.67 -29.84
N ASN C 412 -19.29 9.19 -29.38
CA ASN C 412 -18.12 9.45 -30.22
C ASN C 412 -17.00 8.47 -29.92
N CYS C 413 -17.34 7.45 -29.14
CA CYS C 413 -16.39 6.42 -28.74
C CYS C 413 -16.80 5.10 -29.34
N PHE C 414 -15.90 4.47 -30.08
CA PHE C 414 -16.21 3.24 -30.81
C PHE C 414 -15.38 2.03 -30.41
N ILE C 415 -15.90 1.18 -29.54
CA ILE C 415 -15.15 -0.04 -29.20
C ILE C 415 -15.43 -1.09 -30.28
N MET C 416 -14.40 -1.40 -31.08
CA MET C 416 -14.60 -2.22 -32.29
C MET C 416 -13.94 -3.61 -32.26
N ASP C 417 -14.29 -4.40 -33.27
CA ASP C 417 -13.72 -5.72 -33.45
C ASP C 417 -12.86 -5.70 -34.69
N ASN C 418 -11.99 -6.68 -34.85
CA ASN C 418 -11.20 -6.74 -36.07
C ASN C 418 -12.12 -6.79 -37.26
N GLY C 419 -11.85 -5.94 -38.25
CA GLY C 419 -12.63 -5.96 -39.46
C GLY C 419 -13.72 -4.92 -39.57
N GLU C 420 -14.29 -4.49 -38.45
CA GLU C 420 -15.26 -3.39 -38.50
C GLU C 420 -14.58 -2.12 -39.02
N VAL C 421 -15.35 -1.25 -39.68
CA VAL C 421 -14.82 -0.03 -40.29
C VAL C 421 -15.46 1.26 -39.77
N LEU C 422 -14.62 2.24 -39.45
CA LEU C 422 -15.09 3.49 -38.86
C LEU C 422 -15.17 4.60 -39.90
N ALA C 423 -16.40 5.01 -40.23
CA ALA C 423 -16.61 6.14 -41.12
C ALA C 423 -16.46 7.48 -40.39
N LEU C 424 -15.43 8.25 -40.76
CA LEU C 424 -15.04 9.41 -39.98
C LEU C 424 -15.12 10.69 -40.79
N LYS C 425 -15.92 11.64 -40.30
CA LYS C 425 -16.00 12.95 -40.93
C LYS C 425 -16.37 13.95 -39.86
N GLY C 426 -15.72 15.11 -39.86
CA GLY C 426 -15.95 16.15 -38.86
C GLY C 426 -17.32 16.20 -38.17
N ASP C 427 -18.40 16.15 -38.94
CA ASP C 427 -19.74 16.27 -38.36
C ASP C 427 -20.43 14.92 -38.12
N GLU C 428 -19.82 13.83 -38.57
CA GLU C 428 -20.41 12.51 -38.36
C GLU C 428 -19.40 11.35 -38.38
N ALA C 429 -19.69 10.32 -37.59
CA ALA C 429 -18.86 9.12 -37.52
C ALA C 429 -19.68 7.90 -37.11
N SER C 430 -19.37 6.74 -37.67
CA SER C 430 -20.05 5.50 -37.27
C SER C 430 -19.37 4.26 -37.83
N VAL C 431 -19.64 3.12 -37.21
CA VAL C 431 -19.20 1.85 -37.75
C VAL C 431 -20.08 1.51 -38.95
N ALA C 432 -19.53 1.76 -40.13
CA ALA C 432 -20.29 1.76 -41.37
C ALA C 432 -20.22 0.46 -42.17
N GLY C 433 -19.84 -0.64 -41.51
CA GLY C 433 -19.76 -1.92 -42.20
C GLY C 433 -18.43 -2.62 -42.03
N LYS C 434 -18.38 -3.87 -42.47
CA LYS C 434 -17.24 -4.76 -42.26
C LYS C 434 -16.29 -4.89 -43.46
N ILE C 435 -15.19 -5.61 -43.25
CA ILE C 435 -14.19 -5.86 -44.25
C ILE C 435 -13.85 -7.32 -44.06
N PRO C 436 -13.31 -7.98 -45.09
CA PRO C 436 -12.96 -9.38 -44.84
C PRO C 436 -11.80 -9.45 -43.85
N SER C 437 -12.00 -10.22 -42.77
CA SER C 437 -10.96 -10.34 -41.77
C SER C 437 -11.02 -11.71 -41.10
N GLY C 438 -9.95 -12.03 -40.37
CA GLY C 438 -9.87 -13.28 -39.67
C GLY C 438 -8.46 -13.57 -39.18
N SER C 439 -8.25 -14.82 -38.80
CA SER C 439 -6.97 -15.29 -38.31
C SER C 439 -6.49 -16.41 -39.19
N VAL C 440 -5.17 -16.51 -39.27
CA VAL C 440 -4.54 -17.53 -40.07
C VAL C 440 -3.43 -18.17 -39.25
N TYR C 441 -3.27 -19.48 -39.41
CA TYR C 441 -2.32 -20.26 -38.62
C TYR C 441 -1.01 -20.54 -39.36
N ILE C 442 0.10 -20.43 -38.64
CA ILE C 442 1.43 -20.71 -39.17
C ILE C 442 2.11 -21.86 -38.43
N ASP C 443 2.45 -22.92 -39.18
CA ASP C 443 3.12 -24.10 -38.66
C ASP C 443 4.32 -24.35 -39.58
N GLY C 444 5.49 -23.85 -39.20
CA GLY C 444 6.69 -24.02 -39.99
C GLY C 444 6.62 -23.28 -41.31
N SER C 445 6.71 -24.02 -42.40
CA SER C 445 6.65 -23.42 -43.73
C SER C 445 5.22 -23.49 -44.24
N GLY C 446 4.34 -24.01 -43.40
CA GLY C 446 2.95 -24.18 -43.73
C GLY C 446 2.08 -22.99 -43.33
N ILE C 447 1.82 -22.11 -44.29
CA ILE C 447 1.00 -20.91 -44.08
C ILE C 447 -0.53 -21.19 -44.16
N GLY C 448 -1.02 -22.02 -43.24
CA GLY C 448 -2.37 -22.55 -43.35
C GLY C 448 -2.30 -23.94 -43.96
N ASP C 449 -1.13 -24.57 -43.88
CA ASP C 449 -0.92 -25.98 -44.26
C ASP C 449 -1.80 -26.82 -43.34
N ILE C 450 -2.23 -26.14 -42.26
CA ILE C 450 -2.96 -26.72 -41.14
C ILE C 450 -4.29 -25.99 -40.93
N GLY C 451 -5.39 -26.74 -41.05
CA GLY C 451 -6.73 -26.18 -40.96
C GLY C 451 -7.43 -26.53 -39.66
N ASN C 452 -8.75 -26.40 -39.66
CA ASN C 452 -9.53 -26.60 -38.45
C ASN C 452 -9.93 -28.06 -38.30
N ILE C 453 -9.11 -28.96 -38.85
CA ILE C 453 -9.38 -30.40 -38.81
C ILE C 453 -8.12 -31.23 -38.67
N VAL C 454 -7.02 -30.74 -39.24
CA VAL C 454 -5.70 -31.22 -38.88
C VAL C 454 -5.43 -30.85 -37.42
N LEU C 455 -6.14 -29.84 -36.93
CA LEU C 455 -6.11 -29.51 -35.49
C LEU C 455 -7.05 -30.42 -34.70
N ARG C 456 -8.21 -30.73 -35.26
CA ARG C 456 -9.11 -31.63 -34.55
C ARG C 456 -8.46 -33.00 -34.37
N ASP C 457 -7.79 -33.47 -35.41
CA ASP C 457 -7.07 -34.73 -35.32
C ASP C 457 -6.07 -34.64 -34.21
N ARG C 458 -5.35 -33.51 -34.15
CA ARG C 458 -4.31 -33.33 -33.14
C ARG C 458 -4.85 -33.44 -31.71
N ARG C 459 -6.06 -32.91 -31.49
CA ARG C 459 -6.76 -32.95 -30.20
C ARG C 459 -7.14 -34.38 -29.75
N ILE C 460 -7.85 -35.11 -30.61
CA ILE C 460 -8.17 -36.49 -30.30
C ILE C 460 -6.92 -37.19 -29.84
N LEU C 461 -5.93 -37.22 -30.73
CA LEU C 461 -4.65 -37.86 -30.47
C LEU C 461 -4.07 -37.49 -29.11
N SER C 462 -4.10 -36.21 -28.76
CA SER C 462 -3.56 -35.77 -27.47
C SER C 462 -4.40 -36.17 -26.26
N GLU C 463 -5.68 -36.42 -26.43
CA GLU C 463 -6.47 -36.81 -25.26
C GLU C 463 -6.64 -38.32 -25.17
N GLU C 464 -6.99 -38.94 -26.30
CA GLU C 464 -7.40 -40.35 -26.27
C GLU C 464 -6.28 -41.30 -26.67
N GLY C 465 -5.41 -40.87 -27.60
CA GLY C 465 -4.35 -41.70 -28.14
C GLY C 465 -4.78 -42.30 -29.46
N LEU C 466 -4.00 -43.19 -30.03
CA LEU C 466 -4.49 -43.95 -31.19
C LEU C 466 -4.08 -45.40 -31.12
N VAL C 467 -4.85 -46.28 -31.74
CA VAL C 467 -4.38 -47.64 -31.93
C VAL C 467 -4.52 -48.06 -33.39
N ILE C 468 -3.41 -48.50 -33.97
CA ILE C 468 -3.34 -48.91 -35.37
C ILE C 468 -3.53 -50.41 -35.51
N VAL C 469 -4.47 -50.82 -36.35
CA VAL C 469 -4.65 -52.22 -36.66
C VAL C 469 -4.24 -52.48 -38.09
N VAL C 470 -3.21 -53.30 -38.27
CA VAL C 470 -2.68 -53.51 -39.59
C VAL C 470 -2.68 -54.99 -39.97
N VAL C 471 -3.18 -55.28 -41.18
CA VAL C 471 -3.26 -56.65 -41.68
C VAL C 471 -2.79 -56.77 -43.13
N SER C 472 -2.13 -57.88 -43.43
CA SER C 472 -1.80 -58.25 -44.79
C SER C 472 -2.76 -59.34 -45.23
N ILE C 473 -3.38 -59.16 -46.37
CA ILE C 473 -4.35 -60.12 -46.88
C ILE C 473 -4.06 -60.32 -48.36
N ASP C 474 -3.98 -61.57 -48.81
CA ASP C 474 -3.93 -61.77 -50.25
C ASP C 474 -5.19 -62.37 -50.81
N MET C 475 -5.76 -61.59 -51.73
CA MET C 475 -7.14 -61.71 -52.16
C MET C 475 -7.40 -62.83 -53.16
N ASP C 476 -6.49 -63.01 -54.12
CA ASP C 476 -6.55 -64.10 -55.09
C ASP C 476 -6.86 -65.44 -54.41
N ASP C 477 -6.75 -65.46 -53.09
CA ASP C 477 -6.85 -66.68 -52.30
C ASP C 477 -7.83 -66.50 -51.12
N PHE C 478 -8.20 -65.24 -50.87
CA PHE C 478 -9.17 -64.84 -49.83
C PHE C 478 -8.75 -65.21 -48.40
N LYS C 479 -7.54 -64.80 -47.99
CA LYS C 479 -7.00 -65.21 -46.69
C LYS C 479 -6.13 -64.14 -46.03
N ILE C 480 -6.16 -64.15 -44.70
CA ILE C 480 -5.38 -63.24 -43.87
C ILE C 480 -3.97 -63.79 -43.67
N SER C 481 -3.01 -63.26 -44.43
CA SER C 481 -1.66 -63.81 -44.41
C SER C 481 -0.68 -63.18 -43.40
N ALA C 482 -1.16 -62.21 -42.63
CA ALA C 482 -0.36 -61.60 -41.56
C ALA C 482 -1.22 -60.65 -40.73
N GLY C 483 -1.10 -60.74 -39.41
CA GLY C 483 -1.91 -59.91 -38.54
C GLY C 483 -3.16 -60.62 -38.04
N PRO C 484 -4.10 -59.88 -37.41
CA PRO C 484 -4.02 -58.42 -37.25
C PRO C 484 -3.07 -58.05 -36.12
N ASP C 485 -2.20 -57.10 -36.38
CA ASP C 485 -1.31 -56.60 -35.33
C ASP C 485 -1.82 -55.27 -34.82
N LEU C 486 -1.85 -55.11 -33.50
CA LEU C 486 -2.16 -53.83 -32.88
C LEU C 486 -0.88 -53.14 -32.45
N ILE C 487 -0.72 -51.91 -32.89
CA ILE C 487 0.33 -51.07 -32.36
C ILE C 487 -0.29 -49.74 -31.90
N SER C 488 0.00 -49.36 -30.64
CA SER C 488 -0.67 -48.24 -29.97
C SER C 488 0.29 -47.17 -29.43
N ARG C 489 -0.20 -45.93 -29.39
CA ARG C 489 0.54 -44.81 -28.83
C ARG C 489 -0.38 -43.84 -28.12
N GLY C 490 -0.03 -43.47 -26.89
CA GLY C 490 -0.80 -42.47 -26.17
C GLY C 490 -2.13 -42.99 -25.68
N PHE C 491 -2.30 -44.31 -25.76
CA PHE C 491 -3.53 -44.96 -25.29
C PHE C 491 -3.36 -45.72 -23.96
N VAL C 492 -2.29 -46.50 -23.84
CA VAL C 492 -2.01 -47.18 -22.56
C VAL C 492 -0.57 -47.66 -22.38
N ASP C 499 -1.38 -56.54 -21.77
CA ASP C 499 -2.38 -57.56 -21.44
C ASP C 499 -3.74 -57.25 -22.10
N LEU C 500 -4.17 -56.00 -21.98
CA LEU C 500 -5.41 -55.51 -22.62
C LEU C 500 -5.37 -55.56 -24.15
N ILE C 501 -4.30 -55.01 -24.75
CA ILE C 501 -4.28 -54.99 -26.21
C ILE C 501 -4.01 -56.39 -26.76
N ASN C 502 -3.63 -57.32 -25.89
CA ASN C 502 -3.45 -58.70 -26.31
C ASN C 502 -4.81 -59.34 -26.52
N ASP C 503 -5.71 -59.16 -25.55
CA ASP C 503 -7.10 -59.63 -25.69
C ASP C 503 -7.79 -59.04 -26.92
N ALA C 504 -7.49 -57.78 -27.19
CA ALA C 504 -8.05 -57.06 -28.32
C ALA C 504 -7.48 -57.60 -29.63
N GLN C 505 -6.19 -57.94 -29.64
CA GLN C 505 -5.51 -58.52 -30.81
C GLN C 505 -6.18 -59.84 -31.21
N GLU C 506 -6.83 -60.46 -30.22
CA GLU C 506 -7.48 -61.74 -30.42
C GLU C 506 -8.90 -61.54 -30.89
N LEU C 507 -9.61 -60.69 -30.15
CA LEU C 507 -10.94 -60.27 -30.54
C LEU C 507 -10.98 -59.94 -32.04
N ILE C 508 -10.11 -59.04 -32.48
CA ILE C 508 -10.10 -58.60 -33.87
C ILE C 508 -9.57 -59.65 -34.82
N SER C 509 -8.96 -60.71 -34.28
CA SER C 509 -8.51 -61.82 -35.11
C SER C 509 -9.66 -62.81 -35.35
N ASN C 510 -10.16 -63.41 -34.27
CA ASN C 510 -11.31 -64.32 -34.35
C ASN C 510 -12.42 -63.78 -35.23
N HIS C 511 -12.71 -62.50 -35.05
CA HIS C 511 -13.77 -61.86 -35.79
C HIS C 511 -13.37 -61.60 -37.24
N LEU C 512 -12.10 -61.24 -37.45
CA LEU C 512 -11.66 -60.88 -38.79
C LEU C 512 -11.61 -62.12 -39.67
N GLN C 513 -11.52 -63.28 -39.04
CA GLN C 513 -11.51 -64.56 -39.75
C GLN C 513 -12.90 -64.92 -40.25
N LYS C 514 -13.90 -64.73 -39.39
CA LYS C 514 -15.30 -64.95 -39.74
C LYS C 514 -15.72 -64.03 -40.90
N VAL C 515 -15.00 -62.92 -41.04
CA VAL C 515 -15.32 -61.91 -42.05
C VAL C 515 -14.73 -62.29 -43.40
N MET C 516 -13.65 -63.04 -43.35
CA MET C 516 -13.00 -63.53 -44.57
C MET C 516 -13.70 -64.79 -45.10
N TRP C 523 -13.11 -53.68 -49.56
CA TRP C 523 -12.04 -53.09 -48.77
C TRP C 523 -12.55 -52.22 -47.63
N SER C 524 -13.47 -51.31 -47.96
CA SER C 524 -13.99 -50.36 -46.96
C SER C 524 -14.77 -51.06 -45.84
N GLU C 525 -15.39 -52.19 -46.14
CA GLU C 525 -16.18 -52.92 -45.15
C GLU C 525 -15.32 -53.59 -44.07
N ILE C 526 -14.07 -53.86 -44.40
CA ILE C 526 -13.15 -54.52 -43.48
C ILE C 526 -12.66 -53.50 -42.46
N LYS C 527 -12.14 -52.39 -42.97
CA LYS C 527 -11.75 -51.28 -42.09
C LYS C 527 -12.88 -51.00 -41.11
N ASN C 528 -14.10 -50.88 -41.64
CA ASN C 528 -15.28 -50.67 -40.80
C ASN C 528 -15.55 -51.80 -39.81
N GLU C 529 -15.44 -53.04 -40.26
CA GLU C 529 -15.67 -54.17 -39.38
C GLU C 529 -14.65 -54.22 -38.23
N ILE C 530 -13.41 -53.85 -38.52
CA ILE C 530 -12.36 -53.73 -37.50
C ILE C 530 -12.67 -52.62 -36.48
N THR C 531 -12.86 -51.40 -36.99
CA THR C 531 -13.18 -50.25 -36.16
C THR C 531 -14.43 -50.49 -35.35
N ASP C 532 -15.49 -50.90 -36.04
CA ASP C 532 -16.81 -50.98 -35.42
C ASP C 532 -16.92 -52.08 -34.35
N THR C 533 -15.93 -52.96 -34.26
CA THR C 533 -15.96 -54.00 -33.22
C THR C 533 -14.85 -53.85 -32.15
N LEU C 534 -13.78 -53.15 -32.51
CA LEU C 534 -12.66 -52.85 -31.59
C LEU C 534 -13.00 -51.68 -30.63
N ALA C 535 -13.36 -50.55 -31.24
CA ALA C 535 -13.80 -49.36 -30.49
C ALA C 535 -14.60 -49.67 -29.21
N PRO C 536 -15.73 -50.39 -29.34
CA PRO C 536 -16.60 -50.64 -28.19
C PRO C 536 -15.93 -51.49 -27.12
N PHE C 537 -15.01 -52.35 -27.53
CA PHE C 537 -14.35 -53.26 -26.60
C PHE C 537 -13.36 -52.45 -25.77
N LEU C 538 -12.64 -51.56 -26.45
CA LEU C 538 -11.72 -50.68 -25.76
C LEU C 538 -12.50 -49.79 -24.82
N TYR C 539 -13.55 -49.15 -25.33
CA TYR C 539 -14.38 -48.30 -24.46
C TYR C 539 -14.85 -49.07 -23.24
N GLU C 540 -15.26 -50.32 -23.44
CA GLU C 540 -15.75 -51.14 -22.35
C GLU C 540 -14.69 -51.29 -21.27
N LYS C 541 -13.46 -51.64 -21.69
CA LYS C 541 -12.35 -51.94 -20.77
C LYS C 541 -11.67 -50.70 -20.20
N THR C 542 -11.73 -49.61 -20.94
CA THR C 542 -10.86 -48.48 -20.65
C THR C 542 -11.64 -47.18 -20.50
N LYS C 543 -12.90 -47.21 -20.91
CA LYS C 543 -13.74 -46.03 -20.83
C LYS C 543 -13.18 -44.93 -21.75
N ARG C 544 -12.01 -45.18 -22.33
CA ARG C 544 -11.43 -44.23 -23.26
C ARG C 544 -11.82 -44.53 -24.70
N ARG C 545 -11.51 -43.59 -25.58
CA ARG C 545 -11.95 -43.68 -26.93
C ARG C 545 -10.84 -43.29 -27.91
N PRO C 546 -9.85 -44.19 -28.07
CA PRO C 546 -8.65 -43.89 -28.86
C PRO C 546 -9.06 -43.78 -30.30
N MET C 547 -8.29 -43.05 -31.08
CA MET C 547 -8.52 -43.01 -32.51
C MET C 547 -8.04 -44.32 -33.03
N ILE C 548 -8.97 -45.13 -33.53
CA ILE C 548 -8.62 -46.45 -33.99
C ILE C 548 -8.63 -46.40 -35.52
N LEU C 549 -7.51 -46.74 -36.15
CA LEU C 549 -7.46 -46.64 -37.60
C LEU C 549 -6.76 -47.81 -38.28
N PRO C 550 -7.53 -48.60 -39.04
CA PRO C 550 -7.06 -49.84 -39.69
C PRO C 550 -6.38 -49.55 -41.01
N ILE C 551 -5.28 -50.27 -41.22
CA ILE C 551 -4.52 -50.19 -42.45
C ILE C 551 -4.50 -51.57 -43.04
N ILE C 552 -4.91 -51.68 -44.31
CA ILE C 552 -4.85 -52.96 -44.99
C ILE C 552 -3.83 -52.99 -46.12
N MET C 553 -3.07 -54.08 -46.15
CA MET C 553 -2.05 -54.34 -47.16
C MET C 553 -2.54 -55.48 -48.04
N GLU C 554 -2.54 -55.28 -49.36
CA GLU C 554 -2.84 -56.38 -50.27
C GLU C 554 -1.56 -57.05 -50.81
N VAL C 555 -1.42 -58.34 -50.53
CA VAL C 555 -0.18 -59.06 -50.81
C VAL C 555 -0.45 -60.30 -51.65
N ASN D 6 12.88 -48.22 14.47
CA ASN D 6 13.65 -48.32 15.70
C ASN D 6 12.84 -48.09 17.01
N ASP D 7 13.40 -47.27 17.91
CA ASP D 7 12.66 -46.80 19.09
C ASP D 7 12.23 -45.37 18.84
N GLN D 8 12.02 -45.08 17.56
CA GLN D 8 11.67 -43.75 17.10
C GLN D 8 10.33 -43.83 16.38
N THR D 9 9.76 -42.67 16.07
CA THR D 9 8.54 -42.61 15.28
C THR D 9 8.85 -42.19 13.85
N ALA D 10 8.12 -42.73 12.90
CA ALA D 10 8.28 -42.34 11.51
C ALA D 10 7.12 -41.46 11.03
N VAL D 11 7.46 -40.56 10.11
CA VAL D 11 6.54 -39.59 9.58
C VAL D 11 6.88 -39.45 8.10
N PHE D 12 5.85 -39.40 7.24
CA PHE D 12 6.10 -39.32 5.79
C PHE D 12 4.85 -38.99 5.00
N ALA D 13 5.04 -38.62 3.75
CA ALA D 13 3.92 -38.31 2.87
C ALA D 13 3.96 -39.18 1.64
N LEU D 14 2.78 -39.58 1.17
CA LEU D 14 2.67 -40.35 -0.06
C LEU D 14 2.30 -39.41 -1.20
N GLY D 15 1.96 -38.19 -0.79
CA GLY D 15 1.62 -37.12 -1.71
C GLY D 15 1.30 -35.89 -0.89
N GLY D 16 1.49 -34.72 -1.50
CA GLY D 16 1.24 -33.46 -0.81
C GLY D 16 2.48 -32.59 -0.57
N LEU D 17 3.65 -33.12 -0.88
CA LEU D 17 4.88 -32.34 -0.74
C LEU D 17 5.46 -32.06 -2.11
N GLY D 18 5.88 -30.82 -2.33
CA GLY D 18 6.46 -30.44 -3.60
C GLY D 18 5.36 -30.14 -4.59
N GLU D 19 4.14 -30.07 -4.06
CA GLU D 19 2.95 -29.88 -4.86
C GLU D 19 1.81 -29.36 -4.01
N ILE D 20 0.79 -28.83 -4.68
CA ILE D 20 -0.50 -28.65 -4.03
C ILE D 20 -1.42 -29.75 -4.52
N GLY D 21 -1.74 -30.72 -3.66
CA GLY D 21 -2.67 -31.78 -4.03
C GLY D 21 -2.30 -33.14 -3.49
N LYS D 22 -3.21 -34.10 -3.59
CA LYS D 22 -2.89 -35.48 -3.26
C LYS D 22 -2.54 -35.64 -1.81
N ASN D 23 -2.82 -34.64 -0.99
CA ASN D 23 -2.32 -34.69 0.39
C ASN D 23 -2.71 -35.98 1.09
N THR D 24 -1.75 -36.89 1.22
CA THR D 24 -1.94 -38.06 2.06
C THR D 24 -0.69 -38.24 2.93
N TYR D 25 -0.85 -38.17 4.25
CA TYR D 25 0.29 -38.24 5.18
C TYR D 25 0.13 -39.41 6.13
N ALA D 26 1.26 -39.89 6.64
CA ALA D 26 1.24 -40.98 7.58
C ALA D 26 2.24 -40.78 8.72
N VAL D 27 1.83 -41.21 9.91
CA VAL D 27 2.76 -41.39 11.04
C VAL D 27 2.73 -42.87 11.49
N GLN D 28 3.91 -43.48 11.57
CA GLN D 28 4.03 -44.91 11.89
C GLN D 28 4.98 -45.19 13.03
N PHE D 29 4.51 -45.97 14.00
CA PHE D 29 5.32 -46.37 15.15
C PHE D 29 5.21 -47.87 15.34
N GLN D 30 6.30 -48.57 15.03
CA GLN D 30 6.30 -50.03 15.05
C GLN D 30 5.20 -50.62 14.17
N ASP D 31 4.33 -51.42 14.75
CA ASP D 31 3.31 -52.14 13.98
C ASP D 31 2.00 -51.38 13.81
N GLU D 32 1.94 -50.16 14.34
CA GLU D 32 0.78 -49.29 14.17
C GLU D 32 1.10 -48.13 13.26
N ILE D 33 0.12 -47.71 12.47
CA ILE D 33 0.34 -46.65 11.49
C ILE D 33 -0.95 -45.86 11.20
N VAL D 34 -0.91 -44.57 11.52
CA VAL D 34 -2.06 -43.68 11.40
C VAL D 34 -1.99 -42.83 10.14
N LEU D 35 -3.06 -42.83 9.35
CA LEU D 35 -3.05 -42.04 8.11
C LEU D 35 -3.77 -40.73 8.32
N ILE D 36 -3.23 -39.65 7.76
CA ILE D 36 -3.93 -38.38 7.81
C ILE D 36 -4.18 -37.87 6.41
N ASP D 37 -5.46 -37.74 6.05
CA ASP D 37 -5.91 -37.33 4.72
C ASP D 37 -5.56 -38.32 3.59
N ALA D 38 -6.36 -38.33 2.54
CA ALA D 38 -6.00 -39.12 1.36
C ALA D 38 -6.52 -38.51 0.06
N GLY D 39 -6.18 -37.24 -0.14
CA GLY D 39 -6.73 -36.45 -1.23
C GLY D 39 -6.41 -36.85 -2.66
N ILE D 40 -6.98 -36.09 -3.57
CA ILE D 40 -6.82 -36.25 -5.00
C ILE D 40 -6.09 -35.01 -5.52
N LYS D 41 -5.63 -35.03 -6.76
CA LYS D 41 -4.99 -33.87 -7.33
C LYS D 41 -5.41 -33.67 -8.77
N PHE D 42 -5.58 -32.43 -9.19
CA PHE D 42 -6.02 -32.17 -10.56
C PHE D 42 -4.82 -32.05 -11.48
N PRO D 43 -4.91 -32.65 -12.66
CA PRO D 43 -3.82 -32.77 -13.62
C PRO D 43 -3.38 -31.41 -14.08
N GLU D 44 -2.10 -31.13 -14.08
CA GLU D 44 -1.63 -29.94 -14.79
C GLU D 44 -1.86 -30.19 -16.28
N ASP D 45 -2.01 -29.11 -17.03
CA ASP D 45 -2.31 -29.18 -18.45
C ASP D 45 -1.50 -30.23 -19.24
N GLU D 46 -0.21 -30.40 -18.90
CA GLU D 46 0.69 -31.28 -19.66
C GLU D 46 0.33 -32.79 -19.65
N LEU D 47 -0.52 -33.21 -18.71
CA LEU D 47 -0.98 -34.59 -18.64
C LEU D 47 -2.22 -34.85 -19.52
N LEU D 48 -2.01 -34.94 -20.83
CA LEU D 48 -3.07 -34.75 -21.81
C LEU D 48 -4.47 -35.33 -21.55
N GLY D 49 -4.58 -36.63 -21.33
CA GLY D 49 -5.92 -37.19 -21.29
C GLY D 49 -6.54 -37.18 -19.91
N ILE D 50 -5.66 -37.12 -18.92
CA ILE D 50 -5.96 -37.40 -17.52
C ILE D 50 -7.12 -36.63 -16.88
N ASP D 51 -7.80 -37.30 -15.95
CA ASP D 51 -8.89 -36.72 -15.22
C ASP D 51 -8.40 -36.33 -13.81
N TYR D 52 -7.73 -37.24 -13.14
CA TYR D 52 -7.24 -36.98 -11.79
C TYR D 52 -5.91 -37.66 -11.58
N VAL D 53 -5.14 -37.18 -10.61
CA VAL D 53 -3.91 -37.85 -10.17
C VAL D 53 -4.03 -38.26 -8.71
N ILE D 54 -3.35 -39.35 -8.36
CA ILE D 54 -3.59 -40.06 -7.12
C ILE D 54 -2.23 -40.62 -6.69
N PRO D 55 -2.01 -40.75 -5.37
CA PRO D 55 -0.72 -41.30 -4.92
C PRO D 55 -0.59 -42.82 -5.15
N ASP D 56 0.66 -43.28 -5.23
CA ASP D 56 0.96 -44.70 -5.30
C ASP D 56 0.87 -45.29 -3.90
N TYR D 57 -0.16 -46.11 -3.66
CA TYR D 57 -0.38 -46.67 -2.33
C TYR D 57 0.35 -48.00 -2.05
N THR D 58 1.29 -48.40 -2.91
CA THR D 58 1.88 -49.75 -2.76
C THR D 58 2.35 -50.01 -1.34
N TYR D 59 2.93 -49.01 -0.69
CA TYR D 59 3.37 -49.23 0.70
C TYR D 59 2.19 -49.52 1.63
N LEU D 60 1.11 -48.75 1.48
CA LEU D 60 -0.07 -48.95 2.32
C LEU D 60 -0.65 -50.32 2.11
N VAL D 61 -0.56 -50.81 0.88
CA VAL D 61 -1.07 -52.16 0.55
C VAL D 61 -0.21 -53.25 1.19
N LYS D 62 1.09 -53.26 0.88
CA LYS D 62 2.03 -54.17 1.54
C LYS D 62 2.00 -54.16 3.09
N ASN D 63 1.16 -53.32 3.69
CA ASN D 63 1.16 -53.15 5.13
C ASN D 63 -0.22 -52.94 5.69
N GLU D 64 -1.25 -53.28 4.92
CA GLU D 64 -2.63 -53.03 5.32
C GLU D 64 -2.98 -53.43 6.76
N ASP D 65 -2.52 -54.60 7.17
CA ASP D 65 -2.77 -55.11 8.52
C ASP D 65 -2.44 -54.08 9.61
N LYS D 66 -1.35 -53.33 9.43
CA LYS D 66 -0.89 -52.35 10.41
C LYS D 66 -1.74 -51.05 10.47
N ILE D 67 -2.24 -50.60 9.33
CA ILE D 67 -3.02 -49.37 9.24
C ILE D 67 -4.13 -49.37 10.26
N LYS D 68 -4.04 -48.46 11.24
CA LYS D 68 -4.99 -48.46 12.35
C LYS D 68 -6.20 -47.56 12.09
N GLY D 69 -6.06 -46.68 11.10
CA GLY D 69 -7.11 -45.76 10.72
C GLY D 69 -6.70 -44.63 9.77
N LEU D 70 -7.70 -44.03 9.10
CA LEU D 70 -7.49 -42.86 8.25
C LEU D 70 -8.27 -41.73 8.87
N PHE D 71 -7.59 -40.64 9.21
CA PHE D 71 -8.24 -39.46 9.78
C PHE D 71 -8.29 -38.30 8.79
N ILE D 72 -9.38 -37.51 8.85
CA ILE D 72 -9.63 -36.46 7.86
C ILE D 72 -9.71 -35.05 8.46
N THR D 73 -8.66 -34.26 8.23
CA THR D 73 -8.61 -32.85 8.67
C THR D 73 -9.81 -32.04 8.18
N HIS D 74 -9.99 -31.92 6.86
CA HIS D 74 -11.15 -31.23 6.33
C HIS D 74 -11.65 -31.84 5.03
N GLY D 75 -12.80 -31.37 4.55
CA GLY D 75 -13.47 -32.04 3.44
C GLY D 75 -13.17 -31.55 2.02
N HIS D 76 -11.99 -30.98 1.80
CA HIS D 76 -11.64 -30.46 0.47
C HIS D 76 -11.24 -31.62 -0.38
N GLU D 77 -11.44 -31.51 -1.69
CA GLU D 77 -11.10 -32.61 -2.61
C GLU D 77 -9.64 -33.04 -2.52
N ASP D 78 -8.73 -32.08 -2.33
CA ASP D 78 -7.31 -32.38 -2.21
C ASP D 78 -6.94 -32.99 -0.87
N HIS D 79 -7.95 -33.45 -0.12
CA HIS D 79 -7.74 -34.11 1.17
C HIS D 79 -8.63 -35.34 1.32
N ILE D 80 -9.81 -35.28 0.69
CA ILE D 80 -10.84 -36.31 0.84
C ILE D 80 -11.02 -37.09 -0.46
N GLY D 81 -10.61 -36.50 -1.58
CA GLY D 81 -10.96 -36.99 -2.90
C GLY D 81 -10.42 -38.31 -3.37
N GLY D 82 -9.27 -38.71 -2.85
CA GLY D 82 -8.62 -39.92 -3.31
C GLY D 82 -9.06 -41.11 -2.47
N ILE D 83 -9.96 -40.88 -1.54
CA ILE D 83 -10.35 -41.94 -0.62
C ILE D 83 -11.06 -43.11 -1.31
N PRO D 84 -11.99 -42.82 -2.23
CA PRO D 84 -12.60 -43.94 -2.96
C PRO D 84 -11.55 -44.82 -3.62
N TYR D 85 -10.50 -44.22 -4.19
CA TYR D 85 -9.47 -45.00 -4.88
C TYR D 85 -8.61 -45.77 -3.90
N LEU D 86 -8.39 -45.24 -2.72
CA LEU D 86 -7.57 -45.92 -1.72
C LEU D 86 -8.33 -47.11 -1.17
N LEU D 87 -9.64 -46.92 -0.99
CA LEU D 87 -10.48 -47.95 -0.37
C LEU D 87 -10.73 -49.14 -1.29
N ARG D 88 -10.48 -48.97 -2.59
CA ARG D 88 -10.50 -50.10 -3.52
C ARG D 88 -9.34 -51.09 -3.28
N GLN D 89 -8.24 -50.59 -2.72
CA GLN D 89 -7.03 -51.39 -2.49
C GLN D 89 -6.74 -51.72 -1.03
N VAL D 90 -7.44 -51.10 -0.08
CA VAL D 90 -7.42 -51.53 1.32
C VAL D 90 -8.73 -51.19 2.00
N ASN D 91 -9.14 -52.01 2.96
CA ASN D 91 -10.32 -51.70 3.75
C ASN D 91 -9.96 -51.38 5.19
N ILE D 92 -9.97 -50.07 5.45
CA ILE D 92 -9.57 -49.50 6.73
C ILE D 92 -10.70 -48.62 7.26
N PRO D 93 -10.72 -48.38 8.58
CA PRO D 93 -11.74 -47.49 9.16
C PRO D 93 -11.40 -46.02 8.91
N VAL D 94 -12.42 -45.22 8.65
CA VAL D 94 -12.22 -43.78 8.43
C VAL D 94 -12.84 -42.91 9.52
N TYR D 95 -12.07 -41.96 10.04
CA TYR D 95 -12.59 -41.00 11.03
C TYR D 95 -12.51 -39.55 10.52
N GLY D 96 -13.54 -38.75 10.79
CA GLY D 96 -13.51 -37.34 10.43
C GLY D 96 -14.63 -36.57 11.08
N GLY D 97 -14.66 -35.27 10.90
CA GLY D 97 -15.72 -34.46 11.44
C GLY D 97 -16.98 -34.71 10.66
N LYS D 98 -18.09 -34.16 11.14
CA LYS D 98 -19.41 -34.38 10.54
C LYS D 98 -19.51 -33.93 9.08
N LEU D 99 -18.80 -32.86 8.72
CA LEU D 99 -18.93 -32.36 7.34
C LEU D 99 -18.11 -33.20 6.39
N ALA D 100 -16.92 -33.58 6.83
CA ALA D 100 -16.05 -34.36 5.96
C ALA D 100 -16.66 -35.74 5.68
N ILE D 101 -17.10 -36.42 6.74
CA ILE D 101 -17.74 -37.72 6.58
C ILE D 101 -19.00 -37.57 5.71
N GLY D 102 -19.75 -36.49 5.94
CA GLY D 102 -20.93 -36.22 5.16
C GLY D 102 -20.64 -36.18 3.68
N LEU D 103 -19.56 -35.49 3.31
CA LEU D 103 -19.23 -35.31 1.90
C LEU D 103 -18.69 -36.59 1.30
N LEU D 104 -17.94 -37.34 2.12
CA LEU D 104 -17.34 -38.60 1.67
C LEU D 104 -18.44 -39.64 1.47
N ARG D 105 -19.47 -39.59 2.32
CA ARG D 105 -20.62 -40.48 2.19
C ARG D 105 -21.17 -40.34 0.79
N ASN D 106 -21.58 -39.13 0.42
CA ASN D 106 -22.10 -38.88 -0.92
C ASN D 106 -21.14 -39.41 -1.98
N LYS D 107 -19.86 -39.27 -1.72
CA LYS D 107 -18.84 -39.64 -2.68
C LYS D 107 -18.78 -41.15 -2.87
N LEU D 108 -18.85 -41.88 -1.77
CA LEU D 108 -18.76 -43.33 -1.78
C LEU D 108 -19.99 -44.00 -2.38
N GLU D 109 -21.10 -43.27 -2.48
CA GLU D 109 -22.28 -43.81 -3.17
C GLU D 109 -21.97 -43.90 -4.65
N GLU D 110 -21.57 -42.76 -5.24
CA GLU D 110 -21.20 -42.71 -6.64
C GLU D 110 -20.19 -43.79 -7.01
N HIS D 111 -19.48 -44.31 -6.03
CA HIS D 111 -18.47 -45.33 -6.29
C HIS D 111 -18.91 -46.74 -5.87
N GLY D 112 -19.97 -46.82 -5.06
CA GLY D 112 -20.49 -48.09 -4.60
C GLY D 112 -19.96 -48.59 -3.28
N LEU D 113 -18.79 -48.09 -2.87
CA LEU D 113 -18.07 -48.62 -1.72
C LEU D 113 -18.62 -48.16 -0.38
N LEU D 114 -19.81 -47.55 -0.39
CA LEU D 114 -20.40 -47.05 0.84
C LEU D 114 -20.78 -48.21 1.75
N ARG D 115 -21.38 -49.25 1.18
CA ARG D 115 -21.85 -50.39 1.96
C ARG D 115 -20.75 -50.97 2.87
N GLN D 116 -19.54 -51.11 2.34
CA GLN D 116 -18.52 -51.92 3.01
C GLN D 116 -17.41 -51.17 3.72
N THR D 117 -17.59 -49.87 3.96
CA THR D 117 -16.59 -49.12 4.71
C THR D 117 -17.12 -48.56 6.01
N LYS D 118 -16.24 -48.49 7.01
CA LYS D 118 -16.64 -48.09 8.36
C LYS D 118 -16.39 -46.58 8.52
N LEU D 119 -17.44 -45.79 8.36
CA LEU D 119 -17.32 -44.34 8.54
C LEU D 119 -17.55 -43.91 9.99
N ASN D 120 -16.53 -43.26 10.55
CA ASN D 120 -16.63 -42.74 11.91
C ASN D 120 -16.69 -41.20 11.96
N ILE D 121 -17.60 -40.68 12.76
CA ILE D 121 -17.69 -39.25 12.99
C ILE D 121 -17.15 -38.87 14.36
N ILE D 122 -16.09 -38.06 14.38
CA ILE D 122 -15.53 -37.53 15.62
C ILE D 122 -15.78 -36.02 15.82
N GLY D 123 -15.46 -35.52 17.01
CA GLY D 123 -15.64 -34.12 17.37
C GLY D 123 -14.47 -33.63 18.18
N GLU D 124 -14.47 -32.34 18.53
CA GLU D 124 -13.36 -31.74 19.28
C GLU D 124 -12.76 -32.69 20.33
N ASP D 125 -13.66 -33.28 21.12
CA ASP D 125 -13.27 -33.89 22.37
C ASP D 125 -13.01 -35.41 22.32
N ASP D 126 -13.02 -36.00 21.13
CA ASP D 126 -12.84 -37.45 21.02
C ASP D 126 -11.38 -37.82 21.02
N ILE D 127 -11.07 -38.93 21.68
CA ILE D 127 -9.75 -39.55 21.57
C ILE D 127 -9.96 -40.96 21.10
N VAL D 128 -9.22 -41.38 20.06
CA VAL D 128 -9.27 -42.77 19.63
C VAL D 128 -7.93 -43.43 19.96
N LYS D 129 -7.98 -44.45 20.82
CA LYS D 129 -6.75 -45.08 21.31
C LYS D 129 -6.50 -46.41 20.61
N PHE D 130 -5.21 -46.73 20.46
CA PHE D 130 -4.78 -47.99 19.90
C PHE D 130 -3.74 -48.54 20.86
N ARG D 131 -3.19 -49.73 20.59
CA ARG D 131 -2.21 -50.33 21.48
C ARG D 131 -1.22 -49.29 22.00
N LYS D 132 -0.35 -48.81 21.11
CA LYS D 132 0.71 -47.89 21.51
C LYS D 132 0.66 -46.56 20.75
N THR D 133 -0.53 -45.97 20.68
CA THR D 133 -0.75 -44.83 19.80
C THR D 133 -2.17 -44.31 19.98
N ALA D 134 -2.29 -43.00 20.13
CA ALA D 134 -3.62 -42.39 20.32
C ALA D 134 -3.79 -41.12 19.51
N VAL D 135 -5.03 -40.86 19.09
CA VAL D 135 -5.30 -39.72 18.20
C VAL D 135 -6.33 -38.72 18.74
N SER D 136 -5.91 -37.46 18.87
CA SER D 136 -6.79 -36.39 19.37
C SER D 136 -6.94 -35.26 18.35
N PHE D 137 -7.82 -34.31 18.65
CA PHE D 137 -8.17 -33.28 17.68
C PHE D 137 -8.30 -31.89 18.28
N PHE D 138 -8.06 -30.88 17.44
CA PHE D 138 -8.23 -29.49 17.82
C PHE D 138 -8.75 -28.68 16.63
N ARG D 139 -9.73 -27.83 16.89
CA ARG D 139 -10.40 -27.09 15.82
C ARG D 139 -9.52 -25.97 15.24
N THR D 140 -9.51 -25.87 13.91
CA THR D 140 -8.81 -24.79 13.18
C THR D 140 -9.76 -23.99 12.28
N THR D 141 -9.24 -22.95 11.62
CA THR D 141 -10.03 -22.21 10.65
C THR D 141 -9.43 -22.35 9.26
N HIS D 142 -10.29 -22.48 8.25
CA HIS D 142 -9.87 -22.73 6.87
C HIS D 142 -11.02 -22.31 5.94
N SER D 143 -10.88 -22.49 4.62
CA SER D 143 -11.89 -22.04 3.68
C SER D 143 -13.09 -22.98 3.55
N ILE D 144 -13.21 -23.91 4.51
CA ILE D 144 -14.34 -24.84 4.61
C ILE D 144 -14.67 -25.10 6.07
N PRO D 145 -15.95 -25.36 6.36
CA PRO D 145 -16.29 -25.53 7.76
C PRO D 145 -15.74 -26.82 8.36
N ASP D 146 -15.73 -26.84 9.69
CA ASP D 146 -15.55 -28.06 10.45
C ASP D 146 -14.16 -28.68 10.22
N SER D 147 -13.12 -27.86 10.28
CA SER D 147 -11.77 -28.35 10.03
C SER D 147 -10.99 -28.59 11.31
N TYR D 148 -10.31 -29.73 11.36
CA TYR D 148 -9.51 -30.10 12.52
C TYR D 148 -8.03 -30.22 12.18
N GLY D 149 -7.21 -29.98 13.20
CA GLY D 149 -5.82 -30.40 13.17
C GLY D 149 -5.77 -31.68 13.97
N ILE D 150 -4.62 -32.35 13.99
CA ILE D 150 -4.53 -33.67 14.60
C ILE D 150 -3.28 -33.84 15.46
N VAL D 151 -3.44 -34.50 16.60
CA VAL D 151 -2.31 -34.87 17.43
C VAL D 151 -2.22 -36.40 17.55
N VAL D 152 -1.17 -36.98 17.00
CA VAL D 152 -0.94 -38.42 17.11
C VAL D 152 0.09 -38.68 18.21
N LYS D 153 -0.38 -39.21 19.33
CA LYS D 153 0.51 -39.55 20.45
C LYS D 153 1.17 -40.91 20.24
N THR D 154 2.49 -40.93 20.39
CA THR D 154 3.26 -42.15 20.29
C THR D 154 4.28 -42.10 21.42
N PRO D 155 4.76 -43.27 21.87
CA PRO D 155 5.79 -43.34 22.91
C PRO D 155 6.93 -42.34 22.73
N PRO D 156 7.66 -42.36 21.60
CA PRO D 156 8.83 -41.49 21.45
C PRO D 156 8.51 -39.97 21.52
N GLY D 157 7.21 -39.62 21.49
CA GLY D 157 6.80 -38.23 21.54
C GLY D 157 5.53 -37.97 20.73
N ASN D 158 5.05 -36.72 20.74
CA ASN D 158 3.81 -36.37 20.05
C ASN D 158 3.99 -35.68 18.70
N ILE D 159 3.22 -36.13 17.72
CA ILE D 159 3.26 -35.55 16.38
C ILE D 159 2.04 -34.69 16.13
N VAL D 160 2.25 -33.49 15.58
CA VAL D 160 1.12 -32.61 15.32
C VAL D 160 0.95 -32.29 13.84
N HIS D 161 -0.27 -32.42 13.35
CA HIS D 161 -0.62 -32.10 11.97
C HIS D 161 -1.64 -30.92 11.98
N THR D 162 -1.28 -29.80 11.35
CA THR D 162 -2.10 -28.58 11.39
C THR D 162 -3.35 -28.65 10.54
N GLY D 163 -3.46 -29.68 9.72
CA GLY D 163 -4.46 -29.68 8.69
C GLY D 163 -4.13 -28.48 7.85
N ASP D 164 -5.13 -27.93 7.18
CA ASP D 164 -4.97 -26.67 6.48
C ASP D 164 -5.51 -25.60 7.41
N PHE D 165 -4.80 -24.49 7.56
CA PHE D 165 -5.21 -23.49 8.53
C PHE D 165 -4.84 -22.06 8.18
N LYS D 166 -5.67 -21.16 8.67
CA LYS D 166 -5.34 -19.76 8.79
C LYS D 166 -5.71 -19.37 10.22
N PHE D 167 -5.54 -18.09 10.56
CA PHE D 167 -6.12 -17.58 11.79
C PHE D 167 -7.14 -16.50 11.49
N ASP D 168 -8.29 -16.60 12.14
CA ASP D 168 -9.36 -15.65 11.96
C ASP D 168 -9.96 -15.45 13.33
N PHE D 169 -9.85 -14.23 13.85
CA PHE D 169 -10.28 -13.94 15.22
C PHE D 169 -11.73 -13.48 15.23
N THR D 170 -12.29 -13.35 14.04
CA THR D 170 -13.69 -13.01 13.88
C THR D 170 -14.31 -13.91 12.81
N PRO D 171 -14.30 -15.23 13.04
CA PRO D 171 -14.68 -16.18 12.01
C PRO D 171 -16.20 -16.26 11.89
N VAL D 172 -16.68 -16.85 10.80
CA VAL D 172 -18.11 -17.10 10.64
C VAL D 172 -18.52 -18.33 11.45
N GLY D 173 -17.65 -19.35 11.47
CA GLY D 173 -17.90 -20.58 12.20
C GLY D 173 -17.40 -20.59 13.63
N GLU D 174 -17.14 -21.79 14.15
CA GLU D 174 -16.56 -21.95 15.49
C GLU D 174 -15.08 -21.54 15.48
N PRO D 175 -14.70 -20.70 16.45
CA PRO D 175 -13.36 -20.13 16.51
C PRO D 175 -12.33 -21.20 16.76
N ALA D 176 -11.20 -21.07 16.08
CA ALA D 176 -10.08 -22.00 16.26
C ALA D 176 -9.73 -22.12 17.73
N ASN D 177 -9.44 -23.34 18.18
CA ASN D 177 -9.18 -23.58 19.59
C ASN D 177 -7.74 -23.24 20.01
N LEU D 178 -7.48 -21.95 20.24
CA LEU D 178 -6.13 -21.50 20.59
C LEU D 178 -5.70 -22.01 21.94
N THR D 179 -6.64 -22.05 22.87
CA THR D 179 -6.35 -22.57 24.19
C THR D 179 -5.75 -23.97 24.07
N LYS D 180 -6.43 -24.82 23.30
CA LYS D 180 -6.03 -26.21 23.14
C LYS D 180 -4.72 -26.37 22.38
N MET D 181 -4.46 -25.49 21.42
CA MET D 181 -3.19 -25.53 20.72
C MET D 181 -2.07 -25.23 21.70
N ALA D 182 -2.29 -24.25 22.56
CA ALA D 182 -1.27 -23.84 23.52
C ALA D 182 -0.94 -24.97 24.47
N GLU D 183 -1.99 -25.62 24.98
CA GLU D 183 -1.84 -26.82 25.82
C GLU D 183 -1.01 -27.89 25.14
N ILE D 184 -1.33 -28.18 23.87
CA ILE D 184 -0.65 -29.21 23.10
C ILE D 184 0.87 -28.99 23.05
N GLY D 185 1.26 -27.72 22.92
CA GLY D 185 2.67 -27.36 22.87
C GLY D 185 3.32 -27.54 24.23
N LYS D 186 2.56 -27.20 25.29
CA LYS D 186 3.03 -27.31 26.67
C LYS D 186 3.30 -28.77 27.02
N GLU D 187 2.31 -29.61 26.71
CA GLU D 187 2.39 -31.06 26.89
C GLU D 187 3.61 -31.68 26.22
N GLY D 188 4.19 -30.96 25.26
CA GLY D 188 5.36 -31.42 24.55
C GLY D 188 5.02 -31.92 23.16
N VAL D 189 5.81 -31.49 22.18
CA VAL D 189 5.61 -31.90 20.80
C VAL D 189 6.90 -32.30 20.09
N LEU D 190 6.96 -33.56 19.68
CA LEU D 190 8.13 -34.09 19.00
C LEU D 190 8.33 -33.48 17.62
N CYS D 191 7.26 -33.45 16.83
CA CYS D 191 7.35 -32.89 15.48
C CYS D 191 6.04 -32.26 15.00
N LEU D 192 6.18 -31.18 14.23
CA LEU D 192 5.03 -30.47 13.68
C LEU D 192 4.99 -30.55 12.15
N LEU D 193 3.86 -30.96 11.61
CA LEU D 193 3.63 -30.89 10.17
C LEU D 193 2.70 -29.71 9.92
N SER D 194 3.22 -28.63 9.33
CA SER D 194 2.45 -27.40 9.23
C SER D 194 2.20 -27.02 7.77
N ASP D 195 1.01 -26.49 7.53
CA ASP D 195 0.56 -26.07 6.20
C ASP D 195 1.42 -24.95 5.63
N SER D 196 2.11 -25.20 4.51
CA SER D 196 3.04 -24.24 3.94
C SER D 196 2.48 -23.35 2.84
N THR D 197 1.22 -23.53 2.49
CA THR D 197 0.80 -23.06 1.18
C THR D 197 0.95 -21.57 0.97
N ASN D 198 0.71 -20.77 2.00
CA ASN D 198 0.70 -19.31 1.82
C ASN D 198 1.92 -18.63 2.44
N SER D 199 3.00 -19.38 2.58
CA SER D 199 4.13 -18.93 3.37
C SER D 199 4.94 -17.86 2.67
N GLU D 200 4.69 -17.59 1.40
CA GLU D 200 5.40 -16.52 0.71
C GLU D 200 4.76 -15.14 0.96
N ASN D 201 3.59 -15.12 1.60
CA ASN D 201 2.87 -13.86 1.84
C ASN D 201 3.01 -13.43 3.30
N PRO D 202 3.58 -12.25 3.52
CA PRO D 202 3.92 -11.67 4.82
C PRO D 202 2.72 -11.15 5.55
N GLU D 203 1.65 -10.87 4.82
CA GLU D 203 0.51 -10.16 5.33
C GLU D 203 -0.34 -11.07 6.20
N PHE D 204 -1.20 -10.44 7.01
CA PHE D 204 -2.13 -11.20 7.83
C PHE D 204 -3.44 -11.38 7.04
N THR D 205 -3.96 -12.60 7.04
CA THR D 205 -5.12 -12.96 6.23
C THR D 205 -6.36 -12.19 6.63
N MET D 206 -7.02 -11.58 5.64
CA MET D 206 -8.25 -10.87 5.91
C MET D 206 -9.31 -11.83 6.44
N SER D 207 -10.16 -11.38 7.36
CA SER D 207 -11.14 -12.25 8.01
C SER D 207 -12.33 -12.44 7.13
N GLU D 208 -12.99 -13.58 7.23
CA GLU D 208 -14.22 -13.78 6.46
C GLU D 208 -15.27 -12.75 6.86
N ARG D 209 -15.25 -12.36 8.13
CA ARG D 209 -16.08 -11.24 8.57
C ARG D 209 -15.98 -10.06 7.60
N ARG D 210 -14.77 -9.72 7.16
CA ARG D 210 -14.61 -8.59 6.24
C ARG D 210 -15.19 -8.82 4.86
N VAL D 211 -15.15 -10.05 4.35
CA VAL D 211 -15.73 -10.29 3.03
C VAL D 211 -17.27 -10.27 3.13
N GLY D 212 -17.80 -10.87 4.18
CA GLY D 212 -19.22 -10.75 4.48
C GLY D 212 -19.69 -9.31 4.43
N GLU D 213 -19.02 -8.43 5.16
CA GLU D 213 -19.29 -7.00 5.07
C GLU D 213 -19.29 -6.51 3.61
N SER D 214 -18.32 -6.96 2.82
CA SER D 214 -18.20 -6.51 1.44
C SER D 214 -19.32 -7.04 0.58
N ILE D 215 -19.79 -8.23 0.90
CA ILE D 215 -20.93 -8.84 0.22
C ILE D 215 -22.20 -8.03 0.49
N HIS D 216 -22.50 -7.78 1.76
CA HIS D 216 -23.65 -6.99 2.13
C HIS D 216 -23.63 -5.62 1.48
N ASP D 217 -22.44 -5.05 1.34
CA ASP D 217 -22.31 -3.73 0.73
C ASP D 217 -22.71 -3.76 -0.74
N ILE D 218 -22.32 -4.82 -1.44
CA ILE D 218 -22.69 -4.96 -2.83
C ILE D 218 -24.20 -5.06 -2.96
N PHE D 219 -24.81 -5.83 -2.06
CA PHE D 219 -26.24 -6.06 -2.10
C PHE D 219 -27.08 -4.80 -1.86
N ARG D 220 -26.50 -3.79 -1.22
CA ARG D 220 -27.19 -2.52 -1.04
C ARG D 220 -27.03 -1.60 -2.26
N LYS D 221 -25.91 -1.71 -2.96
CA LYS D 221 -25.59 -0.74 -4.00
C LYS D 221 -26.13 -1.11 -5.39
N VAL D 222 -26.23 -2.40 -5.66
CA VAL D 222 -26.56 -2.89 -6.98
C VAL D 222 -28.05 -2.70 -7.32
N ASP D 223 -28.32 -2.08 -8.47
CA ASP D 223 -29.69 -1.79 -8.92
C ASP D 223 -30.36 -2.95 -9.64
N GLY D 224 -29.57 -3.85 -10.20
CA GLY D 224 -30.07 -4.94 -11.03
C GLY D 224 -29.86 -6.34 -10.50
N ARG D 225 -29.75 -7.30 -11.41
CA ARG D 225 -29.55 -8.67 -11.01
C ARG D 225 -28.16 -8.85 -10.46
N ILE D 226 -28.01 -9.73 -9.47
CA ILE D 226 -26.70 -10.10 -8.95
C ILE D 226 -26.37 -11.54 -9.33
N ILE D 227 -25.35 -11.74 -10.15
CA ILE D 227 -24.84 -13.08 -10.43
C ILE D 227 -23.58 -13.30 -9.60
N PHE D 228 -23.63 -14.23 -8.66
CA PHE D 228 -22.59 -14.35 -7.64
C PHE D 228 -21.84 -15.69 -7.75
N ALA D 229 -20.63 -15.65 -8.29
CA ALA D 229 -19.84 -16.85 -8.53
C ALA D 229 -18.80 -17.08 -7.43
N THR D 230 -18.79 -18.28 -6.84
CA THR D 230 -17.89 -18.59 -5.75
C THR D 230 -17.64 -20.10 -5.70
N PHE D 231 -17.01 -20.57 -4.63
CA PHE D 231 -16.63 -21.97 -4.55
C PHE D 231 -17.65 -22.68 -3.73
N ALA D 232 -18.31 -23.65 -4.35
CA ALA D 232 -19.39 -24.38 -3.69
C ALA D 232 -18.97 -24.90 -2.31
N SER D 233 -17.69 -25.23 -2.14
CA SER D 233 -17.22 -25.86 -0.92
C SER D 233 -17.06 -24.92 0.25
N ASN D 234 -17.27 -23.63 0.02
CA ASN D 234 -17.16 -22.64 1.07
C ASN D 234 -18.51 -22.37 1.76
N ILE D 235 -19.01 -23.34 2.51
CA ILE D 235 -20.38 -23.26 3.03
C ILE D 235 -20.65 -21.92 3.70
N HIS D 236 -19.70 -21.46 4.50
CA HIS D 236 -19.87 -20.22 5.25
C HIS D 236 -20.01 -18.99 4.35
N ARG D 237 -19.30 -18.99 3.23
CA ARG D 237 -19.38 -17.87 2.33
C ARG D 237 -20.77 -17.91 1.71
N LEU D 238 -21.26 -19.11 1.42
CA LEU D 238 -22.59 -19.27 0.85
C LEU D 238 -23.63 -18.72 1.82
N GLN D 239 -23.44 -18.99 3.11
CA GLN D 239 -24.28 -18.42 4.18
C GLN D 239 -24.30 -16.88 4.12
N GLN D 240 -23.13 -16.26 4.01
CA GLN D 240 -23.07 -14.81 3.94
C GLN D 240 -23.80 -14.26 2.73
N VAL D 241 -23.72 -14.96 1.61
CA VAL D 241 -24.41 -14.54 0.40
C VAL D 241 -25.92 -14.59 0.55
N ILE D 242 -26.41 -15.72 1.06
CA ILE D 242 -27.82 -15.88 1.33
C ILE D 242 -28.35 -14.77 2.23
N GLU D 243 -27.74 -14.61 3.41
CA GLU D 243 -28.10 -13.53 4.33
C GLU D 243 -28.21 -12.18 3.63
N ALA D 244 -27.19 -11.81 2.88
CA ALA D 244 -27.22 -10.56 2.16
C ALA D 244 -28.46 -10.51 1.28
N ALA D 245 -28.68 -11.55 0.50
CA ALA D 245 -29.83 -11.62 -0.39
C ALA D 245 -31.13 -11.42 0.38
N VAL D 246 -31.35 -12.24 1.39
CA VAL D 246 -32.55 -12.19 2.22
C VAL D 246 -32.73 -10.79 2.81
N GLN D 247 -31.70 -10.34 3.51
CA GLN D 247 -31.73 -9.07 4.19
C GLN D 247 -31.86 -7.91 3.22
N ASN D 248 -31.99 -8.20 1.93
CA ASN D 248 -32.23 -7.17 0.94
C ASN D 248 -33.43 -7.49 0.06
N GLY D 249 -34.32 -8.31 0.60
CA GLY D 249 -35.51 -8.70 -0.13
C GLY D 249 -35.18 -9.25 -1.50
N ARG D 250 -34.24 -10.18 -1.54
CA ARG D 250 -33.86 -10.83 -2.79
C ARG D 250 -34.11 -12.33 -2.65
N LYS D 251 -34.36 -12.97 -3.80
CA LYS D 251 -34.57 -14.40 -3.83
C LYS D 251 -33.33 -15.04 -4.44
N VAL D 252 -33.06 -16.29 -4.07
CA VAL D 252 -31.83 -16.95 -4.51
C VAL D 252 -32.05 -18.14 -5.45
N ALA D 253 -31.57 -18.04 -6.67
CA ALA D 253 -31.58 -19.15 -7.63
C ALA D 253 -30.19 -19.83 -7.65
N VAL D 254 -30.16 -21.14 -7.53
CA VAL D 254 -28.89 -21.89 -7.47
C VAL D 254 -28.56 -22.64 -8.75
N PHE D 255 -27.31 -22.51 -9.21
CA PHE D 255 -26.88 -23.10 -10.48
C PHE D 255 -25.57 -23.91 -10.37
N GLY D 256 -25.68 -25.22 -10.55
CA GLY D 256 -24.53 -26.09 -10.49
C GLY D 256 -24.77 -27.26 -9.57
N ARG D 257 -24.41 -28.47 -9.99
CA ARG D 257 -24.70 -29.62 -9.15
C ARG D 257 -23.94 -29.52 -7.83
N SER D 258 -22.70 -29.04 -7.89
CA SER D 258 -21.89 -28.93 -6.69
C SER D 258 -22.42 -27.81 -5.77
N MET D 259 -23.00 -26.77 -6.37
CA MET D 259 -23.56 -25.68 -5.59
C MET D 259 -24.82 -26.14 -4.86
N GLU D 260 -25.75 -26.72 -5.59
CA GLU D 260 -26.92 -27.33 -4.97
C GLU D 260 -26.49 -28.33 -3.90
N SER D 261 -25.55 -29.19 -4.26
CA SER D 261 -25.10 -30.24 -3.37
C SER D 261 -24.54 -29.67 -2.07
N ALA D 262 -23.85 -28.54 -2.16
CA ALA D 262 -23.17 -27.94 -1.00
C ALA D 262 -24.16 -27.24 -0.07
N ILE D 263 -25.11 -26.53 -0.69
CA ILE D 263 -26.20 -25.89 0.01
C ILE D 263 -27.07 -26.91 0.74
N GLU D 264 -27.42 -27.99 0.05
CA GLU D 264 -28.20 -29.05 0.67
C GLU D 264 -27.54 -29.59 1.94
N ILE D 265 -26.27 -29.95 1.83
CA ILE D 265 -25.55 -30.50 2.98
C ILE D 265 -25.24 -29.42 4.02
N GLY D 266 -25.06 -28.19 3.55
CA GLY D 266 -24.91 -27.06 4.44
C GLY D 266 -26.17 -26.79 5.23
N GLN D 267 -27.32 -26.95 4.56
CA GLN D 267 -28.63 -26.77 5.20
C GLN D 267 -28.87 -27.80 6.31
N THR D 268 -28.91 -29.08 5.94
CA THR D 268 -28.87 -30.13 6.94
C THR D 268 -27.54 -29.88 7.61
N LEU D 269 -27.32 -30.35 8.83
CA LEU D 269 -25.96 -30.18 9.40
C LEU D 269 -25.72 -28.79 10.03
N GLY D 270 -26.43 -27.79 9.52
CA GLY D 270 -26.67 -26.57 10.28
C GLY D 270 -25.86 -25.33 10.00
N TYR D 271 -25.15 -25.33 8.88
CA TYR D 271 -24.29 -24.22 8.54
C TYR D 271 -25.05 -23.19 7.73
N ILE D 272 -26.20 -23.58 7.20
CA ILE D 272 -27.01 -22.70 6.39
C ILE D 272 -28.45 -22.66 6.87
N ASN D 273 -28.92 -21.46 7.20
CA ASN D 273 -30.28 -21.27 7.65
C ASN D 273 -30.90 -20.09 6.93
N CYS D 274 -32.09 -20.31 6.38
CA CYS D 274 -32.78 -19.32 5.55
C CYS D 274 -34.28 -19.55 5.67
N PRO D 275 -35.06 -18.47 5.47
CA PRO D 275 -36.51 -18.53 5.60
C PRO D 275 -37.23 -19.08 4.37
N LYS D 276 -38.38 -19.71 4.60
CA LYS D 276 -39.42 -19.98 3.61
C LYS D 276 -39.06 -19.85 2.14
N ASN D 277 -39.70 -18.88 1.48
CA ASN D 277 -39.50 -18.62 0.06
C ASN D 277 -38.38 -17.62 -0.19
N THR D 278 -37.16 -18.01 0.17
CA THR D 278 -35.95 -17.32 -0.27
C THR D 278 -35.41 -18.02 -1.51
N PHE D 279 -35.44 -19.35 -1.52
CA PHE D 279 -35.01 -20.10 -2.70
C PHE D 279 -36.06 -20.19 -3.82
N ILE D 280 -35.59 -20.19 -5.05
CA ILE D 280 -36.42 -20.03 -6.22
C ILE D 280 -36.06 -21.07 -7.29
N GLU D 281 -37.02 -21.41 -8.14
CA GLU D 281 -36.79 -22.38 -9.20
C GLU D 281 -36.33 -21.68 -10.47
N HIS D 282 -35.58 -22.41 -11.30
CA HIS D 282 -34.95 -21.80 -12.48
C HIS D 282 -35.90 -21.03 -13.39
N ASN D 283 -37.09 -21.58 -13.62
CA ASN D 283 -38.10 -20.90 -14.45
C ASN D 283 -38.62 -19.59 -13.85
N GLU D 284 -38.66 -19.51 -12.52
CA GLU D 284 -39.22 -18.37 -11.80
C GLU D 284 -38.42 -17.07 -11.98
N ILE D 285 -37.17 -17.18 -12.38
CA ILE D 285 -36.32 -16.01 -12.48
C ILE D 285 -36.89 -14.93 -13.38
N ASN D 286 -37.01 -15.22 -14.68
CA ASN D 286 -37.38 -14.22 -15.69
C ASN D 286 -38.61 -13.39 -15.32
N ARG D 287 -39.45 -13.95 -14.45
CA ARG D 287 -40.67 -13.29 -14.00
C ARG D 287 -40.36 -12.05 -13.17
N MET D 288 -39.71 -12.24 -12.02
CA MET D 288 -39.49 -11.16 -11.05
C MET D 288 -38.54 -10.05 -11.51
N PRO D 289 -38.55 -8.90 -10.80
CA PRO D 289 -37.82 -7.72 -11.22
C PRO D 289 -36.34 -7.90 -10.96
N ALA D 290 -35.51 -7.25 -11.77
CA ALA D 290 -34.07 -7.38 -11.67
C ALA D 290 -33.62 -7.42 -10.22
N ASN D 291 -33.87 -6.34 -9.51
CA ASN D 291 -33.33 -6.15 -8.18
C ASN D 291 -33.89 -7.04 -7.08
N LYS D 292 -34.44 -8.19 -7.45
CA LYS D 292 -34.93 -9.12 -6.45
C LYS D 292 -34.40 -10.52 -6.77
N VAL D 293 -33.68 -10.60 -7.89
CA VAL D 293 -33.03 -11.82 -8.33
C VAL D 293 -31.60 -11.84 -7.86
N THR D 294 -31.23 -12.93 -7.21
CA THR D 294 -29.84 -13.23 -6.98
C THR D 294 -29.55 -14.65 -7.44
N ILE D 295 -28.74 -14.78 -8.50
CA ILE D 295 -28.29 -16.09 -9.02
C ILE D 295 -26.95 -16.48 -8.41
N LEU D 296 -26.92 -17.63 -7.77
CA LEU D 296 -25.71 -18.05 -7.05
C LEU D 296 -25.10 -19.29 -7.70
N CYS D 297 -24.06 -19.11 -8.53
CA CYS D 297 -23.54 -20.21 -9.34
C CYS D 297 -22.05 -20.53 -9.15
N THR D 298 -21.59 -21.48 -9.95
CA THR D 298 -20.20 -21.91 -9.98
C THR D 298 -19.56 -21.33 -11.24
N GLY D 299 -18.25 -21.53 -11.39
CA GLY D 299 -17.57 -21.15 -12.63
C GLY D 299 -16.78 -19.87 -12.49
N SER D 300 -16.28 -19.64 -11.27
CA SER D 300 -15.48 -18.49 -10.95
C SER D 300 -14.05 -18.66 -11.45
N GLN D 301 -13.75 -19.85 -11.98
CA GLN D 301 -12.41 -20.15 -12.48
C GLN D 301 -12.41 -20.29 -13.98
N GLY D 302 -13.51 -19.86 -14.61
CA GLY D 302 -13.61 -19.87 -16.06
C GLY D 302 -13.79 -21.25 -16.71
N GLU D 303 -13.91 -22.29 -15.88
CA GLU D 303 -14.08 -23.65 -16.40
C GLU D 303 -15.25 -23.62 -17.34
N PRO D 304 -15.05 -24.07 -18.57
CA PRO D 304 -15.95 -23.69 -19.68
C PRO D 304 -17.28 -24.46 -19.68
N MET D 305 -17.34 -25.55 -18.91
CA MET D 305 -18.58 -26.32 -18.77
C MET D 305 -19.46 -25.77 -17.64
N ALA D 306 -18.85 -24.98 -16.76
CA ALA D 306 -19.53 -24.49 -15.57
C ALA D 306 -20.57 -23.43 -15.87
N ALA D 307 -21.40 -23.15 -14.87
CA ALA D 307 -22.55 -22.28 -15.04
C ALA D 307 -22.23 -20.90 -15.63
N LEU D 308 -21.32 -20.15 -14.98
CA LEU D 308 -21.03 -18.76 -15.36
C LEU D 308 -20.49 -18.63 -16.79
N SER D 309 -19.68 -19.61 -17.18
CA SER D 309 -19.03 -19.55 -18.48
C SER D 309 -20.03 -19.71 -19.60
N ARG D 310 -20.99 -20.61 -19.43
CA ARG D 310 -22.05 -20.80 -20.41
C ARG D 310 -22.92 -19.54 -20.50
N ILE D 311 -23.24 -18.97 -19.35
CA ILE D 311 -24.05 -17.76 -19.29
C ILE D 311 -23.45 -16.63 -20.11
N ALA D 312 -22.13 -16.50 -20.09
CA ALA D 312 -21.47 -15.43 -20.81
C ALA D 312 -21.15 -15.92 -22.21
N ASN D 313 -20.48 -17.06 -22.28
CA ASN D 313 -19.94 -17.61 -23.52
C ASN D 313 -21.06 -18.18 -24.32
N GLY D 314 -21.59 -17.36 -25.22
CA GLY D 314 -22.76 -17.75 -25.99
C GLY D 314 -23.89 -17.98 -25.03
N THR D 315 -24.58 -19.10 -25.13
CA THR D 315 -25.73 -19.26 -24.27
C THR D 315 -25.78 -20.55 -23.45
N HIS D 316 -26.53 -20.38 -22.38
CA HIS D 316 -26.90 -21.33 -21.33
C HIS D 316 -28.40 -21.43 -21.55
N ARG D 317 -29.07 -22.34 -20.85
CA ARG D 317 -30.51 -22.55 -21.09
C ARG D 317 -31.42 -21.40 -20.63
N GLN D 318 -31.48 -21.22 -19.30
CA GLN D 318 -32.44 -20.34 -18.66
C GLN D 318 -31.92 -18.91 -18.48
N ILE D 319 -30.61 -18.74 -18.49
CA ILE D 319 -30.04 -17.44 -18.16
C ILE D 319 -29.18 -16.79 -19.25
N SER D 320 -29.49 -15.54 -19.52
CA SER D 320 -28.71 -14.73 -20.44
C SER D 320 -28.30 -13.43 -19.75
N ILE D 321 -27.26 -12.79 -20.25
CA ILE D 321 -26.83 -11.54 -19.64
C ILE D 321 -27.67 -10.38 -20.17
N ASN D 322 -28.41 -9.72 -19.28
CA ASN D 322 -29.11 -8.50 -19.65
C ASN D 322 -28.28 -7.33 -19.18
N PRO D 323 -28.11 -6.30 -20.04
CA PRO D 323 -27.42 -5.09 -19.59
C PRO D 323 -27.88 -4.65 -18.20
N GLY D 324 -26.93 -4.28 -17.33
CA GLY D 324 -27.22 -3.90 -15.96
C GLY D 324 -26.90 -4.98 -14.94
N ASP D 325 -26.72 -6.21 -15.44
CA ASP D 325 -26.39 -7.36 -14.59
C ASP D 325 -25.06 -7.11 -13.95
N THR D 326 -24.92 -7.53 -12.71
CA THR D 326 -23.65 -7.43 -12.02
C THR D 326 -23.16 -8.82 -11.67
N VAL D 327 -22.00 -9.21 -12.22
CA VAL D 327 -21.40 -10.49 -11.85
C VAL D 327 -20.26 -10.28 -10.84
N VAL D 328 -20.21 -11.14 -9.83
CA VAL D 328 -19.22 -11.03 -8.77
C VAL D 328 -18.33 -12.27 -8.70
N PHE D 329 -17.03 -12.10 -8.91
CA PHE D 329 -16.10 -13.21 -8.73
C PHE D 329 -15.56 -13.28 -7.30
N SER D 330 -16.29 -13.94 -6.41
CA SER D 330 -15.90 -14.06 -5.01
C SER D 330 -14.92 -15.23 -4.92
N SER D 331 -13.79 -15.05 -5.60
CA SER D 331 -12.78 -16.08 -5.72
C SER D 331 -11.49 -15.38 -6.08
N SER D 332 -10.41 -16.14 -6.14
CA SER D 332 -9.21 -15.67 -6.80
C SER D 332 -8.72 -16.77 -7.73
N PRO D 333 -8.21 -16.38 -8.90
CA PRO D 333 -7.81 -17.37 -9.91
C PRO D 333 -6.67 -18.25 -9.42
N ILE D 334 -6.96 -19.54 -9.35
CA ILE D 334 -5.95 -20.55 -9.15
C ILE D 334 -5.01 -20.53 -10.33
N PRO D 335 -3.67 -20.62 -10.07
CA PRO D 335 -2.63 -20.51 -11.08
C PRO D 335 -2.93 -21.31 -12.35
N GLY D 336 -2.85 -20.66 -13.51
CA GLY D 336 -3.10 -21.31 -14.78
C GLY D 336 -4.52 -21.16 -15.27
N ASN D 337 -5.41 -20.76 -14.37
CA ASN D 337 -6.79 -20.46 -14.71
C ASN D 337 -6.99 -18.99 -15.04
N THR D 338 -5.93 -18.23 -14.89
CA THR D 338 -6.01 -16.81 -15.16
C THR D 338 -6.52 -16.51 -16.58
N ILE D 339 -6.08 -17.27 -17.59
CA ILE D 339 -6.57 -17.05 -18.96
C ILE D 339 -8.06 -17.38 -19.12
N SER D 340 -8.49 -18.50 -18.55
CA SER D 340 -9.92 -18.85 -18.51
C SER D 340 -10.77 -17.71 -17.95
N VAL D 341 -10.46 -17.30 -16.73
CA VAL D 341 -11.17 -16.21 -16.09
C VAL D 341 -11.18 -14.94 -16.94
N SER D 342 -10.07 -14.60 -17.58
CA SER D 342 -10.03 -13.39 -18.40
C SER D 342 -11.05 -13.49 -19.52
N ARG D 343 -11.16 -14.66 -20.14
CA ARG D 343 -12.05 -14.84 -21.28
C ARG D 343 -13.47 -14.59 -20.84
N THR D 344 -13.87 -15.28 -19.77
CA THR D 344 -15.19 -15.10 -19.21
C THR D 344 -15.50 -13.61 -18.95
N ILE D 345 -14.61 -12.94 -18.22
CA ILE D 345 -14.79 -11.51 -17.94
C ILE D 345 -14.94 -10.66 -19.19
N ASN D 346 -14.13 -10.92 -20.21
CA ASN D 346 -14.29 -10.24 -21.49
C ASN D 346 -15.68 -10.43 -22.07
N GLN D 347 -16.17 -11.66 -22.03
CA GLN D 347 -17.48 -11.94 -22.63
C GLN D 347 -18.54 -11.20 -21.85
N LEU D 348 -18.57 -11.42 -20.54
CA LEU D 348 -19.46 -10.68 -19.65
C LEU D 348 -19.50 -9.18 -19.96
N TYR D 349 -18.35 -8.55 -20.09
CA TYR D 349 -18.31 -7.14 -20.43
C TYR D 349 -18.95 -6.90 -21.80
N ARG D 350 -18.64 -7.78 -22.73
CA ARG D 350 -19.09 -7.59 -24.09
C ARG D 350 -20.61 -7.71 -24.11
N ALA D 351 -21.15 -8.53 -23.22
CA ALA D 351 -22.58 -8.80 -23.18
C ALA D 351 -23.31 -7.76 -22.32
N GLY D 352 -22.60 -6.68 -21.98
CA GLY D 352 -23.21 -5.57 -21.28
C GLY D 352 -23.27 -5.66 -19.77
N ALA D 353 -22.64 -6.68 -19.20
CA ALA D 353 -22.64 -6.81 -17.76
C ALA D 353 -21.64 -5.88 -17.08
N GLU D 354 -21.73 -5.86 -15.77
CA GLU D 354 -20.81 -5.14 -14.94
C GLU D 354 -20.15 -6.20 -14.07
N VAL D 355 -18.83 -6.13 -13.95
CA VAL D 355 -18.11 -7.17 -13.23
C VAL D 355 -17.36 -6.63 -12.03
N ILE D 356 -17.49 -7.34 -10.91
CA ILE D 356 -16.73 -7.01 -9.71
C ILE D 356 -15.76 -8.16 -9.45
N HIS D 357 -14.50 -7.95 -9.83
CA HIS D 357 -13.45 -8.95 -9.66
C HIS D 357 -12.21 -8.28 -9.13
N GLY D 358 -11.29 -9.08 -8.60
CA GLY D 358 -10.02 -8.53 -8.15
C GLY D 358 -9.86 -8.36 -6.65
N PRO D 359 -8.73 -7.79 -6.25
CA PRO D 359 -8.34 -7.79 -4.83
C PRO D 359 -8.74 -6.51 -4.13
N LEU D 360 -8.88 -5.41 -4.88
CA LEU D 360 -9.19 -4.10 -4.32
C LEU D 360 -10.60 -4.06 -3.71
N ASN D 361 -11.52 -4.86 -4.26
CA ASN D 361 -12.79 -5.15 -3.59
C ASN D 361 -12.52 -6.30 -2.65
N ASP D 362 -13.10 -6.29 -1.47
CA ASP D 362 -12.64 -7.28 -0.52
C ASP D 362 -13.60 -8.44 -0.48
N ILE D 363 -13.70 -9.16 -1.60
CA ILE D 363 -14.66 -10.26 -1.73
C ILE D 363 -14.07 -11.64 -1.72
N HIS D 364 -12.82 -11.77 -1.28
CA HIS D 364 -12.22 -13.09 -1.13
C HIS D 364 -11.09 -13.05 -0.11
N THR D 365 -10.80 -14.19 0.54
CA THR D 365 -9.55 -14.36 1.28
C THR D 365 -9.04 -15.77 1.10
N SER D 366 -7.76 -15.98 1.41
CA SER D 366 -7.18 -17.30 1.32
C SER D 366 -7.70 -18.16 2.45
N GLY D 367 -7.70 -19.47 2.22
CA GLY D 367 -8.08 -20.37 3.29
C GLY D 367 -6.86 -20.74 4.07
N HIS D 368 -5.71 -20.29 3.57
CA HIS D 368 -4.41 -20.63 4.14
C HIS D 368 -3.73 -19.39 4.70
N GLY D 369 -3.34 -19.48 5.97
CA GLY D 369 -2.64 -18.40 6.64
C GLY D 369 -1.32 -18.00 6.01
N GLY D 370 -0.95 -16.73 6.20
CA GLY D 370 0.32 -16.22 5.77
C GLY D 370 1.35 -16.30 6.87
N GLN D 371 2.48 -15.63 6.67
CA GLN D 371 3.65 -15.78 7.53
C GLN D 371 3.40 -15.52 9.01
N GLU D 372 2.65 -14.48 9.36
CA GLU D 372 2.45 -14.21 10.77
C GLU D 372 1.63 -15.32 11.38
N GLU D 373 0.63 -15.79 10.66
CA GLU D 373 -0.19 -16.88 11.14
C GLU D 373 0.62 -18.16 11.29
N GLN D 374 1.50 -18.41 10.33
CA GLN D 374 2.31 -19.60 10.38
C GLN D 374 3.20 -19.55 11.58
N LYS D 375 3.68 -18.36 11.91
CA LYS D 375 4.58 -18.17 13.04
C LYS D 375 3.83 -18.26 14.37
N LEU D 376 2.57 -17.85 14.38
CA LEU D 376 1.74 -18.00 15.57
C LEU D 376 1.64 -19.49 15.92
N MET D 377 1.51 -20.35 14.90
CA MET D 377 1.43 -21.79 15.11
C MET D 377 2.67 -22.29 15.80
N LEU D 378 3.80 -21.93 15.20
CA LEU D 378 5.09 -22.32 15.67
C LEU D 378 5.32 -21.90 17.11
N ARG D 379 4.70 -20.81 17.55
CA ARG D 379 4.94 -20.34 18.91
C ARG D 379 3.86 -20.79 19.87
N LEU D 380 2.89 -21.53 19.36
CA LEU D 380 1.86 -22.14 20.20
C LEU D 380 2.24 -23.58 20.49
N ILE D 381 2.65 -24.29 19.45
CA ILE D 381 3.32 -25.61 19.59
C ILE D 381 4.81 -25.40 19.87
N LYS D 382 5.45 -26.30 20.58
CA LYS D 382 6.91 -26.19 20.68
C LYS D 382 7.49 -27.36 19.96
N PRO D 383 7.69 -27.23 18.65
CA PRO D 383 8.18 -28.41 17.97
C PRO D 383 9.69 -28.57 18.20
N LYS D 384 10.12 -29.76 18.61
CA LYS D 384 11.54 -30.04 18.67
C LYS D 384 11.97 -29.99 17.22
N PHE D 385 11.17 -30.66 16.39
CA PHE D 385 11.44 -30.76 14.95
C PHE D 385 10.26 -30.31 14.11
N PHE D 386 10.55 -29.95 12.85
CA PHE D 386 9.59 -29.29 11.98
C PHE D 386 9.64 -29.80 10.55
N MET D 387 8.48 -30.15 10.01
CA MET D 387 8.39 -30.63 8.65
C MET D 387 7.30 -29.87 7.91
N PRO D 388 7.71 -29.08 6.91
CA PRO D 388 6.75 -28.28 6.14
C PRO D 388 5.95 -29.21 5.26
N ILE D 389 4.62 -29.04 5.23
CA ILE D 389 3.77 -29.84 4.36
C ILE D 389 2.81 -28.98 3.51
N HIS D 390 2.16 -29.62 2.53
CA HIS D 390 1.12 -28.98 1.73
C HIS D 390 1.62 -27.78 0.93
N GLY D 391 2.67 -27.96 0.13
CA GLY D 391 3.17 -26.87 -0.67
C GLY D 391 4.28 -27.25 -1.63
N GLU D 392 4.48 -26.41 -2.64
CA GLU D 392 5.59 -26.60 -3.58
C GLU D 392 6.92 -26.40 -2.85
N TYR D 393 8.03 -26.72 -3.50
CA TYR D 393 9.32 -26.62 -2.81
C TYR D 393 9.54 -25.25 -2.17
N ARG D 394 9.30 -24.18 -2.92
CA ARG D 394 9.62 -22.84 -2.44
C ARG D 394 8.79 -22.49 -1.22
N MET D 395 7.54 -22.96 -1.20
CA MET D 395 6.67 -22.71 -0.06
C MET D 395 7.21 -23.45 1.15
N GLN D 396 7.72 -24.66 0.95
CA GLN D 396 8.34 -25.38 2.06
C GLN D 396 9.56 -24.61 2.53
N LYS D 397 10.40 -24.17 1.59
CA LYS D 397 11.64 -23.48 1.95
C LYS D 397 11.35 -22.25 2.80
N MET D 398 10.56 -21.34 2.24
CA MET D 398 10.19 -20.13 2.95
C MET D 398 9.60 -20.43 4.32
N HIS D 399 8.82 -21.51 4.42
CA HIS D 399 8.19 -21.87 5.69
C HIS D 399 9.25 -22.21 6.70
N VAL D 400 10.30 -22.87 6.24
CA VAL D 400 11.42 -23.18 7.11
C VAL D 400 12.16 -21.94 7.57
N LYS D 401 12.37 -20.97 6.69
CA LYS D 401 12.97 -19.72 7.14
C LYS D 401 12.13 -19.14 8.27
N LEU D 402 10.80 -19.29 8.19
CA LEU D 402 9.95 -18.80 9.27
C LEU D 402 10.22 -19.51 10.59
N ALA D 403 10.37 -20.83 10.51
CA ALA D 403 10.66 -21.62 11.70
C ALA D 403 12.04 -21.32 12.29
N THR D 404 13.07 -21.21 11.47
CA THR D 404 14.40 -20.89 12.00
C THR D 404 14.34 -19.50 12.65
N ASP D 405 13.67 -18.57 11.99
CA ASP D 405 13.49 -17.22 12.52
C ASP D 405 12.84 -17.25 13.89
N CYS D 406 12.02 -18.27 14.14
CA CYS D 406 11.35 -18.44 15.42
C CYS D 406 12.17 -19.25 16.40
N GLY D 407 13.43 -19.53 16.04
CA GLY D 407 14.38 -20.08 17.00
C GLY D 407 14.69 -21.54 16.84
N ILE D 408 13.85 -22.27 16.12
CA ILE D 408 14.13 -23.69 15.92
C ILE D 408 15.30 -23.88 14.92
N PRO D 409 16.30 -24.68 15.32
CA PRO D 409 17.59 -24.82 14.62
C PRO D 409 17.45 -25.43 13.24
N GLU D 410 18.20 -24.92 12.27
CA GLU D 410 18.05 -25.40 10.91
C GLU D 410 18.22 -26.90 10.76
N GLU D 411 18.99 -27.51 11.66
CA GLU D 411 19.28 -28.95 11.56
C GLU D 411 18.13 -29.79 12.10
N ASN D 412 17.09 -29.12 12.60
CA ASN D 412 15.87 -29.77 13.09
C ASN D 412 14.68 -29.55 12.15
N CYS D 413 14.97 -29.03 10.97
CA CYS D 413 13.96 -28.69 9.98
C CYS D 413 14.23 -29.50 8.73
N PHE D 414 13.20 -30.23 8.29
CA PHE D 414 13.35 -31.21 7.22
C PHE D 414 12.45 -30.95 6.01
N ILE D 415 12.99 -30.28 5.00
CA ILE D 415 12.16 -30.07 3.82
C ILE D 415 12.20 -31.34 2.96
N MET D 416 11.09 -32.07 2.90
CA MET D 416 11.08 -33.38 2.27
C MET D 416 10.29 -33.52 0.96
N ASP D 417 10.49 -34.65 0.31
CA ASP D 417 9.77 -35.00 -0.90
C ASP D 417 8.81 -36.12 -0.59
N ASN D 418 7.84 -36.35 -1.47
CA ASN D 418 6.95 -37.47 -1.27
C ASN D 418 7.77 -38.73 -1.18
N GLY D 419 7.52 -39.51 -0.13
CA GLY D 419 8.19 -40.79 -0.02
C GLY D 419 9.35 -40.87 0.95
N GLU D 420 10.06 -39.76 1.13
CA GLU D 420 11.14 -39.77 2.11
C GLU D 420 10.53 -40.00 3.49
N VAL D 421 11.32 -40.58 4.40
CA VAL D 421 10.84 -40.91 5.75
C VAL D 421 11.65 -40.26 6.87
N LEU D 422 10.94 -39.72 7.86
CA LEU D 422 11.57 -38.96 8.95
C LEU D 422 11.66 -39.80 10.19
N ALA D 423 12.89 -40.12 10.59
CA ALA D 423 13.12 -40.87 11.82
C ALA D 423 13.16 -39.92 13.00
N LEU D 424 12.19 -40.07 13.90
CA LEU D 424 11.99 -39.08 14.95
C LEU D 424 12.14 -39.69 16.34
N LYS D 425 13.07 -39.12 17.11
CA LYS D 425 13.24 -39.53 18.50
C LYS D 425 13.79 -38.33 19.28
N GLY D 426 13.27 -38.12 20.49
CA GLY D 426 13.67 -37.00 21.32
C GLY D 426 15.06 -36.43 21.12
N ASP D 427 16.06 -37.30 21.09
CA ASP D 427 17.45 -36.82 21.02
C ASP D 427 18.03 -36.85 19.61
N GLU D 428 17.29 -37.43 18.67
CA GLU D 428 17.77 -37.50 17.28
C GLU D 428 16.66 -37.60 16.23
N ALA D 429 16.92 -37.02 15.05
CA ALA D 429 15.99 -37.11 13.95
C ALA D 429 16.73 -36.98 12.62
N SER D 430 16.25 -37.70 11.61
CA SER D 430 16.83 -37.56 10.27
C SER D 430 16.00 -38.25 9.20
N VAL D 431 16.22 -37.84 7.95
CA VAL D 431 15.61 -38.53 6.82
C VAL D 431 16.35 -39.85 6.65
N ALA D 432 15.73 -40.93 7.14
CA ALA D 432 16.37 -42.24 7.27
C ALA D 432 16.09 -43.25 6.13
N GLY D 433 15.70 -42.75 4.96
CA GLY D 433 15.38 -43.62 3.84
C GLY D 433 14.01 -43.41 3.21
N LYS D 434 13.81 -44.05 2.06
CA LYS D 434 12.60 -43.86 1.25
C LYS D 434 11.55 -44.94 1.43
N ILE D 435 10.44 -44.77 0.74
CA ILE D 435 9.32 -45.70 0.76
C ILE D 435 8.86 -45.70 -0.68
N PRO D 436 8.17 -46.76 -1.12
CA PRO D 436 7.72 -46.71 -2.51
C PRO D 436 6.66 -45.64 -2.66
N SER D 437 6.88 -44.71 -3.58
CA SER D 437 5.93 -43.64 -3.80
C SER D 437 5.91 -43.22 -5.25
N GLY D 438 4.87 -42.48 -5.63
CA GLY D 438 4.76 -41.94 -6.96
C GLY D 438 3.40 -41.34 -7.22
N SER D 439 3.13 -41.12 -8.49
CA SER D 439 1.82 -40.67 -8.94
C SER D 439 1.17 -41.73 -9.83
N VAL D 440 -0.09 -42.02 -9.58
CA VAL D 440 -0.81 -42.93 -10.44
C VAL D 440 -1.74 -42.01 -11.20
N TYR D 441 -1.68 -42.03 -12.52
CA TYR D 441 -2.65 -41.25 -13.28
C TYR D 441 -3.96 -41.99 -13.37
N ILE D 442 -5.02 -41.24 -13.58
CA ILE D 442 -6.32 -41.81 -13.73
C ILE D 442 -6.94 -41.19 -14.97
N ASP D 443 -7.07 -42.00 -16.02
CA ASP D 443 -7.66 -41.58 -17.28
C ASP D 443 -8.72 -42.61 -17.51
N GLY D 444 -9.96 -42.17 -17.66
CA GLY D 444 -11.05 -43.10 -17.88
C GLY D 444 -11.21 -44.04 -16.71
N SER D 445 -11.38 -45.33 -17.02
CA SER D 445 -11.53 -46.38 -16.01
C SER D 445 -10.18 -46.79 -15.41
N GLY D 446 -9.12 -46.62 -16.18
CA GLY D 446 -7.78 -47.03 -15.78
C GLY D 446 -7.19 -46.33 -14.57
N ILE D 447 -6.80 -47.14 -13.58
CA ILE D 447 -6.15 -46.65 -12.37
C ILE D 447 -4.69 -47.15 -12.31
N GLY D 448 -3.77 -46.43 -12.92
CA GLY D 448 -2.39 -46.87 -12.96
C GLY D 448 -2.13 -47.29 -14.38
N ASP D 449 -3.12 -47.00 -15.22
CA ASP D 449 -3.21 -47.41 -16.61
C ASP D 449 -2.20 -46.72 -17.50
N ILE D 450 -1.98 -45.44 -17.21
CA ILE D 450 -1.22 -44.56 -18.08
C ILE D 450 0.18 -44.30 -17.52
N GLY D 451 1.17 -44.30 -18.42
CA GLY D 451 2.56 -44.15 -18.05
C GLY D 451 3.19 -42.81 -18.40
N ASN D 452 4.50 -42.72 -18.24
CA ASN D 452 5.22 -41.55 -18.71
C ASN D 452 5.48 -41.63 -20.21
N ILE D 453 5.30 -42.82 -20.77
CA ILE D 453 5.59 -43.01 -22.18
C ILE D 453 4.35 -42.57 -22.91
N VAL D 454 3.21 -42.91 -22.32
CA VAL D 454 1.94 -42.56 -22.89
C VAL D 454 1.81 -41.04 -22.94
N LEU D 455 2.19 -40.40 -21.84
CA LEU D 455 2.16 -38.95 -21.78
C LEU D 455 3.04 -38.31 -22.85
N ARG D 456 4.29 -38.75 -23.01
CA ARG D 456 5.12 -38.09 -24.01
C ARG D 456 4.66 -38.40 -25.43
N ASP D 457 4.04 -39.56 -25.63
CA ASP D 457 3.51 -39.87 -26.93
C ASP D 457 2.36 -38.91 -27.27
N ARG D 458 1.52 -38.60 -26.27
CA ARG D 458 0.45 -37.62 -26.44
C ARG D 458 0.97 -36.22 -26.69
N ARG D 459 2.07 -35.87 -26.02
CA ARG D 459 2.75 -34.57 -26.20
C ARG D 459 3.27 -34.38 -27.64
N ILE D 460 4.01 -35.36 -28.15
CA ILE D 460 4.55 -35.33 -29.51
C ILE D 460 3.43 -35.34 -30.53
N LEU D 461 2.45 -36.21 -30.29
CA LEU D 461 1.39 -36.47 -31.25
C LEU D 461 0.53 -35.25 -31.51
N SER D 462 0.34 -34.43 -30.47
CA SER D 462 -0.50 -33.24 -30.54
C SER D 462 0.22 -32.05 -31.14
N GLU D 463 1.51 -31.96 -30.88
CA GLU D 463 2.33 -30.93 -31.46
C GLU D 463 2.54 -31.15 -32.98
N GLU D 464 2.85 -32.38 -33.37
CA GLU D 464 3.50 -32.57 -34.67
C GLU D 464 2.73 -33.41 -35.68
N GLY D 465 1.78 -34.23 -35.23
CA GLY D 465 1.07 -35.17 -36.08
C GLY D 465 1.86 -36.48 -36.16
N LEU D 466 1.37 -37.47 -36.91
CA LEU D 466 2.18 -38.65 -37.17
C LEU D 466 1.99 -39.15 -38.59
N VAL D 467 3.01 -39.82 -39.10
CA VAL D 467 2.82 -40.53 -40.36
C VAL D 467 3.29 -41.96 -40.25
N ILE D 468 2.40 -42.88 -40.59
CA ILE D 468 2.67 -44.31 -40.47
C ILE D 468 3.13 -44.89 -41.81
N VAL D 469 4.27 -45.57 -41.82
CA VAL D 469 4.75 -46.24 -43.02
C VAL D 469 4.65 -47.72 -42.80
N VAL D 470 3.83 -48.38 -43.59
CA VAL D 470 3.61 -49.79 -43.37
C VAL D 470 3.98 -50.61 -44.63
N VAL D 471 4.74 -51.69 -44.42
CA VAL D 471 5.14 -52.58 -45.51
C VAL D 471 4.98 -54.06 -45.17
N SER D 472 4.57 -54.84 -46.17
CA SER D 472 4.58 -56.29 -46.09
C SER D 472 5.77 -56.81 -46.90
N ILE D 473 6.57 -57.66 -46.27
CA ILE D 473 7.78 -58.19 -46.89
C ILE D 473 7.80 -59.67 -46.61
N ASP D 474 8.01 -60.50 -47.62
CA ASP D 474 8.28 -61.89 -47.32
C ASP D 474 9.73 -62.24 -47.58
N MET D 475 10.43 -62.35 -46.45
CA MET D 475 11.88 -62.58 -46.39
C MET D 475 12.15 -64.08 -46.42
N ASP D 476 13.43 -64.42 -46.53
CA ASP D 476 13.83 -65.75 -46.97
C ASP D 476 13.55 -65.79 -48.47
N ASP D 477 12.88 -64.73 -48.93
CA ASP D 477 12.53 -64.51 -50.33
C ASP D 477 13.08 -63.12 -50.70
N PHE D 478 13.35 -62.34 -49.66
CA PHE D 478 13.88 -60.98 -49.77
C PHE D 478 13.16 -60.12 -50.80
N LYS D 479 11.86 -59.85 -50.59
CA LYS D 479 11.13 -58.96 -51.49
C LYS D 479 9.99 -58.22 -50.80
N ILE D 480 9.77 -56.99 -51.26
CA ILE D 480 8.70 -56.16 -50.76
C ILE D 480 7.41 -56.49 -51.48
N SER D 481 6.53 -57.23 -50.82
CA SER D 481 5.31 -57.71 -51.48
C SER D 481 4.08 -56.81 -51.35
N ALA D 482 4.22 -55.70 -50.61
CA ALA D 482 3.15 -54.72 -50.45
C ALA D 482 3.67 -53.43 -49.80
N GLY D 483 3.30 -52.27 -50.36
CA GLY D 483 3.77 -51.02 -49.80
C GLY D 483 4.98 -50.46 -50.54
N PRO D 484 5.63 -49.45 -49.96
CA PRO D 484 5.30 -48.90 -48.64
C PRO D 484 4.10 -47.97 -48.77
N ASP D 485 3.12 -48.12 -47.88
CA ASP D 485 1.99 -47.21 -47.85
C ASP D 485 2.13 -46.20 -46.72
N LEU D 486 1.91 -44.92 -47.04
CA LEU D 486 1.87 -43.86 -46.02
C LEU D 486 0.45 -43.54 -45.65
N ILE D 487 0.17 -43.59 -44.35
CA ILE D 487 -1.09 -43.08 -43.84
C ILE D 487 -0.78 -42.11 -42.70
N SER D 488 -1.34 -40.90 -42.80
CA SER D 488 -1.00 -39.78 -41.90
C SER D 488 -2.22 -39.15 -41.20
N ARG D 489 -2.00 -38.63 -40.00
CA ARG D 489 -3.03 -37.90 -39.25
C ARG D 489 -2.42 -36.73 -38.49
N GLY D 490 -3.08 -35.59 -38.54
CA GLY D 490 -2.61 -34.42 -37.81
C GLY D 490 -1.31 -33.82 -38.34
N PHE D 491 -0.90 -34.27 -39.53
CA PHE D 491 0.30 -33.74 -40.14
C PHE D 491 0.02 -32.79 -41.32
N VAL D 492 -0.95 -33.14 -42.18
CA VAL D 492 -1.35 -32.24 -43.27
C VAL D 492 -2.71 -32.56 -43.88
N ASP D 499 -0.58 -34.67 -52.44
CA ASP D 499 0.52 -34.46 -53.40
C ASP D 499 1.88 -34.65 -52.72
N LEU D 500 2.05 -34.05 -51.55
CA LEU D 500 3.29 -34.18 -50.78
C LEU D 500 3.55 -35.60 -50.32
N ILE D 501 2.58 -36.25 -49.71
CA ILE D 501 2.84 -37.59 -49.20
C ILE D 501 2.91 -38.60 -50.33
N ASN D 502 2.50 -38.20 -51.53
CA ASN D 502 2.66 -39.08 -52.68
C ASN D 502 4.14 -39.16 -53.09
N ASP D 503 4.80 -38.00 -53.18
CA ASP D 503 6.24 -37.92 -53.45
C ASP D 503 7.03 -38.71 -52.40
N ALA D 504 6.58 -38.62 -51.16
CA ALA D 504 7.20 -39.32 -50.05
C ALA D 504 7.00 -40.83 -50.14
N GLN D 505 5.81 -41.24 -50.57
CA GLN D 505 5.49 -42.65 -50.79
C GLN D 505 6.39 -43.26 -51.86
N GLU D 506 6.94 -42.40 -52.71
CA GLU D 506 7.85 -42.83 -53.77
C GLU D 506 9.28 -42.83 -53.26
N LEU D 507 9.68 -41.74 -52.62
CA LEU D 507 11.00 -41.66 -52.02
C LEU D 507 11.28 -42.91 -51.20
N ILE D 508 10.38 -43.24 -50.27
CA ILE D 508 10.54 -44.39 -49.39
C ILE D 508 10.38 -45.74 -50.11
N SER D 509 9.88 -45.72 -51.34
CA SER D 509 9.80 -46.94 -52.13
C SER D 509 11.12 -47.17 -52.87
N ASN D 510 11.47 -46.25 -53.76
CA ASN D 510 12.75 -46.34 -54.47
C ASN D 510 13.89 -46.73 -53.55
N HIS D 511 13.92 -46.10 -52.38
CA HIS D 511 15.01 -46.30 -51.43
C HIS D 511 14.87 -47.64 -50.71
N LEU D 512 13.64 -48.03 -50.42
CA LEU D 512 13.41 -49.26 -49.68
C LEU D 512 13.72 -50.48 -50.55
N GLN D 513 13.69 -50.28 -51.86
CA GLN D 513 14.03 -51.33 -52.83
C GLN D 513 15.55 -51.54 -52.87
N LYS D 514 16.30 -50.44 -52.86
CA LYS D 514 17.77 -50.52 -52.82
C LYS D 514 18.26 -51.15 -51.52
N VAL D 515 17.41 -51.13 -50.49
CA VAL D 515 17.75 -51.68 -49.19
C VAL D 515 17.48 -53.19 -49.12
N MET D 516 16.54 -53.66 -49.93
CA MET D 516 16.24 -55.10 -50.02
C MET D 516 17.28 -55.82 -50.90
N GLU D 517 17.95 -55.07 -51.77
CA GLU D 517 19.10 -55.56 -52.54
C GLU D 517 20.34 -55.73 -51.65
N ARG D 518 20.53 -54.82 -50.71
CA ARG D 518 21.61 -54.92 -49.71
C ARG D 518 21.43 -56.13 -48.78
N LYS D 519 20.23 -56.72 -48.79
CA LYS D 519 19.88 -57.97 -48.09
C LYS D 519 20.33 -58.18 -46.61
N THR D 520 21.59 -57.87 -46.27
CA THR D 520 22.11 -57.95 -44.88
C THR D 520 21.41 -56.92 -44.00
N THR D 521 20.22 -57.29 -43.54
CA THR D 521 19.31 -56.36 -42.90
C THR D 521 18.48 -57.06 -41.83
N GLN D 522 18.83 -56.81 -40.58
CA GLN D 522 17.98 -57.15 -39.43
C GLN D 522 16.82 -56.16 -39.38
N TRP D 523 15.63 -56.66 -39.06
CA TRP D 523 14.39 -55.90 -38.94
C TRP D 523 14.51 -54.45 -38.46
N SER D 524 15.30 -54.23 -37.42
CA SER D 524 15.44 -52.89 -36.86
C SER D 524 16.12 -51.90 -37.81
N GLU D 525 16.96 -52.40 -38.71
CA GLU D 525 17.67 -51.53 -39.66
C GLU D 525 16.74 -50.96 -40.73
N ILE D 526 15.64 -51.66 -41.02
CA ILE D 526 14.68 -51.23 -42.02
C ILE D 526 13.83 -50.07 -41.47
N LYS D 527 13.22 -50.31 -40.31
CA LYS D 527 12.50 -49.26 -39.61
C LYS D 527 13.38 -48.00 -39.58
N ASN D 528 14.63 -48.16 -39.18
CA ASN D 528 15.57 -47.04 -39.14
C ASN D 528 15.85 -46.40 -40.50
N GLU D 529 16.01 -47.23 -41.53
CA GLU D 529 16.27 -46.71 -42.86
C GLU D 529 15.08 -45.93 -43.39
N ILE D 530 13.86 -46.38 -43.03
CA ILE D 530 12.62 -45.66 -43.38
C ILE D 530 12.53 -44.30 -42.68
N THR D 531 12.60 -44.35 -41.34
CA THR D 531 12.58 -43.16 -40.52
C THR D 531 13.69 -42.20 -40.91
N ASP D 532 14.92 -42.71 -40.97
CA ASP D 532 16.10 -41.86 -41.12
C ASP D 532 16.17 -41.15 -42.50
N THR D 533 15.34 -41.57 -43.45
CA THR D 533 15.32 -40.93 -44.78
C THR D 533 14.01 -40.22 -45.13
N LEU D 534 12.92 -40.60 -44.46
CA LEU D 534 11.63 -39.91 -44.59
C LEU D 534 11.62 -38.59 -43.78
N ALA D 535 11.91 -38.69 -42.49
CA ALA D 535 11.96 -37.54 -41.62
C ALA D 535 12.55 -36.26 -42.25
N PRO D 536 13.75 -36.35 -42.82
CA PRO D 536 14.44 -35.16 -43.34
C PRO D 536 13.73 -34.57 -44.57
N PHE D 537 13.03 -35.42 -45.29
CA PHE D 537 12.36 -34.99 -46.50
C PHE D 537 11.12 -34.23 -46.12
N LEU D 538 10.39 -34.76 -45.15
CA LEU D 538 9.24 -34.06 -44.64
C LEU D 538 9.69 -32.73 -44.04
N TYR D 539 10.69 -32.75 -43.16
CA TYR D 539 11.18 -31.49 -42.61
C TYR D 539 11.53 -30.50 -43.72
N GLU D 540 12.15 -30.98 -44.78
CA GLU D 540 12.54 -30.11 -45.87
C GLU D 540 11.33 -29.42 -46.47
N LYS D 541 10.30 -30.20 -46.78
CA LYS D 541 9.09 -29.70 -47.45
C LYS D 541 8.16 -28.94 -46.51
N THR D 542 8.39 -29.08 -45.22
CA THR D 542 7.35 -28.80 -44.25
C THR D 542 7.83 -27.96 -43.06
N LYS D 543 9.13 -28.04 -42.79
CA LYS D 543 9.77 -27.44 -41.62
C LYS D 543 9.14 -27.92 -40.29
N ARG D 544 8.22 -28.89 -40.40
CA ARG D 544 7.63 -29.60 -39.25
C ARG D 544 8.29 -30.96 -39.07
N ARG D 545 7.81 -31.74 -38.11
CA ARG D 545 8.54 -32.92 -37.70
C ARG D 545 7.59 -33.95 -37.09
N PRO D 546 6.77 -34.57 -37.94
CA PRO D 546 5.73 -35.51 -37.51
C PRO D 546 6.37 -36.72 -36.87
N MET D 547 5.65 -37.42 -36.01
CA MET D 547 6.16 -38.65 -35.44
C MET D 547 6.03 -39.64 -36.53
N ILE D 548 7.15 -40.14 -37.00
CA ILE D 548 7.15 -41.07 -38.12
C ILE D 548 7.44 -42.47 -37.58
N LEU D 549 6.52 -43.39 -37.78
CA LEU D 549 6.73 -44.71 -37.21
C LEU D 549 6.37 -45.85 -38.15
N PRO D 550 7.40 -46.61 -38.55
CA PRO D 550 7.28 -47.72 -39.50
C PRO D 550 6.81 -49.01 -38.85
N ILE D 551 5.92 -49.69 -39.54
CA ILE D 551 5.41 -50.97 -39.12
C ILE D 551 5.72 -51.98 -40.21
N ILE D 552 6.37 -53.07 -39.84
CA ILE D 552 6.69 -54.11 -40.80
C ILE D 552 5.90 -55.39 -40.55
N MET D 553 5.35 -55.92 -41.63
CA MET D 553 4.60 -57.18 -41.62
C MET D 553 5.44 -58.22 -42.34
N GLU D 554 5.65 -59.38 -41.71
CA GLU D 554 6.31 -60.50 -42.39
C GLU D 554 5.28 -61.49 -42.95
N VAL D 555 5.30 -61.66 -44.27
CA VAL D 555 4.28 -62.44 -44.95
C VAL D 555 4.92 -63.55 -45.79
ZN ZN E . 2.56 3.25 27.99
ZN ZN F . 5.05 1.75 27.33
CA CA G . 8.58 26.32 34.51
ZN ZN H . -0.41 28.62 -1.65
ZN ZN I . -3.10 27.88 -2.67
CA CA J . -3.80 38.98 20.15
CA CA K . 5.02 -26.95 -34.91
ZN ZN L . 2.40 -4.19 -28.62
ZN ZN M . 5.11 -3.15 -27.98
ZN ZN N . -5.50 -28.47 1.12
ZN ZN O . -8.02 -27.30 2.14
CA CA P . -9.75 -39.13 -21.29
#